data_2SQC
#
_entry.id   2SQC
#
_cell.length_a   118.820
_cell.length_b   118.820
_cell.length_c   276.200
_cell.angle_alpha   90.00
_cell.angle_beta   90.00
_cell.angle_gamma   90.00
#
_symmetry.space_group_name_H-M   'P 43 21 2'
#
loop_
_entity.id
_entity.type
_entity.pdbx_description
1 polymer 'SQUALENE-HOPENE CYCLASE'
2 non-polymer (HYDROXYETHYLOXY)TRI(ETHYLOXY)OCTANE
3 water water
#
_entity_poly.entity_id   1
_entity_poly.type   'polypeptide(L)'
_entity_poly.pdbx_seq_one_letter_code
;MAEQLVEAPAYARTLDRAVEYLLSCQKDEGYWWGPLLSNVTMEAEYVLLCHILDRVDRDRMEKIRRYLLHEQREDGTWAL
YPGGPPDLDTTIEAYVALKYIGMSRDEEPMQKALRFIQSQGGIESSRVFTRMWLALVGEYPWEKVPMVPPEIMFLGKRMP
LNIYEFGSWARATVVALSIVMSRQPVFPLPERARVPELYETDVPPRRRGAKGGGGWIFDALDRALHGYQKLSVHPFRRAA
EIRALDWLLERQAGDGSWGGIQPPWFYALIALKILDMTQHPAFIKGWEGLELYGVELDYGGWMFQASISPVWDTGLAVLA
LRAAGLPADHDRLVKAGEWLLDRQITVPGDWAVKRPNLKPGGFAFQFDNVYYPDVCDTAVVVWALNTLRLPDERRRRDAM
TKGFRWIVGMQSSNGGWGAYDVDNTSDLPNHIPFSDFGEVTDPPSEDVTAHVLECFGSFGYDDAWKVIRRAVEYLKREQK
PDGSWFGRWGVNYLYGTGAVVSALKAVGIDTREPYIQKALDWVEQHQNPDGGWGEDCRSYEDPAYAGKGASTPSQTAWAL
MALIAGGRAESEAARRGVQYLVETQRPDGGWDEPYYTGTGFPGDFYLGYTMYRHVFPTLALGRYKQAIERR
;
_entity_poly.pdbx_strand_id   A,B
#
loop_
_chem_comp.id
_chem_comp.type
_chem_comp.name
_chem_comp.formula
C8E non-polymer (HYDROXYETHYLOXY)TRI(ETHYLOXY)OCTANE 'C16 H34 O5'
#
# COMPACT_ATOMS: atom_id res chain seq x y z
N ALA A 8 16.65 50.88 22.74
CA ALA A 8 16.92 49.41 22.48
C ALA A 8 17.98 49.32 21.39
N PRO A 9 19.05 48.57 21.68
CA PRO A 9 20.12 48.38 20.71
C PRO A 9 19.61 47.85 19.38
N ALA A 10 20.39 48.04 18.33
CA ALA A 10 20.04 47.60 16.98
C ALA A 10 19.75 46.11 16.88
N TYR A 11 20.55 45.27 17.54
CA TYR A 11 20.33 43.83 17.50
C TYR A 11 18.97 43.45 18.08
N ALA A 12 18.45 44.19 19.06
CA ALA A 12 17.15 43.80 19.66
C ALA A 12 16.00 44.00 18.69
N ARG A 13 16.04 45.06 17.89
CA ARG A 13 15.01 45.31 16.89
C ARG A 13 15.14 44.33 15.73
N THR A 14 16.38 43.98 15.39
CA THR A 14 16.63 42.97 14.35
C THR A 14 16.03 41.65 14.83
N LEU A 15 16.26 41.28 16.10
CA LEU A 15 15.70 40.08 16.66
C LEU A 15 14.17 40.10 16.59
N ASP A 16 13.56 41.21 17.00
CA ASP A 16 12.10 41.33 16.99
C ASP A 16 11.52 41.05 15.60
N ARG A 17 12.15 41.61 14.57
CA ARG A 17 11.77 41.43 13.19
C ARG A 17 11.98 39.99 12.72
N ALA A 18 13.04 39.35 13.21
CA ALA A 18 13.31 37.96 12.86
C ALA A 18 12.26 37.05 13.47
N VAL A 19 11.87 37.31 14.72
CA VAL A 19 10.84 36.56 15.42
C VAL A 19 9.52 36.68 14.66
N GLU A 20 9.13 37.88 14.27
CA GLU A 20 7.90 38.10 13.52
C GLU A 20 7.93 37.34 12.19
N TYR A 21 9.06 37.41 11.50
CA TYR A 21 9.19 36.72 10.23
C TYR A 21 9.06 35.21 10.42
N LEU A 22 9.80 34.68 11.37
CA LEU A 22 9.74 33.23 11.63
C LEU A 22 8.33 32.81 11.99
N LEU A 23 7.61 33.54 12.84
CA LEU A 23 6.23 33.22 13.16
C LEU A 23 5.34 33.29 11.93
N SER A 24 5.60 34.21 10.99
CA SER A 24 4.76 34.30 9.79
C SER A 24 4.98 33.10 8.87
N CYS A 25 6.08 32.36 9.00
CA CYS A 25 6.36 31.19 8.18
C CYS A 25 5.68 29.94 8.74
N GLN A 26 5.23 29.99 9.99
CA GLN A 26 4.61 28.83 10.60
C GLN A 26 3.33 28.41 9.87
N LYS A 27 3.17 27.10 9.67
CA LYS A 27 1.93 26.64 9.07
C LYS A 27 0.86 26.66 10.15
N ASP A 28 -0.38 26.69 9.70
CA ASP A 28 -1.56 26.71 10.56
C ASP A 28 -1.58 25.54 11.54
N GLU A 29 -1.20 24.35 11.04
CA GLU A 29 -1.17 23.19 11.91
C GLU A 29 -0.09 23.28 12.96
N GLY A 30 0.89 24.18 12.84
CA GLY A 30 1.85 24.32 13.92
C GLY A 30 3.29 24.02 13.55
N TYR A 31 3.52 23.39 12.38
CA TYR A 31 4.90 23.06 12.04
C TYR A 31 5.49 24.10 11.10
N TRP A 32 6.78 24.06 10.92
CA TRP A 32 7.48 24.87 9.94
C TRP A 32 7.98 23.88 8.88
N TRP A 33 8.17 24.31 7.64
CA TRP A 33 8.65 23.39 6.64
C TRP A 33 9.23 24.19 5.48
N GLY A 34 10.53 24.14 5.25
CA GLY A 34 11.02 24.85 4.05
C GLY A 34 11.49 23.80 3.04
N PRO A 35 11.48 24.16 1.77
CA PRO A 35 11.95 23.29 0.70
C PRO A 35 13.40 22.90 0.94
N LEU A 36 13.76 21.68 0.56
CA LEU A 36 15.11 21.19 0.70
C LEU A 36 15.73 21.13 -0.69
N LEU A 37 16.72 22.00 -0.93
CA LEU A 37 17.33 22.07 -2.26
C LEU A 37 18.53 21.17 -2.40
N SER A 38 18.78 20.66 -3.61
CA SER A 38 19.95 19.82 -3.81
C SER A 38 20.48 20.07 -5.22
N ASN A 39 20.31 19.13 -6.14
CA ASN A 39 20.85 19.33 -7.48
C ASN A 39 19.87 18.73 -8.47
N VAL A 40 20.07 18.94 -9.77
CA VAL A 40 19.13 18.56 -10.80
C VAL A 40 19.06 17.07 -11.12
N THR A 41 19.88 16.21 -10.55
CA THR A 41 19.70 14.76 -10.78
C THR A 41 18.37 14.31 -10.15
N MET A 42 17.83 15.00 -9.15
CA MET A 42 16.52 14.54 -8.62
C MET A 42 15.47 14.59 -9.75
N GLU A 43 15.44 15.72 -10.45
CA GLU A 43 14.42 15.95 -11.47
C GLU A 43 14.77 15.25 -12.77
N ALA A 44 16.07 15.12 -13.06
CA ALA A 44 16.40 14.38 -14.30
C ALA A 44 15.99 12.92 -14.15
N GLU A 45 16.20 12.36 -12.94
CA GLU A 45 15.82 10.97 -12.69
C GLU A 45 14.31 10.82 -12.60
N TYR A 46 13.59 11.85 -12.16
CA TYR A 46 12.12 11.75 -12.15
C TYR A 46 11.66 11.70 -13.61
N VAL A 47 12.27 12.43 -14.53
CA VAL A 47 11.91 12.38 -15.95
C VAL A 47 12.09 10.94 -16.48
N LEU A 48 13.27 10.37 -16.19
CA LEU A 48 13.48 8.98 -16.61
C LEU A 48 12.56 7.99 -15.91
N LEU A 49 12.22 8.22 -14.64
CA LEU A 49 11.27 7.37 -13.94
C LEU A 49 9.92 7.45 -14.64
N CYS A 50 9.49 8.67 -15.01
CA CYS A 50 8.21 8.81 -15.74
C CYS A 50 8.20 8.05 -17.07
N HIS A 51 9.34 8.11 -17.78
CA HIS A 51 9.53 7.37 -19.00
C HIS A 51 9.39 5.89 -18.71
N ILE A 52 10.15 5.36 -17.74
CA ILE A 52 10.09 3.95 -17.44
C ILE A 52 8.68 3.50 -17.07
N LEU A 53 7.96 4.30 -16.29
CA LEU A 53 6.62 3.89 -15.86
C LEU A 53 5.55 4.27 -16.90
N ASP A 54 5.96 4.87 -18.00
CA ASP A 54 5.03 5.26 -19.05
C ASP A 54 3.97 6.23 -18.52
N ARG A 55 4.37 7.21 -17.73
CA ARG A 55 3.49 8.20 -17.13
C ARG A 55 4.14 9.57 -17.24
N VAL A 56 4.30 10.00 -18.49
CA VAL A 56 4.91 11.28 -18.80
C VAL A 56 3.81 12.33 -18.96
N ASP A 57 3.79 13.30 -18.06
CA ASP A 57 2.86 14.40 -18.04
C ASP A 57 3.56 15.60 -18.73
N ARG A 58 3.07 15.93 -19.91
CA ARG A 58 3.66 17.01 -20.70
C ARG A 58 3.83 18.35 -19.99
N ASP A 59 2.87 18.83 -19.25
CA ASP A 59 2.94 20.10 -18.53
C ASP A 59 4.05 20.03 -17.45
N ARG A 60 4.12 18.88 -16.76
CA ARG A 60 5.19 18.70 -15.76
C ARG A 60 6.54 18.71 -16.46
N MET A 61 6.64 18.05 -17.64
CA MET A 61 7.91 18.05 -18.39
C MET A 61 8.33 19.46 -18.75
N GLU A 62 7.39 20.32 -19.17
CA GLU A 62 7.72 21.72 -19.51
C GLU A 62 8.30 22.43 -18.28
N LYS A 63 7.65 22.23 -17.13
CA LYS A 63 8.16 22.89 -15.92
C LYS A 63 9.53 22.37 -15.49
N ILE A 64 9.77 21.10 -15.68
CA ILE A 64 11.11 20.55 -15.39
C ILE A 64 12.12 21.10 -16.37
N ARG A 65 11.75 21.20 -17.64
CA ARG A 65 12.66 21.79 -18.63
C ARG A 65 13.09 23.18 -18.17
N ARG A 66 12.09 23.97 -17.80
CA ARG A 66 12.30 25.35 -17.34
C ARG A 66 13.20 25.37 -16.10
N TYR A 67 13.00 24.46 -15.16
CA TYR A 67 13.87 24.39 -13.98
C TYR A 67 15.29 23.96 -14.37
N LEU A 68 15.44 22.93 -15.22
CA LEU A 68 16.77 22.52 -15.63
C LEU A 68 17.58 23.64 -16.26
N LEU A 69 16.95 24.37 -17.17
CA LEU A 69 17.59 25.49 -17.86
C LEU A 69 17.89 26.59 -16.87
N HIS A 70 17.03 26.86 -15.92
CA HIS A 70 17.25 27.90 -14.91
C HIS A 70 18.45 27.54 -14.04
N GLU A 71 18.63 26.25 -13.73
CA GLU A 71 19.78 25.83 -12.93
C GLU A 71 21.07 25.73 -13.71
N GLN A 72 21.04 25.69 -15.04
CA GLN A 72 22.24 25.60 -15.86
C GLN A 72 23.04 26.89 -15.81
N ARG A 73 24.34 26.84 -15.66
CA ARG A 73 25.15 28.06 -15.59
C ARG A 73 25.46 28.49 -17.03
N GLU A 74 25.96 29.69 -17.19
CA GLU A 74 26.30 30.27 -18.51
C GLU A 74 27.26 29.44 -19.30
N ASP A 75 28.16 28.68 -18.67
CA ASP A 75 29.06 27.80 -19.40
C ASP A 75 28.42 26.46 -19.77
N GLY A 76 27.12 26.29 -19.56
CA GLY A 76 26.41 25.10 -19.93
C GLY A 76 26.44 23.95 -18.94
N THR A 77 27.04 24.15 -17.76
CA THR A 77 27.15 23.03 -16.80
C THR A 77 26.21 23.18 -15.61
N TRP A 78 26.04 22.06 -14.90
CA TRP A 78 25.31 22.10 -13.63
C TRP A 78 26.30 21.70 -12.54
N ALA A 79 26.02 22.13 -11.31
CA ALA A 79 26.88 21.85 -10.17
C ALA A 79 26.10 21.21 -9.04
N LEU A 80 26.81 20.69 -8.03
CA LEU A 80 26.19 20.09 -6.86
C LEU A 80 25.71 21.15 -5.88
N TYR A 81 26.20 22.37 -6.01
CA TYR A 81 25.80 23.48 -5.14
C TYR A 81 26.05 24.82 -5.83
N PRO A 82 25.38 25.87 -5.39
CA PRO A 82 25.50 27.17 -6.04
C PRO A 82 26.93 27.68 -6.02
N GLY A 83 27.47 28.02 -7.19
CA GLY A 83 28.82 28.47 -7.43
C GLY A 83 29.83 27.33 -7.51
N GLY A 84 29.41 26.09 -7.40
CA GLY A 84 30.33 24.95 -7.42
C GLY A 84 30.93 24.67 -8.77
N PRO A 85 31.94 23.81 -8.80
CA PRO A 85 32.59 23.43 -10.04
C PRO A 85 31.59 22.65 -10.88
N PRO A 86 31.76 22.66 -12.19
CA PRO A 86 30.91 21.85 -13.07
C PRO A 86 31.01 20.39 -12.67
N ASP A 87 29.87 19.71 -12.54
CA ASP A 87 29.84 18.32 -12.13
C ASP A 87 29.45 17.43 -13.29
N LEU A 88 30.26 16.44 -13.65
CA LEU A 88 29.99 15.59 -14.78
C LEU A 88 28.71 14.79 -14.65
N ASP A 89 28.56 14.06 -13.54
CA ASP A 89 27.36 13.22 -13.39
C ASP A 89 26.06 14.04 -13.52
N THR A 90 26.00 15.16 -12.81
CA THR A 90 24.84 16.02 -12.84
C THR A 90 24.54 16.58 -14.22
N THR A 91 25.58 17.03 -14.93
CA THR A 91 25.44 17.60 -16.25
C THR A 91 24.95 16.53 -17.23
N ILE A 92 25.48 15.31 -17.17
CA ILE A 92 25.02 14.23 -18.02
C ILE A 92 23.51 14.01 -17.83
N GLU A 93 23.08 13.85 -16.57
CA GLU A 93 21.67 13.58 -16.29
C GLU A 93 20.79 14.73 -16.75
N ALA A 94 21.17 15.98 -16.54
CA ALA A 94 20.34 17.08 -17.02
C ALA A 94 20.27 17.10 -18.54
N TYR A 95 21.40 16.84 -19.20
CA TYR A 95 21.43 16.79 -20.67
C TYR A 95 20.49 15.70 -21.19
N VAL A 96 20.57 14.47 -20.64
CA VAL A 96 19.68 13.39 -21.05
C VAL A 96 18.20 13.77 -20.85
N ALA A 97 17.88 14.34 -19.68
CA ALA A 97 16.47 14.68 -19.42
C ALA A 97 15.98 15.77 -20.36
N LEU A 98 16.82 16.78 -20.60
CA LEU A 98 16.45 17.84 -21.55
C LEU A 98 16.22 17.30 -22.95
N LYS A 99 17.06 16.39 -23.44
CA LYS A 99 16.90 15.83 -24.78
C LYS A 99 15.61 15.00 -24.81
N TYR A 100 15.33 14.29 -23.72
CA TYR A 100 14.10 13.50 -23.66
C TYR A 100 12.87 14.41 -23.74
N ILE A 101 12.90 15.49 -22.97
CA ILE A 101 11.79 16.43 -22.92
C ILE A 101 11.57 17.07 -24.29
N GLY A 102 12.64 17.32 -25.04
CA GLY A 102 12.48 17.76 -26.40
C GLY A 102 13.48 18.70 -26.99
N MET A 103 14.47 19.17 -26.25
CA MET A 103 15.46 20.06 -26.80
C MET A 103 16.31 19.25 -27.79
N SER A 104 16.62 19.92 -28.88
CA SER A 104 17.52 19.27 -29.85
C SER A 104 18.95 19.42 -29.36
N ARG A 105 19.83 18.47 -29.67
CA ARG A 105 21.25 18.60 -29.36
C ARG A 105 21.91 19.80 -30.04
N ASP A 106 21.30 20.39 -31.08
CA ASP A 106 21.80 21.58 -31.73
C ASP A 106 21.46 22.88 -31.03
N GLU A 107 20.59 22.88 -30.01
CA GLU A 107 20.33 24.14 -29.28
C GLU A 107 21.58 24.49 -28.47
N GLU A 108 21.84 25.79 -28.30
CA GLU A 108 23.02 26.26 -27.61
C GLU A 108 23.26 25.69 -26.22
N PRO A 109 22.28 25.70 -25.34
CA PRO A 109 22.43 25.10 -24.00
C PRO A 109 22.83 23.63 -24.10
N MET A 110 22.31 22.86 -25.06
CA MET A 110 22.71 21.47 -25.23
C MET A 110 24.16 21.37 -25.71
N GLN A 111 24.55 22.21 -26.68
CA GLN A 111 25.93 22.16 -27.16
C GLN A 111 26.95 22.48 -26.09
N LYS A 112 26.67 23.46 -25.23
CA LYS A 112 27.61 23.80 -24.18
C LYS A 112 27.74 22.67 -23.17
N ALA A 113 26.58 22.11 -22.81
CA ALA A 113 26.57 20.98 -21.89
C ALA A 113 27.41 19.84 -22.48
N LEU A 114 27.14 19.47 -23.73
CA LEU A 114 27.86 18.38 -24.38
C LEU A 114 29.36 18.67 -24.38
N ARG A 115 29.74 19.89 -24.76
CA ARG A 115 31.19 20.19 -24.76
C ARG A 115 31.82 19.86 -23.40
N PHE A 116 31.18 20.27 -22.30
CA PHE A 116 31.73 19.95 -20.98
C PHE A 116 31.78 18.44 -20.78
N ILE A 117 30.67 17.73 -21.04
CA ILE A 117 30.59 16.30 -20.83
C ILE A 117 31.71 15.55 -21.58
N GLN A 118 31.89 15.85 -22.86
CA GLN A 118 32.91 15.22 -23.67
C GLN A 118 34.30 15.61 -23.21
N SER A 119 34.50 16.81 -22.67
CA SER A 119 35.80 17.22 -22.14
C SER A 119 36.22 16.45 -20.91
N GLN A 120 35.28 15.80 -20.20
CA GLN A 120 35.55 15.08 -18.98
C GLN A 120 35.47 13.58 -19.13
N GLY A 121 35.43 13.06 -20.35
CA GLY A 121 35.40 11.63 -20.54
C GLY A 121 34.03 11.01 -20.68
N GLY A 122 32.99 11.80 -20.87
CA GLY A 122 31.65 11.27 -21.12
C GLY A 122 31.10 10.27 -20.12
N ILE A 123 30.13 9.49 -20.60
CA ILE A 123 29.38 8.53 -19.80
C ILE A 123 30.28 7.50 -19.13
N GLU A 124 31.39 7.08 -19.77
CA GLU A 124 32.25 6.10 -19.08
C GLU A 124 32.98 6.70 -17.90
N SER A 125 33.06 8.03 -17.74
CA SER A 125 33.71 8.58 -16.55
C SER A 125 32.74 8.93 -15.43
N SER A 126 31.46 8.64 -15.64
CA SER A 126 30.40 8.97 -14.70
C SER A 126 30.17 7.88 -13.63
N ARG A 127 29.54 8.31 -12.54
CA ARG A 127 29.32 7.41 -11.42
C ARG A 127 28.40 6.27 -11.80
N VAL A 128 28.42 5.19 -11.00
CA VAL A 128 27.58 4.06 -11.16
C VAL A 128 26.10 4.41 -11.34
N PHE A 129 25.55 5.26 -10.47
CA PHE A 129 24.12 5.55 -10.61
C PHE A 129 23.78 6.20 -11.93
N THR A 130 24.64 7.06 -12.49
CA THR A 130 24.35 7.65 -13.80
C THR A 130 24.38 6.63 -14.91
N ARG A 131 25.36 5.72 -14.88
CA ARG A 131 25.43 4.66 -15.90
C ARG A 131 24.25 3.73 -15.78
N MET A 132 23.81 3.48 -14.56
CA MET A 132 22.70 2.57 -14.31
C MET A 132 21.40 3.15 -14.82
N TRP A 133 21.13 4.42 -14.55
CA TRP A 133 19.96 5.08 -15.11
C TRP A 133 20.01 5.00 -16.64
N LEU A 134 21.19 5.18 -17.25
CA LEU A 134 21.26 5.04 -18.70
C LEU A 134 21.05 3.59 -19.15
N ALA A 135 21.49 2.59 -18.40
CA ALA A 135 21.28 1.19 -18.72
C ALA A 135 19.79 0.85 -18.67
N LEU A 136 19.08 1.42 -17.68
CA LEU A 136 17.64 1.24 -17.56
C LEU A 136 16.88 1.72 -18.79
N VAL A 137 17.38 2.77 -19.47
CA VAL A 137 16.70 3.27 -20.66
C VAL A 137 17.43 2.84 -21.93
N GLY A 138 18.27 1.79 -21.88
CA GLY A 138 18.86 1.24 -23.10
C GLY A 138 20.02 2.04 -23.68
N GLU A 139 20.59 2.96 -22.90
CA GLU A 139 21.67 3.77 -23.46
C GLU A 139 23.05 3.36 -22.96
N TYR A 140 23.16 2.36 -22.10
CA TYR A 140 24.45 1.91 -21.57
C TYR A 140 24.32 0.43 -21.31
N PRO A 141 25.34 -0.39 -21.51
CA PRO A 141 25.25 -1.81 -21.26
C PRO A 141 25.13 -2.18 -19.80
N TRP A 142 24.15 -2.99 -19.45
CA TRP A 142 23.94 -3.48 -18.09
C TRP A 142 25.12 -4.34 -17.62
N GLU A 143 25.79 -5.03 -18.56
CA GLU A 143 26.97 -5.83 -18.24
C GLU A 143 28.07 -4.99 -17.63
N LYS A 144 28.14 -3.67 -17.84
CA LYS A 144 29.19 -2.83 -17.28
C LYS A 144 28.77 -2.11 -16.00
N VAL A 145 27.56 -2.39 -15.52
CA VAL A 145 27.11 -1.83 -14.24
C VAL A 145 27.43 -2.85 -13.13
N PRO A 146 28.11 -2.47 -12.07
CA PRO A 146 28.42 -3.35 -10.95
C PRO A 146 27.17 -4.05 -10.43
N MET A 147 27.28 -5.37 -10.24
CA MET A 147 26.13 -6.15 -9.85
C MET A 147 25.83 -6.15 -8.37
N VAL A 148 24.54 -5.99 -8.06
CA VAL A 148 24.02 -6.11 -6.69
C VAL A 148 23.05 -7.28 -6.79
N PRO A 149 23.46 -8.47 -6.37
CA PRO A 149 22.64 -9.65 -6.52
C PRO A 149 21.57 -9.76 -5.45
N PRO A 150 20.39 -10.25 -5.81
CA PRO A 150 19.31 -10.45 -4.87
C PRO A 150 19.70 -11.45 -3.78
N GLU A 151 20.67 -12.34 -4.00
CA GLU A 151 21.16 -13.27 -3.00
C GLU A 151 21.84 -12.59 -1.81
N ILE A 152 22.08 -11.26 -1.88
CA ILE A 152 22.50 -10.49 -0.74
C ILE A 152 21.49 -10.66 0.40
N MET A 153 20.21 -10.91 0.14
CA MET A 153 19.19 -11.08 1.15
C MET A 153 19.41 -12.36 1.97
N PHE A 154 20.24 -13.29 1.51
CA PHE A 154 20.54 -14.49 2.27
C PHE A 154 21.64 -14.27 3.31
N LEU A 155 22.33 -13.12 3.30
CA LEU A 155 23.37 -12.90 4.30
C LEU A 155 22.73 -12.52 5.63
N GLY A 156 23.06 -13.27 6.69
CA GLY A 156 22.58 -12.98 8.04
C GLY A 156 23.21 -11.70 8.57
N LYS A 157 22.69 -11.23 9.71
CA LYS A 157 23.08 -9.97 10.31
C LYS A 157 24.51 -9.86 10.82
N ARG A 158 25.30 -10.93 10.84
CA ARG A 158 26.69 -10.82 11.25
C ARG A 158 27.61 -11.18 10.09
N MET A 159 27.04 -11.33 8.90
CA MET A 159 27.85 -11.66 7.73
C MET A 159 28.32 -10.40 7.00
N PRO A 160 29.50 -10.51 6.40
CA PRO A 160 30.09 -9.45 5.60
C PRO A 160 29.16 -9.08 4.46
N LEU A 161 29.01 -7.78 4.26
CA LEU A 161 28.16 -7.17 3.25
C LEU A 161 26.69 -7.45 3.43
N ASN A 162 26.22 -7.93 4.59
CA ASN A 162 24.78 -8.09 4.78
C ASN A 162 24.15 -6.69 4.78
N ILE A 163 22.86 -6.60 4.48
CA ILE A 163 22.22 -5.29 4.36
C ILE A 163 22.27 -4.42 5.59
N TYR A 164 22.38 -4.98 6.79
CA TYR A 164 22.46 -4.19 8.02
C TYR A 164 23.83 -3.61 8.26
N GLU A 165 24.85 -3.93 7.44
CA GLU A 165 26.12 -3.25 7.49
C GLU A 165 26.10 -1.95 6.67
N PHE A 166 25.10 -1.74 5.82
CA PHE A 166 24.97 -0.52 5.04
C PHE A 166 24.24 0.54 5.85
N GLY A 167 24.48 1.84 5.60
CA GLY A 167 23.76 2.89 6.33
C GLY A 167 22.30 2.89 5.84
N SER A 168 21.38 3.48 6.60
CA SER A 168 19.96 3.38 6.30
C SER A 168 19.60 3.93 4.93
N TRP A 169 20.20 5.04 4.52
CA TRP A 169 19.87 5.60 3.22
C TRP A 169 20.40 4.76 2.08
N ALA A 170 21.34 3.84 2.27
CA ALA A 170 21.83 3.00 1.20
C ALA A 170 21.19 1.60 1.21
N ARG A 171 20.65 1.20 2.36
CA ARG A 171 20.10 -0.13 2.58
C ARG A 171 18.92 -0.45 1.72
N ALA A 172 17.87 0.37 1.73
CA ALA A 172 16.71 0.15 0.86
C ALA A 172 17.10 0.25 -0.61
N THR A 173 18.08 1.12 -0.92
CA THR A 173 18.57 1.21 -2.29
C THR A 173 19.16 -0.11 -2.73
N VAL A 174 20.02 -0.69 -1.86
CA VAL A 174 20.62 -2.01 -2.19
C VAL A 174 19.55 -3.05 -2.37
N VAL A 175 18.57 -3.11 -1.47
CA VAL A 175 17.50 -4.10 -1.61
C VAL A 175 16.71 -3.92 -2.90
N ALA A 176 16.22 -2.71 -3.23
CA ALA A 176 15.44 -2.55 -4.45
C ALA A 176 16.33 -2.79 -5.68
N LEU A 177 17.58 -2.31 -5.65
CA LEU A 177 18.44 -2.53 -6.82
C LEU A 177 18.84 -3.98 -6.98
N SER A 178 18.80 -4.80 -5.94
CA SER A 178 19.07 -6.24 -6.09
C SER A 178 17.99 -6.87 -6.96
N ILE A 179 16.76 -6.39 -6.89
CA ILE A 179 15.68 -6.83 -7.76
C ILE A 179 15.91 -6.29 -9.16
N VAL A 180 16.23 -4.98 -9.24
CA VAL A 180 16.41 -4.37 -10.56
C VAL A 180 17.56 -5.02 -11.32
N MET A 181 18.74 -5.19 -10.74
CA MET A 181 19.89 -5.78 -11.38
C MET A 181 19.70 -7.25 -11.68
N SER A 182 18.87 -7.92 -10.87
CA SER A 182 18.53 -9.30 -11.14
C SER A 182 17.91 -9.41 -12.53
N ARG A 183 17.03 -8.48 -12.90
CA ARG A 183 16.35 -8.61 -14.20
C ARG A 183 16.94 -7.83 -15.35
N GLN A 184 17.73 -6.79 -15.09
CA GLN A 184 18.38 -5.93 -16.09
C GLN A 184 17.40 -5.44 -17.12
N PRO A 185 16.31 -4.82 -16.66
CA PRO A 185 15.24 -4.37 -17.54
C PRO A 185 15.73 -3.22 -18.41
N VAL A 186 15.17 -3.08 -19.59
CA VAL A 186 15.53 -2.04 -20.54
C VAL A 186 14.23 -1.40 -21.00
N PHE A 187 14.12 -0.07 -20.90
CA PHE A 187 12.92 0.69 -21.31
C PHE A 187 13.43 1.71 -22.34
N PRO A 188 13.53 1.30 -23.60
CA PRO A 188 14.16 2.10 -24.63
C PRO A 188 13.60 3.50 -24.78
N LEU A 189 14.46 4.46 -25.04
CA LEU A 189 13.99 5.83 -25.27
C LEU A 189 13.51 5.94 -26.72
N PRO A 190 12.67 6.91 -27.04
CA PRO A 190 12.33 7.18 -28.43
C PRO A 190 13.65 7.48 -29.14
N GLU A 191 13.77 7.14 -30.41
CA GLU A 191 14.95 7.39 -31.24
C GLU A 191 15.56 8.77 -31.07
N ARG A 192 14.72 9.82 -31.15
CA ARG A 192 15.15 11.18 -31.06
C ARG A 192 15.79 11.55 -29.72
N ALA A 193 15.56 10.79 -28.65
CA ALA A 193 16.12 11.11 -27.34
C ALA A 193 17.39 10.32 -27.05
N ARG A 194 17.82 9.45 -27.95
CA ARG A 194 19.02 8.65 -27.68
C ARG A 194 20.25 9.57 -27.60
N VAL A 195 21.25 9.16 -26.80
CA VAL A 195 22.41 10.00 -26.56
C VAL A 195 23.75 9.32 -26.80
N PRO A 196 24.00 8.79 -27.99
CA PRO A 196 25.28 8.18 -28.34
C PRO A 196 26.39 9.20 -28.29
N GLU A 197 26.09 10.50 -28.46
CA GLU A 197 27.07 11.56 -28.36
C GLU A 197 27.77 11.65 -27.02
N LEU A 198 27.22 11.09 -25.93
CA LEU A 198 27.84 11.11 -24.63
C LEU A 198 29.01 10.13 -24.51
N TYR A 199 29.22 9.28 -25.50
CA TYR A 199 30.39 8.42 -25.52
C TYR A 199 31.56 9.04 -26.32
N GLU A 200 31.31 10.13 -27.03
CA GLU A 200 32.43 10.70 -27.82
C GLU A 200 33.24 11.59 -26.91
N THR A 201 34.46 11.19 -26.60
CA THR A 201 35.20 11.97 -25.61
C THR A 201 36.44 12.66 -26.13
N ASP A 202 36.80 13.77 -25.50
CA ASP A 202 38.00 14.50 -25.81
C ASP A 202 39.24 13.79 -25.24
N VAL A 203 39.05 13.13 -24.11
CA VAL A 203 40.11 12.51 -23.33
C VAL A 203 39.69 11.06 -23.10
N PRO A 204 40.64 10.19 -22.76
CA PRO A 204 40.32 8.82 -22.42
C PRO A 204 39.41 8.80 -21.18
N PRO A 205 38.39 7.97 -21.20
CA PRO A 205 37.46 7.83 -20.09
C PRO A 205 38.22 7.21 -18.92
N ARG A 206 37.77 7.46 -17.70
CA ARG A 206 38.39 6.88 -16.51
C ARG A 206 37.30 6.42 -15.52
N ARG A 207 37.23 5.11 -15.32
CA ARG A 207 36.25 4.52 -14.43
C ARG A 207 36.42 5.08 -13.01
N ARG A 208 35.27 5.51 -12.45
CA ARG A 208 35.27 6.03 -11.09
C ARG A 208 35.23 4.79 -10.19
N GLY A 209 36.10 4.68 -9.20
CA GLY A 209 36.03 3.44 -8.41
C GLY A 209 35.36 3.65 -7.06
N ALA A 210 35.31 2.55 -6.32
CA ALA A 210 34.80 2.52 -4.96
C ALA A 210 35.48 3.59 -4.11
N LYS A 211 34.75 4.27 -3.25
CA LYS A 211 35.25 5.37 -2.43
C LYS A 211 36.38 4.92 -1.51
N GLY A 212 36.29 3.72 -0.95
CA GLY A 212 37.34 3.22 -0.09
C GLY A 212 38.47 2.53 -0.85
N GLY A 213 38.40 2.49 -2.18
CA GLY A 213 39.42 1.79 -2.96
C GLY A 213 38.93 0.36 -3.19
N GLY A 214 39.15 -0.21 -4.36
CA GLY A 214 38.66 -1.57 -4.63
C GLY A 214 39.71 -2.57 -4.12
N GLY A 215 39.83 -3.69 -4.80
CA GLY A 215 40.82 -4.70 -4.41
C GLY A 215 40.52 -6.02 -5.10
N TRP A 216 41.56 -6.80 -5.38
CA TRP A 216 41.42 -8.10 -6.03
C TRP A 216 40.16 -8.84 -5.63
N ILE A 217 39.89 -9.05 -4.34
CA ILE A 217 38.74 -9.84 -3.91
C ILE A 217 37.43 -9.25 -4.40
N PHE A 218 37.26 -7.93 -4.36
CA PHE A 218 36.08 -7.22 -4.81
C PHE A 218 35.93 -7.18 -6.32
N ASP A 219 37.05 -7.10 -7.05
CA ASP A 219 36.94 -7.14 -8.52
C ASP A 219 36.56 -8.57 -8.93
N ALA A 220 37.13 -9.55 -8.24
CA ALA A 220 36.88 -10.95 -8.53
C ALA A 220 35.42 -11.32 -8.28
N LEU A 221 34.89 -10.84 -7.16
CA LEU A 221 33.51 -11.08 -6.80
C LEU A 221 32.59 -10.42 -7.83
N ASP A 222 32.90 -9.17 -8.22
CA ASP A 222 32.06 -8.51 -9.23
C ASP A 222 32.06 -9.24 -10.56
N ARG A 223 33.25 -9.71 -11.00
CA ARG A 223 33.38 -10.48 -12.23
C ARG A 223 32.56 -11.77 -12.14
N ALA A 224 32.70 -12.50 -11.03
CA ALA A 224 31.95 -13.72 -10.79
C ALA A 224 30.43 -13.47 -10.83
N LEU A 225 30.00 -12.35 -10.20
CA LEU A 225 28.55 -12.05 -10.22
C LEU A 225 28.08 -11.77 -11.64
N HIS A 226 28.88 -11.12 -12.49
CA HIS A 226 28.47 -10.92 -13.87
C HIS A 226 28.47 -12.24 -14.62
N GLY A 227 29.43 -13.11 -14.34
CA GLY A 227 29.44 -14.45 -14.97
C GLY A 227 28.20 -15.22 -14.53
N TYR A 228 27.91 -15.19 -13.23
CA TYR A 228 26.71 -15.85 -12.73
C TYR A 228 25.46 -15.31 -13.40
N GLN A 229 25.40 -13.98 -13.62
CA GLN A 229 24.27 -13.34 -14.28
C GLN A 229 23.98 -13.94 -15.65
N LYS A 230 25.04 -14.29 -16.38
CA LYS A 230 24.90 -14.88 -17.71
C LYS A 230 24.31 -16.29 -17.71
N LEU A 231 24.44 -17.04 -16.62
CA LEU A 231 23.84 -18.38 -16.56
C LEU A 231 22.34 -18.28 -16.77
N SER A 232 21.74 -19.39 -17.22
CA SER A 232 20.31 -19.43 -17.47
C SER A 232 19.57 -19.85 -16.20
N VAL A 233 20.21 -20.67 -15.34
CA VAL A 233 19.54 -21.04 -14.10
C VAL A 233 20.29 -20.52 -12.89
N HIS A 234 19.51 -19.96 -11.95
CA HIS A 234 20.05 -19.42 -10.70
C HIS A 234 19.26 -19.94 -9.51
N PRO A 235 19.71 -21.06 -8.96
CA PRO A 235 19.05 -21.73 -7.84
C PRO A 235 18.82 -20.76 -6.70
N PHE A 236 17.62 -20.71 -6.17
CA PHE A 236 17.28 -19.83 -5.05
C PHE A 236 17.20 -18.34 -5.40
N ARG A 237 17.40 -17.93 -6.64
CA ARG A 237 17.31 -16.51 -6.99
C ARG A 237 15.89 -16.01 -6.74
N ARG A 238 14.87 -16.75 -7.19
CA ARG A 238 13.48 -16.35 -6.94
C ARG A 238 13.20 -16.16 -5.46
N ALA A 239 13.64 -17.12 -4.64
CA ALA A 239 13.48 -17.02 -3.20
C ALA A 239 14.20 -15.75 -2.69
N ALA A 240 15.38 -15.45 -3.22
CA ALA A 240 16.08 -14.22 -2.81
C ALA A 240 15.30 -12.97 -3.21
N GLU A 241 14.70 -12.97 -4.39
CA GLU A 241 13.93 -11.83 -4.88
C GLU A 241 12.69 -11.58 -4.01
N ILE A 242 12.03 -12.67 -3.58
CA ILE A 242 10.87 -12.58 -2.72
C ILE A 242 11.29 -12.02 -1.38
N ARG A 243 12.46 -12.45 -0.83
CA ARG A 243 12.91 -11.79 0.40
C ARG A 243 13.10 -10.29 0.16
N ALA A 244 13.69 -9.89 -0.96
CA ALA A 244 13.92 -8.45 -1.21
C ALA A 244 12.59 -7.71 -1.30
N LEU A 245 11.65 -8.27 -2.07
CA LEU A 245 10.32 -7.67 -2.19
C LEU A 245 9.63 -7.54 -0.82
N ASP A 246 9.60 -8.60 -0.02
CA ASP A 246 8.93 -8.56 1.29
C ASP A 246 9.57 -7.51 2.19
N TRP A 247 10.90 -7.45 2.17
CA TRP A 247 11.61 -6.46 2.96
C TRP A 247 11.12 -5.07 2.56
N LEU A 248 11.03 -4.74 1.26
CA LEU A 248 10.52 -3.45 0.84
C LEU A 248 9.06 -3.24 1.20
N LEU A 249 8.24 -4.26 1.01
CA LEU A 249 6.79 -4.09 1.27
C LEU A 249 6.56 -3.79 2.75
N GLU A 250 7.26 -4.49 3.64
CA GLU A 250 7.09 -4.28 5.07
C GLU A 250 7.47 -2.87 5.53
N ARG A 251 8.48 -2.25 4.88
CA ARG A 251 8.99 -0.98 5.35
C ARG A 251 8.53 0.27 4.64
N GLN A 252 7.73 0.18 3.61
CA GLN A 252 7.25 1.41 2.96
C GLN A 252 6.74 2.41 4.00
N ALA A 253 7.17 3.66 3.87
CA ALA A 253 6.76 4.76 4.70
C ALA A 253 5.32 5.15 4.41
N GLY A 254 4.70 5.84 5.37
CA GLY A 254 3.31 6.22 5.29
C GLY A 254 3.02 7.22 4.19
N ASP A 255 4.01 7.94 3.66
CA ASP A 255 3.78 8.89 2.59
C ASP A 255 4.01 8.20 1.24
N GLY A 256 4.30 6.90 1.27
CA GLY A 256 4.46 6.15 0.04
C GLY A 256 5.93 6.00 -0.34
N SER A 257 6.82 6.79 0.28
CA SER A 257 8.21 6.69 -0.07
C SER A 257 8.85 5.49 0.61
N TRP A 258 10.12 5.27 0.31
CA TRP A 258 10.96 4.33 1.07
C TRP A 258 11.95 5.23 1.80
N GLY A 259 11.89 5.28 3.13
CA GLY A 259 12.78 6.10 3.94
C GLY A 259 12.68 7.59 3.74
N GLY A 260 11.64 8.13 3.10
CA GLY A 260 11.50 9.57 2.92
C GLY A 260 12.57 10.23 2.07
N ILE A 261 13.27 9.45 1.22
CA ILE A 261 14.35 9.97 0.41
C ILE A 261 14.23 9.45 -1.01
N GLN A 262 14.69 10.28 -1.95
CA GLN A 262 14.51 9.99 -3.37
C GLN A 262 15.04 8.68 -3.91
N PRO A 263 16.28 8.29 -3.66
CA PRO A 263 16.85 7.11 -4.31
C PRO A 263 16.10 5.82 -4.11
N PRO A 264 15.95 5.29 -2.91
CA PRO A 264 15.26 4.04 -2.65
C PRO A 264 13.81 4.08 -3.12
N TRP A 265 13.19 5.26 -2.99
CA TRP A 265 11.84 5.42 -3.47
C TRP A 265 11.74 5.15 -4.97
N PHE A 266 12.58 5.82 -5.76
CA PHE A 266 12.52 5.64 -7.22
C PHE A 266 12.92 4.23 -7.60
N TYR A 267 13.94 3.65 -6.93
CA TYR A 267 14.37 2.29 -7.29
C TYR A 267 13.35 1.26 -6.87
N ALA A 268 12.65 1.46 -5.75
CA ALA A 268 11.60 0.54 -5.33
C ALA A 268 10.43 0.54 -6.31
N LEU A 269 10.05 1.71 -6.85
CA LEU A 269 8.99 1.80 -7.82
C LEU A 269 9.37 1.07 -9.10
N ILE A 270 10.63 1.15 -9.51
CA ILE A 270 11.09 0.43 -10.69
C ILE A 270 11.09 -1.07 -10.43
N ALA A 271 11.46 -1.47 -9.21
CA ALA A 271 11.48 -2.87 -8.83
C ALA A 271 10.03 -3.38 -8.91
N LEU A 272 9.08 -2.61 -8.39
CA LEU A 272 7.67 -3.05 -8.45
C LEU A 272 7.17 -3.15 -9.88
N LYS A 273 7.54 -2.18 -10.71
CA LYS A 273 7.18 -2.17 -12.14
C LYS A 273 7.65 -3.47 -12.79
N ILE A 274 8.92 -3.81 -12.56
CA ILE A 274 9.57 -5.00 -13.13
C ILE A 274 8.96 -6.31 -12.70
N LEU A 275 8.40 -6.35 -11.50
CA LEU A 275 7.76 -7.50 -10.92
C LEU A 275 6.29 -7.54 -11.34
N ASP A 276 5.85 -6.64 -12.20
CA ASP A 276 4.47 -6.58 -12.68
C ASP A 276 3.52 -6.34 -11.51
N MET A 277 3.90 -5.41 -10.65
CA MET A 277 3.09 -5.07 -9.50
C MET A 277 2.56 -3.65 -9.66
N THR A 278 2.28 -3.19 -10.88
CA THR A 278 1.76 -1.81 -11.00
C THR A 278 0.32 -1.72 -10.50
N GLN A 279 -0.41 -2.82 -10.32
CA GLN A 279 -1.75 -2.76 -9.73
C GLN A 279 -1.73 -3.06 -8.24
N HIS A 280 -0.52 -3.01 -7.65
CA HIS A 280 -0.43 -3.33 -6.21
C HIS A 280 -0.42 -2.05 -5.42
N PRO A 281 -1.08 -2.00 -4.27
CA PRO A 281 -1.11 -0.83 -3.43
C PRO A 281 0.24 -0.23 -3.09
N ALA A 282 1.30 -1.02 -2.91
CA ALA A 282 2.61 -0.41 -2.62
C ALA A 282 3.05 0.48 -3.79
N PHE A 283 2.84 0.01 -5.04
CA PHE A 283 3.22 0.81 -6.19
C PHE A 283 2.30 2.04 -6.35
N ILE A 284 1.00 1.82 -6.20
CA ILE A 284 0.00 2.89 -6.36
C ILE A 284 0.23 4.02 -5.35
N LYS A 285 0.35 3.65 -4.08
CA LYS A 285 0.65 4.63 -3.05
C LYS A 285 2.03 5.24 -3.19
N GLY A 286 3.02 4.44 -3.60
CA GLY A 286 4.36 4.94 -3.85
C GLY A 286 4.36 5.97 -4.98
N TRP A 287 3.59 5.73 -6.04
CA TRP A 287 3.54 6.66 -7.15
C TRP A 287 2.82 7.96 -6.74
N GLU A 288 1.64 7.81 -6.16
CA GLU A 288 0.82 8.94 -5.70
C GLU A 288 1.49 9.82 -4.66
N GLY A 289 2.32 9.23 -3.78
CA GLY A 289 3.01 10.02 -2.76
C GLY A 289 4.05 10.97 -3.36
N LEU A 290 4.53 10.75 -4.58
CA LEU A 290 5.56 11.59 -5.16
C LEU A 290 5.18 13.08 -5.16
N GLU A 291 3.92 13.41 -5.42
CA GLU A 291 3.48 14.79 -5.49
C GLU A 291 3.75 15.60 -4.23
N LEU A 292 3.70 15.00 -3.04
CA LEU A 292 4.01 15.71 -1.81
C LEU A 292 5.43 16.28 -1.84
N TYR A 293 6.39 15.67 -2.54
CA TYR A 293 7.76 16.11 -2.54
C TYR A 293 8.04 17.09 -3.67
N GLY A 294 7.06 17.32 -4.55
CA GLY A 294 7.28 18.27 -5.65
C GLY A 294 6.99 19.68 -5.22
N VAL A 295 7.70 20.66 -5.78
CA VAL A 295 7.51 22.06 -5.44
C VAL A 295 7.36 22.88 -6.73
N GLU A 296 6.26 23.60 -6.89
CA GLU A 296 6.07 24.50 -8.03
C GLU A 296 6.90 25.75 -7.75
N LEU A 297 7.80 26.15 -8.64
CA LEU A 297 8.66 27.28 -8.31
C LEU A 297 8.09 28.56 -8.86
N ASP A 298 8.44 29.68 -8.22
CA ASP A 298 7.90 30.99 -8.61
C ASP A 298 8.22 31.42 -10.03
N TYR A 299 9.29 30.92 -10.63
CA TYR A 299 9.63 31.28 -12.01
C TYR A 299 9.08 30.25 -12.98
N GLY A 300 8.20 29.34 -12.56
CA GLY A 300 7.51 28.41 -13.45
C GLY A 300 8.12 27.04 -13.55
N GLY A 301 9.24 26.83 -12.81
CA GLY A 301 9.86 25.50 -12.87
C GLY A 301 9.15 24.61 -11.84
N TRP A 302 9.60 23.36 -11.80
CA TRP A 302 9.10 22.41 -10.79
C TRP A 302 10.32 21.62 -10.32
N MET A 303 10.37 21.29 -9.03
CA MET A 303 11.52 20.53 -8.55
C MET A 303 11.00 19.38 -7.68
N PHE A 304 11.87 18.43 -7.43
CA PHE A 304 11.50 17.27 -6.60
C PHE A 304 12.45 17.26 -5.40
N GLN A 305 11.97 17.26 -4.18
CA GLN A 305 12.84 17.36 -3.02
C GLN A 305 13.53 16.03 -2.72
N ALA A 306 14.86 16.14 -2.50
CA ALA A 306 15.65 14.93 -2.19
C ALA A 306 15.10 14.23 -0.94
N SER A 307 14.66 15.07 0.00
CA SER A 307 13.98 14.62 1.19
C SER A 307 13.12 15.76 1.72
N ILE A 308 12.39 15.61 2.82
CA ILE A 308 11.59 16.74 3.30
C ILE A 308 11.87 16.92 4.78
N SER A 309 12.02 18.16 5.26
CA SER A 309 12.47 18.44 6.60
C SER A 309 11.56 19.05 7.63
N PRO A 310 10.29 18.79 7.69
CA PRO A 310 9.37 19.44 8.60
C PRO A 310 9.68 19.21 10.05
N VAL A 311 10.05 18.01 10.48
CA VAL A 311 10.28 17.87 11.92
C VAL A 311 11.48 18.72 12.36
N TRP A 312 12.54 18.65 11.58
CA TRP A 312 13.78 19.39 11.84
C TRP A 312 13.53 20.89 11.81
N ASP A 313 12.87 21.36 10.75
CA ASP A 313 12.52 22.79 10.68
C ASP A 313 11.71 23.18 11.92
N THR A 314 10.73 22.36 12.31
CA THR A 314 9.89 22.71 13.46
C THR A 314 10.68 22.76 14.77
N GLY A 315 11.43 21.71 15.07
CA GLY A 315 12.23 21.67 16.31
C GLY A 315 13.20 22.86 16.37
N LEU A 316 13.87 23.21 15.28
CA LEU A 316 14.80 24.33 15.29
C LEU A 316 14.05 25.63 15.49
N ALA A 317 12.89 25.79 14.83
CA ALA A 317 12.15 27.04 14.99
C ALA A 317 11.73 27.25 16.44
N VAL A 318 11.24 26.19 17.10
CA VAL A 318 10.86 26.30 18.50
C VAL A 318 12.05 26.75 19.33
N LEU A 319 13.22 26.10 19.21
CA LEU A 319 14.40 26.48 19.95
C LEU A 319 14.82 27.93 19.69
N ALA A 320 14.74 28.38 18.44
CA ALA A 320 15.13 29.75 18.10
C ALA A 320 14.19 30.77 18.76
N LEU A 321 12.88 30.51 18.69
CA LEU A 321 11.90 31.43 19.26
C LEU A 321 11.96 31.44 20.78
N ARG A 322 12.22 30.31 21.40
CA ARG A 322 12.41 30.27 22.85
C ARG A 322 13.69 31.05 23.17
N ALA A 323 14.76 30.88 22.37
CA ALA A 323 15.99 31.63 22.67
C ALA A 323 15.77 33.13 22.47
N ALA A 324 14.91 33.50 21.52
CA ALA A 324 14.60 34.89 21.28
C ALA A 324 13.75 35.53 22.38
N GLY A 325 13.14 34.78 23.28
CA GLY A 325 12.32 35.38 24.31
C GLY A 325 10.87 34.98 24.31
N LEU A 326 10.33 34.27 23.30
CA LEU A 326 8.94 33.86 23.40
C LEU A 326 8.82 32.91 24.61
N PRO A 327 7.77 33.06 25.38
CA PRO A 327 7.56 32.26 26.57
C PRO A 327 7.33 30.80 26.27
N ALA A 328 7.60 29.92 27.20
CA ALA A 328 7.39 28.49 27.08
C ALA A 328 5.96 28.07 26.79
N ASP A 329 4.98 28.90 27.07
CA ASP A 329 3.58 28.62 26.83
C ASP A 329 3.01 29.57 25.79
N HIS A 330 3.85 30.17 24.95
CA HIS A 330 3.33 31.02 23.86
C HIS A 330 2.38 30.17 23.02
N ASP A 331 1.21 30.68 22.63
CA ASP A 331 0.26 29.81 21.93
C ASP A 331 0.76 29.21 20.63
N ARG A 332 1.59 29.90 19.85
CA ARG A 332 2.10 29.31 18.60
C ARG A 332 3.13 28.22 18.91
N LEU A 333 3.86 28.36 19.99
CA LEU A 333 4.82 27.32 20.37
C LEU A 333 4.12 26.13 21.00
N VAL A 334 2.99 26.37 21.66
CA VAL A 334 2.21 25.29 22.26
C VAL A 334 1.65 24.46 21.11
N LYS A 335 1.17 25.10 20.06
CA LYS A 335 0.67 24.42 18.86
C LYS A 335 1.75 23.58 18.18
N ALA A 336 2.96 24.09 18.07
CA ALA A 336 4.12 23.39 17.52
C ALA A 336 4.45 22.18 18.37
N GLY A 337 4.46 22.40 19.71
CA GLY A 337 4.75 21.35 20.67
C GLY A 337 3.75 20.21 20.61
N GLU A 338 2.46 20.52 20.51
CA GLU A 338 1.44 19.48 20.38
C GLU A 338 1.57 18.73 19.06
N TRP A 339 1.89 19.44 17.99
CA TRP A 339 2.09 18.79 16.69
C TRP A 339 3.29 17.85 16.82
N LEU A 340 4.37 18.31 17.43
CA LEU A 340 5.55 17.45 17.61
C LEU A 340 5.27 16.19 18.40
N LEU A 341 4.46 16.28 19.46
CA LEU A 341 4.12 15.11 20.27
C LEU A 341 3.47 14.04 19.43
N ASP A 342 2.57 14.41 18.52
CA ASP A 342 1.94 13.45 17.62
C ASP A 342 2.93 12.82 16.63
N ARG A 343 4.14 13.34 16.40
CA ARG A 343 5.05 12.72 15.46
C ARG A 343 5.92 11.63 16.11
N GLN A 344 5.90 11.49 17.44
CA GLN A 344 6.79 10.52 18.09
C GLN A 344 6.52 9.10 17.61
N ILE A 345 7.56 8.29 17.38
CA ILE A 345 7.33 6.96 16.81
C ILE A 345 7.35 5.88 17.89
N THR A 346 6.32 5.04 17.93
CA THR A 346 6.27 4.02 18.98
C THR A 346 6.43 2.61 18.50
N VAL A 347 6.92 2.38 17.28
CA VAL A 347 7.15 1.03 16.79
C VAL A 347 8.62 0.85 16.50
N PRO A 348 9.14 -0.35 16.50
CA PRO A 348 10.55 -0.58 16.21
C PRO A 348 10.89 -0.37 14.73
N GLY A 349 12.07 0.22 14.47
CA GLY A 349 12.49 0.40 13.06
C GLY A 349 13.71 -0.48 12.83
N ASP A 350 14.45 -0.29 11.74
CA ASP A 350 15.62 -1.09 11.42
C ASP A 350 16.70 -0.97 12.49
N TRP A 351 16.73 0.13 13.23
CA TRP A 351 17.65 0.30 14.34
C TRP A 351 17.52 -0.80 15.40
N ALA A 352 16.37 -1.45 15.50
CA ALA A 352 16.10 -2.52 16.44
C ALA A 352 16.86 -3.79 16.14
N VAL A 353 17.47 -3.90 14.96
CA VAL A 353 18.34 -5.02 14.67
C VAL A 353 19.52 -4.96 15.65
N LYS A 354 20.10 -3.80 15.93
CA LYS A 354 21.20 -3.71 16.87
C LYS A 354 20.67 -3.57 18.32
N ARG A 355 19.46 -3.06 18.46
CA ARG A 355 18.89 -2.80 19.79
C ARG A 355 17.48 -3.34 19.92
N PRO A 356 17.36 -4.67 19.93
CA PRO A 356 16.07 -5.34 19.94
C PRO A 356 15.24 -5.18 21.19
N ASN A 357 15.82 -4.78 22.31
CA ASN A 357 15.05 -4.59 23.53
C ASN A 357 14.85 -3.11 23.88
N LEU A 358 15.36 -2.22 23.03
CA LEU A 358 15.26 -0.80 23.30
C LEU A 358 13.87 -0.27 22.92
N LYS A 359 13.22 0.40 23.85
CA LYS A 359 11.88 0.91 23.60
C LYS A 359 11.91 2.04 22.57
N PRO A 360 11.00 1.97 21.59
CA PRO A 360 10.95 2.99 20.55
C PRO A 360 10.64 4.36 21.13
N GLY A 361 11.20 5.44 20.62
CA GLY A 361 10.85 6.75 21.16
C GLY A 361 11.40 7.84 20.22
N GLY A 362 11.80 7.47 18.98
CA GLY A 362 12.42 8.50 18.15
C GLY A 362 11.47 9.31 17.30
N PHE A 363 12.08 10.28 16.60
CA PHE A 363 11.36 11.13 15.67
C PHE A 363 12.11 11.09 14.32
N ALA A 364 11.36 11.13 13.24
CA ALA A 364 11.91 11.14 11.90
C ALA A 364 12.01 12.58 11.43
N PHE A 365 12.58 12.78 10.23
CA PHE A 365 12.76 14.06 9.61
C PHE A 365 11.52 14.53 8.86
N GLN A 366 10.84 13.59 8.21
CA GLN A 366 9.72 13.83 7.32
C GLN A 366 8.42 13.80 8.11
N PHE A 367 7.23 13.80 7.50
CA PHE A 367 6.00 13.73 8.30
C PHE A 367 5.75 12.31 8.79
N ASP A 368 5.98 11.29 7.98
CA ASP A 368 5.60 9.93 8.32
C ASP A 368 6.62 8.93 7.76
N ASN A 369 7.47 8.45 8.65
CA ASN A 369 8.56 7.58 8.26
C ASN A 369 8.99 6.81 9.50
N VAL A 370 8.11 6.01 10.05
CA VAL A 370 8.25 5.35 11.33
C VAL A 370 9.42 4.38 11.43
N TYR A 371 9.86 3.74 10.33
CA TYR A 371 10.93 2.76 10.51
C TYR A 371 12.31 3.39 10.58
N TYR A 372 12.44 4.69 10.32
CA TYR A 372 13.70 5.41 10.26
C TYR A 372 13.78 6.72 11.03
N PRO A 373 13.48 6.72 12.33
CA PRO A 373 13.72 7.88 13.17
C PRO A 373 15.23 8.16 13.11
N ASP A 374 15.66 9.38 13.39
CA ASP A 374 17.07 9.68 13.37
C ASP A 374 17.44 10.43 14.65
N VAL A 375 18.70 10.31 15.03
CA VAL A 375 19.17 10.88 16.30
C VAL A 375 19.09 12.38 16.31
N CYS A 376 19.42 13.10 15.23
CA CYS A 376 19.37 14.54 15.28
C CYS A 376 17.96 15.07 15.52
N ASP A 377 17.00 14.53 14.75
CA ASP A 377 15.61 14.98 14.97
C ASP A 377 15.13 14.61 16.37
N THR A 378 15.48 13.41 16.85
CA THR A 378 15.03 13.07 18.21
C THR A 378 15.65 14.03 19.22
N ALA A 379 16.95 14.30 19.11
CA ALA A 379 17.62 15.22 20.03
C ALA A 379 17.00 16.60 20.01
N VAL A 380 16.81 17.14 18.79
CA VAL A 380 16.27 18.50 18.71
C VAL A 380 14.83 18.53 19.19
N VAL A 381 14.01 17.53 18.88
CA VAL A 381 12.61 17.57 19.32
C VAL A 381 12.51 17.40 20.82
N VAL A 382 13.21 16.45 21.42
CA VAL A 382 13.20 16.25 22.86
C VAL A 382 13.65 17.52 23.59
N TRP A 383 14.69 18.18 23.05
CA TRP A 383 15.18 19.44 23.57
C TRP A 383 14.13 20.54 23.45
N ALA A 384 13.53 20.68 22.27
CA ALA A 384 12.48 21.69 22.07
C ALA A 384 11.33 21.47 23.06
N LEU A 385 10.90 20.22 23.22
CA LEU A 385 9.82 19.90 24.15
C LEU A 385 10.18 20.30 25.58
N ASN A 386 11.45 20.14 25.94
CA ASN A 386 11.94 20.50 27.24
C ASN A 386 11.91 22.00 27.46
N THR A 387 11.73 22.84 26.46
CA THR A 387 11.68 24.27 26.64
C THR A 387 10.23 24.76 26.69
N LEU A 388 9.26 23.83 26.55
CA LEU A 388 7.87 24.27 26.49
C LEU A 388 7.03 23.89 27.70
N ARG A 389 5.89 24.56 27.84
CA ARG A 389 4.91 24.19 28.85
C ARG A 389 3.60 23.97 28.07
N LEU A 390 3.12 22.74 28.08
CA LEU A 390 1.92 22.41 27.31
C LEU A 390 0.76 22.02 28.22
N PRO A 391 -0.45 22.04 27.69
CA PRO A 391 -1.65 21.67 28.44
C PRO A 391 -1.54 20.29 29.06
N ASP A 392 -0.99 19.33 28.33
CA ASP A 392 -0.84 17.98 28.85
C ASP A 392 0.60 17.73 29.26
N GLU A 393 0.93 18.20 30.45
CA GLU A 393 2.28 18.08 30.97
C GLU A 393 2.76 16.65 31.15
N ARG A 394 1.89 15.74 31.55
CA ARG A 394 2.31 14.35 31.72
C ARG A 394 2.69 13.76 30.35
N ARG A 395 1.95 14.14 29.32
CA ARG A 395 2.26 13.61 28.00
C ARG A 395 3.60 14.18 27.52
N ARG A 396 3.89 15.44 27.82
CA ARG A 396 5.13 16.07 27.43
C ARG A 396 6.30 15.36 28.12
N ARG A 397 6.15 15.09 29.40
CA ARG A 397 7.21 14.45 30.18
C ARG A 397 7.44 13.02 29.69
N ASP A 398 6.36 12.30 29.38
CA ASP A 398 6.49 10.93 28.92
C ASP A 398 7.15 10.90 27.55
N ALA A 399 6.79 11.84 26.68
CA ALA A 399 7.42 11.91 25.38
C ALA A 399 8.92 12.18 25.53
N MET A 400 9.27 13.17 26.36
CA MET A 400 10.67 13.49 26.55
C MET A 400 11.42 12.30 27.12
N THR A 401 10.86 11.61 28.10
CA THR A 401 11.55 10.45 28.67
C THR A 401 11.79 9.37 27.63
N LYS A 402 10.76 9.05 26.85
CA LYS A 402 10.88 8.03 25.83
C LYS A 402 11.92 8.44 24.76
N GLY A 403 11.86 9.69 24.33
CA GLY A 403 12.80 10.15 23.30
C GLY A 403 14.25 10.14 23.81
N PHE A 404 14.41 10.65 25.04
CA PHE A 404 15.73 10.73 25.68
C PHE A 404 16.33 9.35 25.84
N ARG A 405 15.48 8.41 26.28
CA ARG A 405 15.95 7.04 26.52
C ARG A 405 16.29 6.37 25.21
N TRP A 406 15.54 6.70 24.17
CA TRP A 406 15.82 6.10 22.85
C TRP A 406 17.20 6.62 22.39
N ILE A 407 17.46 7.91 22.49
CA ILE A 407 18.79 8.42 22.16
C ILE A 407 19.88 7.72 22.97
N VAL A 408 19.69 7.62 24.29
CA VAL A 408 20.70 6.89 25.10
C VAL A 408 20.99 5.52 24.54
N GLY A 409 19.97 4.72 24.23
CA GLY A 409 20.15 3.37 23.72
C GLY A 409 20.80 3.32 22.35
N MET A 410 20.77 4.40 21.55
CA MET A 410 21.39 4.43 20.25
C MET A 410 22.85 4.90 20.27
N GLN A 411 23.46 5.14 21.44
CA GLN A 411 24.85 5.60 21.48
C GLN A 411 25.75 4.51 20.90
N SER A 412 26.72 4.86 20.08
CA SER A 412 27.62 3.82 19.53
C SER A 412 28.77 3.53 20.50
N SER A 413 29.48 2.42 20.29
CA SER A 413 30.58 1.99 21.14
C SER A 413 31.70 3.00 21.34
N ASN A 414 32.01 3.85 20.36
CA ASN A 414 33.09 4.81 20.50
C ASN A 414 32.64 6.05 21.26
N GLY A 415 31.41 6.11 21.75
CA GLY A 415 30.92 7.22 22.55
C GLY A 415 30.13 8.24 21.73
N GLY A 416 30.18 8.13 20.40
CA GLY A 416 29.44 9.13 19.59
C GLY A 416 28.13 8.49 19.12
N TRP A 417 27.36 9.28 18.36
CA TRP A 417 26.15 8.81 17.72
C TRP A 417 26.25 9.02 16.21
N GLY A 418 25.78 8.04 15.46
CA GLY A 418 25.52 8.14 14.03
C GLY A 418 24.05 8.64 13.90
N ALA A 419 23.58 8.81 12.65
CA ALA A 419 22.23 9.36 12.50
C ALA A 419 21.11 8.37 12.70
N TYR A 420 21.22 7.13 12.23
CA TYR A 420 20.13 6.18 12.32
C TYR A 420 20.43 4.89 13.07
N ASP A 421 21.70 4.49 13.14
CA ASP A 421 22.07 3.20 13.68
C ASP A 421 23.24 3.25 14.68
N VAL A 422 23.34 2.13 15.38
CA VAL A 422 24.41 1.90 16.35
C VAL A 422 25.54 1.17 15.60
N ASP A 423 26.75 1.63 15.80
CA ASP A 423 27.93 0.97 15.28
C ASP A 423 27.83 0.57 13.82
N ASN A 424 27.40 1.50 12.97
CA ASN A 424 27.31 1.20 11.53
C ASN A 424 28.66 1.64 10.98
N THR A 425 29.71 0.87 11.32
CA THR A 425 31.09 1.27 11.05
C THR A 425 31.86 0.28 10.20
N SER A 426 31.16 -0.70 9.63
CA SER A 426 31.85 -1.68 8.80
C SER A 426 32.65 -1.00 7.69
N ASP A 427 33.85 -1.54 7.44
CA ASP A 427 34.66 -0.96 6.37
C ASP A 427 34.36 -1.68 5.06
N LEU A 428 33.69 -2.82 5.03
CA LEU A 428 33.45 -3.53 3.79
C LEU A 428 32.63 -2.85 2.70
N PRO A 429 31.49 -2.27 3.00
CA PRO A 429 30.66 -1.58 2.01
C PRO A 429 31.42 -0.53 1.23
N ASN A 430 32.48 0.08 1.73
CA ASN A 430 33.27 1.08 1.07
C ASN A 430 34.11 0.53 -0.07
N HIS A 431 34.25 -0.78 -0.24
CA HIS A 431 35.13 -1.31 -1.26
C HIS A 431 34.43 -1.96 -2.45
N ILE A 432 33.12 -2.08 -2.42
CA ILE A 432 32.39 -2.68 -3.53
C ILE A 432 32.26 -1.62 -4.63
N PRO A 433 32.28 -2.09 -5.87
CA PRO A 433 32.28 -1.22 -7.04
C PRO A 433 31.12 -0.26 -7.08
N PHE A 434 29.98 -0.78 -6.60
CA PHE A 434 28.79 0.00 -6.47
C PHE A 434 28.99 1.30 -5.73
N SER A 435 29.80 1.33 -4.66
CA SER A 435 29.90 2.51 -3.83
C SER A 435 30.89 3.57 -4.24
N ASP A 436 30.73 4.15 -5.43
CA ASP A 436 31.67 5.19 -5.87
C ASP A 436 31.10 6.59 -5.58
N PHE A 437 29.90 6.66 -5.00
CA PHE A 437 29.26 7.96 -4.75
C PHE A 437 28.66 8.04 -3.37
N GLY A 438 28.89 9.14 -2.64
CA GLY A 438 28.26 9.30 -1.33
C GLY A 438 28.85 8.37 -0.25
N GLU A 439 28.16 8.31 0.88
CA GLU A 439 28.58 7.44 1.99
C GLU A 439 27.68 6.22 1.98
N VAL A 440 28.23 5.07 2.28
CA VAL A 440 27.39 3.85 2.19
C VAL A 440 27.17 3.31 3.58
N THR A 441 27.84 3.92 4.57
CA THR A 441 27.68 3.52 5.96
C THR A 441 27.40 4.77 6.79
N ASP A 442 26.94 4.56 8.03
CA ASP A 442 26.56 5.63 8.92
C ASP A 442 27.29 5.57 10.26
N PRO A 443 28.58 5.80 10.30
CA PRO A 443 29.34 5.81 11.56
C PRO A 443 29.04 7.06 12.33
N PRO A 444 29.28 7.02 13.65
CA PRO A 444 29.13 8.18 14.49
C PRO A 444 29.86 9.39 13.94
N SER A 445 29.30 10.58 14.11
CA SER A 445 29.93 11.82 13.69
C SER A 445 29.87 12.86 14.81
N GLU A 446 30.71 13.87 14.70
CA GLU A 446 30.83 14.92 15.70
C GLU A 446 29.58 15.77 15.87
N ASP A 447 28.97 16.20 14.78
CA ASP A 447 27.80 17.10 14.87
C ASP A 447 26.61 16.40 15.50
N VAL A 448 26.36 15.15 15.14
CA VAL A 448 25.21 14.44 15.72
C VAL A 448 25.46 14.28 17.22
N THR A 449 26.66 13.87 17.59
CA THR A 449 27.03 13.72 18.98
C THR A 449 26.85 15.01 19.76
N ALA A 450 27.35 16.14 19.22
CA ALA A 450 27.18 17.44 19.79
C ALA A 450 25.70 17.80 19.97
N HIS A 451 24.83 17.49 18.99
CA HIS A 451 23.40 17.81 19.17
C HIS A 451 22.75 17.00 20.29
N VAL A 452 23.20 15.74 20.40
CA VAL A 452 22.71 14.89 21.49
C VAL A 452 23.11 15.52 22.82
N LEU A 453 24.36 15.96 22.90
CA LEU A 453 24.84 16.54 24.15
C LEU A 453 24.12 17.84 24.50
N GLU A 454 23.80 18.69 23.52
CA GLU A 454 23.04 19.89 23.79
C GLU A 454 21.69 19.54 24.37
N CYS A 455 21.05 18.53 23.78
CA CYS A 455 19.75 18.05 24.30
C CYS A 455 19.92 17.59 25.74
N PHE A 456 20.89 16.70 25.98
CA PHE A 456 21.09 16.17 27.35
C PHE A 456 21.47 17.26 28.34
N GLY A 457 22.29 18.22 27.92
CA GLY A 457 22.70 19.36 28.72
C GLY A 457 21.52 20.25 29.13
N SER A 458 20.45 20.30 28.31
CA SER A 458 19.28 21.10 28.63
C SER A 458 18.53 20.52 29.84
N PHE A 459 18.80 19.29 30.26
CA PHE A 459 18.19 18.68 31.44
C PHE A 459 19.09 18.82 32.67
N GLY A 460 20.22 19.53 32.50
CA GLY A 460 21.17 19.76 33.57
C GLY A 460 22.21 18.66 33.75
N TYR A 461 22.31 17.66 32.88
CA TYR A 461 23.28 16.58 33.12
C TYR A 461 24.68 16.96 32.65
N ASP A 462 25.69 16.27 33.19
CA ASP A 462 27.07 16.61 32.86
C ASP A 462 27.92 15.36 32.71
N ASP A 463 29.23 15.47 32.68
CA ASP A 463 30.10 14.33 32.45
C ASP A 463 30.36 13.40 33.63
N ALA A 464 29.63 13.58 34.72
CA ALA A 464 29.63 12.60 35.82
C ALA A 464 28.83 11.41 35.29
N TRP A 465 27.85 11.70 34.41
CA TRP A 465 27.11 10.62 33.73
C TRP A 465 28.03 10.00 32.67
N LYS A 466 28.37 8.72 32.70
CA LYS A 466 29.26 8.11 31.75
C LYS A 466 28.82 8.23 30.28
N VAL A 467 27.53 8.36 30.01
CA VAL A 467 27.09 8.52 28.62
C VAL A 467 27.71 9.79 28.08
N ILE A 468 27.61 10.88 28.83
CA ILE A 468 28.17 12.14 28.39
C ILE A 468 29.69 12.14 28.38
N ARG A 469 30.29 11.58 29.43
CA ARG A 469 31.75 11.48 29.46
C ARG A 469 32.28 10.76 28.24
N ARG A 470 31.75 9.61 27.89
CA ARG A 470 32.21 8.86 26.72
C ARG A 470 32.08 9.69 25.42
N ALA A 471 31.03 10.49 25.31
CA ALA A 471 30.77 11.37 24.18
C ALA A 471 31.78 12.52 24.10
N VAL A 472 32.08 13.11 25.25
CA VAL A 472 33.06 14.21 25.29
C VAL A 472 34.44 13.66 24.90
N GLU A 473 34.78 12.44 25.37
CA GLU A 473 36.08 11.86 24.99
C GLU A 473 36.13 11.59 23.49
N TYR A 474 35.00 11.13 22.95
CA TYR A 474 34.93 10.95 21.49
C TYR A 474 35.15 12.29 20.80
N LEU A 475 34.48 13.36 21.19
CA LEU A 475 34.71 14.65 20.54
C LEU A 475 36.16 15.10 20.65
N LYS A 476 36.75 14.93 21.83
CA LYS A 476 38.14 15.30 22.05
C LYS A 476 39.07 14.53 21.12
N ARG A 477 38.84 13.25 20.88
CA ARG A 477 39.68 12.49 19.98
C ARG A 477 39.48 12.98 18.53
N GLU A 478 38.30 13.47 18.19
CA GLU A 478 38.06 13.85 16.79
C GLU A 478 38.49 15.27 16.45
N GLN A 479 38.75 16.10 17.47
CA GLN A 479 39.14 17.48 17.17
C GLN A 479 40.31 17.51 16.21
N LYS A 480 40.27 18.42 15.23
CA LYS A 480 41.35 18.45 14.23
C LYS A 480 42.56 19.18 14.80
N PRO A 481 43.70 19.04 14.15
CA PRO A 481 44.92 19.72 14.55
C PRO A 481 44.80 21.22 14.61
N ASP A 482 43.96 21.90 13.79
CA ASP A 482 43.81 23.34 13.89
C ASP A 482 42.81 23.74 14.97
N GLY A 483 42.19 22.81 15.69
CA GLY A 483 41.26 23.18 16.74
C GLY A 483 39.80 23.03 16.32
N SER A 484 39.52 22.84 15.04
CA SER A 484 38.14 22.74 14.59
C SER A 484 37.56 21.35 14.65
N TRP A 485 36.23 21.26 14.40
CA TRP A 485 35.58 19.96 14.28
C TRP A 485 34.87 19.90 12.91
N PHE A 486 34.97 18.79 12.23
CA PHE A 486 34.35 18.54 10.95
C PHE A 486 32.83 18.61 11.00
N GLY A 487 32.20 18.94 9.89
CA GLY A 487 30.75 19.03 9.82
C GLY A 487 30.22 17.90 8.93
N ARG A 488 29.72 16.80 9.52
CA ARG A 488 29.19 15.73 8.67
C ARG A 488 27.90 16.08 7.93
N TRP A 489 26.96 16.77 8.55
CA TRP A 489 25.67 17.08 7.93
C TRP A 489 25.41 18.56 7.70
N GLY A 490 26.35 19.43 8.07
CA GLY A 490 26.25 20.87 7.89
C GLY A 490 27.60 21.40 7.42
N VAL A 491 27.60 22.52 6.69
CA VAL A 491 28.78 22.98 6.00
C VAL A 491 29.66 23.84 6.88
N ASN A 492 30.86 23.64 7.36
CA ASN A 492 31.61 22.43 7.48
C ASN A 492 32.36 22.47 8.81
N TYR A 493 33.57 23.04 8.81
CA TYR A 493 34.26 23.20 10.11
C TYR A 493 33.56 24.26 10.94
N LEU A 494 32.94 25.29 10.38
CA LEU A 494 32.14 26.23 11.15
C LEU A 494 30.95 25.53 11.82
N TYR A 495 30.29 24.66 11.06
CA TYR A 495 29.12 23.93 11.60
C TYR A 495 29.52 22.97 12.71
N GLY A 496 30.50 22.12 12.45
CA GLY A 496 30.93 21.18 13.48
C GLY A 496 31.53 21.90 14.69
N THR A 497 32.33 22.94 14.45
CA THR A 497 32.93 23.66 15.57
C THR A 497 31.86 24.36 16.39
N GLY A 498 30.91 25.01 15.76
CA GLY A 498 29.84 25.69 16.45
C GLY A 498 29.00 24.68 17.25
N ALA A 499 28.64 23.55 16.67
CA ALA A 499 27.84 22.55 17.38
C ALA A 499 28.64 22.00 18.57
N VAL A 500 29.90 21.67 18.35
CA VAL A 500 30.69 21.06 19.43
C VAL A 500 30.94 22.01 20.59
N VAL A 501 31.34 23.25 20.36
CA VAL A 501 31.55 24.15 21.51
C VAL A 501 30.23 24.36 22.23
N SER A 502 29.09 24.60 21.54
CA SER A 502 27.84 24.74 22.24
C SER A 502 27.53 23.51 23.10
N ALA A 503 27.76 22.33 22.53
CA ALA A 503 27.51 21.09 23.27
C ALA A 503 28.37 20.98 24.53
N LEU A 504 29.65 21.28 24.41
CA LEU A 504 30.56 21.18 25.58
C LEU A 504 30.15 22.14 26.69
N LYS A 505 29.78 23.37 26.32
CA LYS A 505 29.29 24.35 27.27
C LYS A 505 28.01 23.81 27.92
N ALA A 506 27.08 23.29 27.12
CA ALA A 506 25.81 22.80 27.64
C ALA A 506 25.94 21.65 28.63
N VAL A 507 26.97 20.79 28.54
CA VAL A 507 27.08 19.73 29.54
C VAL A 507 28.07 20.06 30.64
N GLY A 508 28.34 21.35 30.88
CA GLY A 508 29.22 21.76 31.96
C GLY A 508 30.73 21.69 31.79
N ILE A 509 31.26 21.53 30.58
CA ILE A 509 32.72 21.51 30.41
C ILE A 509 33.19 22.95 30.60
N ASP A 510 34.34 23.11 31.25
CA ASP A 510 34.92 24.44 31.45
C ASP A 510 35.46 24.91 30.10
N THR A 511 34.89 25.96 29.52
CA THR A 511 35.34 26.43 28.22
C THR A 511 36.67 27.15 28.25
N ARG A 512 37.26 27.39 29.42
CA ARG A 512 38.59 27.94 29.53
C ARG A 512 39.64 26.88 29.24
N GLU A 513 39.31 25.58 29.17
CA GLU A 513 40.36 24.61 28.80
C GLU A 513 40.97 24.97 27.45
N PRO A 514 42.26 24.71 27.30
CA PRO A 514 43.00 25.02 26.11
C PRO A 514 42.37 24.49 24.83
N TYR A 515 41.91 23.24 24.77
CA TYR A 515 41.34 22.74 23.50
C TYR A 515 40.12 23.53 23.06
N ILE A 516 39.28 24.04 23.96
CA ILE A 516 38.13 24.85 23.57
C ILE A 516 38.54 26.24 23.20
N GLN A 517 39.51 26.81 23.95
CA GLN A 517 40.04 28.13 23.60
C GLN A 517 40.65 28.09 22.18
N LYS A 518 41.33 27.01 21.82
CA LYS A 518 41.89 26.83 20.51
C LYS A 518 40.78 26.86 19.44
N ALA A 519 39.65 26.17 19.68
CA ALA A 519 38.54 26.19 18.74
C ALA A 519 37.95 27.59 18.60
N LEU A 520 37.82 28.33 19.70
CA LEU A 520 37.30 29.68 19.68
C LEU A 520 38.26 30.60 18.88
N ASP A 521 39.57 30.37 19.02
CA ASP A 521 40.51 31.21 18.25
C ASP A 521 40.43 30.86 16.76
N TRP A 522 40.26 29.56 16.48
CA TRP A 522 40.03 29.14 15.10
C TRP A 522 38.84 29.87 14.54
N VAL A 523 37.74 29.95 15.30
CA VAL A 523 36.56 30.68 14.82
C VAL A 523 36.92 32.14 14.56
N GLU A 524 37.49 32.84 15.55
CA GLU A 524 37.84 34.24 15.29
C GLU A 524 38.77 34.44 14.10
N GLN A 525 39.76 33.54 13.92
CA GLN A 525 40.65 33.70 12.77
C GLN A 525 39.96 33.50 11.44
N HIS A 526 38.74 32.93 11.36
CA HIS A 526 38.11 32.74 10.05
C HIS A 526 37.04 33.76 9.75
N GLN A 527 36.86 34.76 10.59
CA GLN A 527 35.84 35.77 10.35
C GLN A 527 36.16 36.52 9.05
N ASN A 528 35.15 36.89 8.27
CA ASN A 528 35.43 37.60 7.04
C ASN A 528 35.49 39.11 7.32
N PRO A 529 36.00 39.84 6.36
CA PRO A 529 36.10 41.29 6.47
C PRO A 529 34.76 41.96 6.66
N ASP A 530 33.66 41.40 6.11
CA ASP A 530 32.35 41.99 6.30
C ASP A 530 31.78 41.69 7.69
N GLY A 531 32.45 40.92 8.52
CA GLY A 531 31.95 40.64 9.87
C GLY A 531 31.20 39.31 9.98
N GLY A 532 30.79 38.77 8.83
CA GLY A 532 30.10 37.48 8.87
C GLY A 532 31.16 36.37 8.75
N TRP A 533 30.67 35.14 8.76
CA TRP A 533 31.50 33.97 8.51
C TRP A 533 30.80 33.21 7.36
N GLY A 534 31.59 32.48 6.60
CA GLY A 534 31.07 31.67 5.51
C GLY A 534 32.05 30.51 5.30
N GLU A 535 31.53 29.48 4.63
CA GLU A 535 32.36 28.32 4.33
C GLU A 535 31.79 27.65 3.08
N ASP A 536 32.61 27.63 2.01
CA ASP A 536 32.10 27.07 0.75
C ASP A 536 32.06 25.55 0.82
N CYS A 537 31.24 24.86 0.00
CA CYS A 537 31.24 23.42 -0.05
C CYS A 537 32.55 22.89 -0.59
N ARG A 538 33.42 23.66 -1.25
CA ARG A 538 34.75 23.22 -1.61
C ARG A 538 35.59 22.79 -0.41
N SER A 539 35.19 23.24 0.80
CA SER A 539 35.81 22.85 2.04
C SER A 539 36.00 21.34 2.21
N TYR A 540 35.10 20.51 1.72
CA TYR A 540 35.18 19.07 1.90
C TYR A 540 36.34 18.43 1.12
N GLU A 541 36.76 19.00 0.00
CA GLU A 541 37.83 18.38 -0.75
C GLU A 541 39.08 19.26 -0.77
N ASP A 542 39.09 20.43 -0.18
CA ASP A 542 40.27 21.29 -0.28
C ASP A 542 40.52 21.97 1.05
N PRO A 543 41.66 21.67 1.67
CA PRO A 543 42.07 22.25 2.93
C PRO A 543 42.14 23.76 2.90
N ALA A 544 42.39 24.38 1.74
CA ALA A 544 42.44 25.83 1.68
C ALA A 544 41.09 26.49 1.90
N TYR A 545 39.99 25.72 1.83
CA TYR A 545 38.68 26.28 2.05
C TYR A 545 38.12 25.99 3.45
N ALA A 546 38.94 25.41 4.33
CA ALA A 546 38.47 25.14 5.70
C ALA A 546 38.04 26.45 6.34
N GLY A 547 36.79 26.55 6.76
CA GLY A 547 36.22 27.74 7.34
C GLY A 547 36.22 28.95 6.42
N LYS A 548 36.22 28.76 5.10
CA LYS A 548 36.36 29.89 4.19
C LYS A 548 35.29 29.88 3.08
N GLY A 549 34.70 31.03 2.84
CA GLY A 549 33.68 31.16 1.78
C GLY A 549 32.96 32.50 1.93
N ALA A 550 32.07 32.84 0.99
CA ALA A 550 31.27 34.04 1.16
C ALA A 550 30.51 33.89 2.48
N SER A 551 30.33 35.01 3.19
CA SER A 551 29.55 35.00 4.42
C SER A 551 28.11 34.60 4.12
N THR A 552 27.50 33.87 5.03
CA THR A 552 26.09 33.47 4.95
C THR A 552 25.49 33.72 6.34
N PRO A 553 24.21 33.94 6.42
CA PRO A 553 23.55 34.12 7.68
C PRO A 553 23.65 32.90 8.58
N SER A 554 23.44 31.68 8.07
CA SER A 554 23.49 30.52 8.92
C SER A 554 24.89 30.22 9.42
N GLN A 555 25.94 30.36 8.62
CA GLN A 555 27.30 30.08 9.08
C GLN A 555 27.79 31.17 10.03
N THR A 556 27.36 32.41 9.85
CA THR A 556 27.67 33.48 10.80
C THR A 556 27.00 33.13 12.13
N ALA A 557 25.74 32.68 12.06
CA ALA A 557 25.06 32.25 13.27
C ALA A 557 25.80 31.12 13.98
N TRP A 558 26.27 30.11 13.24
CA TRP A 558 27.03 29.02 13.90
C TRP A 558 28.29 29.52 14.58
N ALA A 559 29.04 30.39 13.91
CA ALA A 559 30.29 30.95 14.50
C ALA A 559 29.96 31.74 15.76
N LEU A 560 28.94 32.58 15.69
CA LEU A 560 28.46 33.38 16.81
C LEU A 560 28.11 32.51 18.01
N MET A 561 27.40 31.42 17.74
CA MET A 561 27.02 30.49 18.81
C MET A 561 28.23 29.86 19.43
N ALA A 562 29.25 29.53 18.63
CA ALA A 562 30.49 29.01 19.21
C ALA A 562 31.08 30.07 20.16
N LEU A 563 31.17 31.33 19.71
CA LEU A 563 31.76 32.40 20.52
C LEU A 563 30.99 32.69 21.80
N ILE A 564 29.66 32.71 21.70
CA ILE A 564 28.79 32.97 22.85
C ILE A 564 28.90 31.83 23.87
N ALA A 565 28.85 30.58 23.38
CA ALA A 565 28.99 29.42 24.27
C ALA A 565 30.35 29.42 24.98
N GLY A 566 31.39 29.90 24.28
CA GLY A 566 32.75 29.94 24.80
C GLY A 566 33.06 31.14 25.68
N GLY A 567 32.09 31.97 26.02
CA GLY A 567 32.27 33.11 26.89
C GLY A 567 32.78 34.37 26.18
N ARG A 568 32.70 34.38 24.85
CA ARG A 568 33.16 35.54 24.09
C ARG A 568 32.03 36.34 23.45
N ALA A 569 30.87 36.40 24.07
CA ALA A 569 29.80 37.26 23.54
C ALA A 569 30.24 38.71 23.47
N GLU A 570 30.96 39.20 24.46
CA GLU A 570 31.50 40.53 24.57
C GLU A 570 32.92 40.56 23.99
N SER A 571 33.03 40.46 22.71
CA SER A 571 34.31 40.42 22.02
C SER A 571 34.07 41.23 20.74
N GLU A 572 35.09 41.79 20.13
CA GLU A 572 34.91 42.50 18.87
C GLU A 572 34.37 41.56 17.77
N ALA A 573 34.84 40.31 17.73
CA ALA A 573 34.41 39.32 16.74
C ALA A 573 32.91 39.10 16.82
N ALA A 574 32.37 38.86 18.04
CA ALA A 574 30.92 38.67 18.17
C ALA A 574 30.16 39.93 17.85
N ARG A 575 30.66 41.11 18.32
CA ARG A 575 29.98 42.35 17.97
C ARG A 575 29.86 42.56 16.46
N ARG A 576 30.93 42.26 15.74
CA ARG A 576 30.94 42.44 14.29
C ARG A 576 30.02 41.41 13.62
N GLY A 577 29.96 40.17 14.11
CA GLY A 577 29.05 39.17 13.57
C GLY A 577 27.60 39.58 13.77
N VAL A 578 27.28 40.13 14.95
CA VAL A 578 25.92 40.58 15.23
C VAL A 578 25.59 41.75 14.32
N GLN A 579 26.55 42.67 14.12
CA GLN A 579 26.32 43.82 13.27
C GLN A 579 26.09 43.33 11.85
N TYR A 580 26.88 42.39 11.35
CA TYR A 580 26.70 41.79 10.04
C TYR A 580 25.27 41.26 9.88
N LEU A 581 24.74 40.55 10.87
CA LEU A 581 23.38 40.05 10.78
C LEU A 581 22.38 41.21 10.75
N VAL A 582 22.61 42.23 11.57
CA VAL A 582 21.76 43.41 11.60
C VAL A 582 21.72 44.06 10.22
N GLU A 583 22.90 44.29 9.64
CA GLU A 583 23.02 44.98 8.38
C GLU A 583 22.51 44.17 7.19
N THR A 584 22.56 42.83 7.24
CA THR A 584 22.15 42.09 6.05
C THR A 584 20.69 41.62 6.11
N GLN A 585 20.01 41.81 7.23
CA GLN A 585 18.64 41.38 7.38
C GLN A 585 17.76 42.06 6.33
N ARG A 586 16.84 41.34 5.73
CA ARG A 586 15.97 41.93 4.70
C ARG A 586 14.89 42.76 5.39
N PRO A 587 14.20 43.61 4.64
CA PRO A 587 13.08 44.38 5.17
C PRO A 587 12.02 43.47 5.77
N ASP A 588 11.74 42.27 5.23
CA ASP A 588 10.72 41.42 5.85
C ASP A 588 11.20 40.73 7.12
N GLY A 589 12.46 40.87 7.54
CA GLY A 589 12.89 40.25 8.79
C GLY A 589 13.66 38.95 8.60
N GLY A 590 13.68 38.42 7.38
CA GLY A 590 14.42 37.20 7.09
C GLY A 590 15.78 37.56 6.47
N TRP A 591 16.57 36.55 6.08
CA TRP A 591 17.85 36.82 5.45
C TRP A 591 17.93 36.04 4.14
N ASP A 592 18.71 36.52 3.19
CA ASP A 592 18.93 35.77 1.95
C ASP A 592 20.10 34.80 2.19
N GLU A 593 20.18 33.75 1.41
CA GLU A 593 21.32 32.82 1.52
C GLU A 593 21.40 32.02 0.23
N PRO A 594 22.14 32.54 -0.77
CA PRO A 594 22.24 31.87 -2.06
C PRO A 594 23.27 30.74 -2.09
N TYR A 595 23.93 30.38 -0.99
CA TYR A 595 24.87 29.31 -0.89
C TYR A 595 24.33 28.17 -0.01
N TYR A 596 24.70 26.95 -0.32
CA TYR A 596 24.22 25.83 0.50
C TYR A 596 25.05 25.71 1.77
N THR A 597 24.36 25.41 2.87
CA THR A 597 25.09 25.26 4.13
C THR A 597 24.76 23.90 4.75
N GLY A 598 24.12 23.03 3.97
CA GLY A 598 23.80 21.67 4.43
C GLY A 598 24.59 20.64 3.68
N THR A 599 24.86 19.49 4.30
CA THR A 599 25.64 18.44 3.65
C THR A 599 24.89 17.13 3.64
N GLY A 600 24.72 16.50 2.47
CA GLY A 600 24.07 15.18 2.46
C GLY A 600 25.16 14.12 2.55
N PHE A 601 26.18 14.19 1.68
CA PHE A 601 27.34 13.35 1.67
C PHE A 601 28.58 14.22 1.39
N PRO A 602 29.52 14.24 2.33
CA PRO A 602 30.75 15.03 2.15
C PRO A 602 31.34 14.77 0.79
N GLY A 603 31.69 15.80 0.04
CA GLY A 603 32.22 15.71 -1.27
C GLY A 603 31.27 15.52 -2.42
N ASP A 604 30.13 14.83 -2.25
CA ASP A 604 29.27 14.40 -3.35
C ASP A 604 27.87 14.93 -3.39
N PHE A 605 27.30 15.37 -2.25
CA PHE A 605 25.88 15.73 -2.26
C PHE A 605 25.62 16.78 -1.21
N TYR A 606 25.18 17.95 -1.67
CA TYR A 606 24.99 19.11 -0.80
C TYR A 606 23.54 19.55 -0.77
N LEU A 607 23.18 20.22 0.31
CA LEU A 607 21.80 20.61 0.55
C LEU A 607 21.62 22.06 0.97
N GLY A 608 20.55 22.67 0.45
CA GLY A 608 20.18 24.04 0.88
C GLY A 608 18.90 23.89 1.72
N TYR A 609 19.05 23.96 3.03
CA TYR A 609 17.95 23.91 3.99
C TYR A 609 17.42 25.35 4.00
N THR A 610 16.31 25.61 3.32
CA THR A 610 15.87 26.98 3.12
C THR A 610 15.43 27.70 4.38
N MET A 611 15.16 27.04 5.49
CA MET A 611 14.83 27.73 6.73
C MET A 611 16.10 28.16 7.50
N TYR A 612 17.26 27.59 7.22
CA TYR A 612 18.46 27.89 8.02
C TYR A 612 18.76 29.39 8.06
N ARG A 613 18.58 30.05 6.92
CA ARG A 613 18.89 31.48 6.80
C ARG A 613 18.06 32.34 7.75
N HIS A 614 16.90 31.85 8.23
CA HIS A 614 16.08 32.60 9.13
C HIS A 614 16.18 32.08 10.54
N VAL A 615 16.11 30.76 10.70
CA VAL A 615 16.10 30.19 12.05
C VAL A 615 17.43 30.28 12.78
N PHE A 616 18.56 30.15 12.05
CA PHE A 616 19.84 30.19 12.76
C PHE A 616 20.18 31.58 13.25
N PRO A 617 20.00 32.64 12.47
CA PRO A 617 20.24 34.01 12.92
C PRO A 617 19.31 34.35 14.09
N THR A 618 18.05 33.93 14.03
CA THR A 618 17.14 34.16 15.14
C THR A 618 17.65 33.49 16.41
N LEU A 619 18.10 32.22 16.27
CA LEU A 619 18.63 31.50 17.43
C LEU A 619 19.88 32.18 18.00
N ALA A 620 20.83 32.48 17.11
CA ALA A 620 22.10 33.09 17.54
C ALA A 620 21.86 34.46 18.21
N LEU A 621 20.99 35.27 17.61
CA LEU A 621 20.69 36.59 18.18
C LEU A 621 19.99 36.46 19.51
N GLY A 622 19.10 35.48 19.69
CA GLY A 622 18.48 35.24 20.98
C GLY A 622 19.49 34.81 22.03
N ARG A 623 20.44 33.93 21.65
CA ARG A 623 21.46 33.54 22.62
C ARG A 623 22.36 34.74 22.96
N TYR A 624 22.64 35.54 21.95
CA TYR A 624 23.45 36.73 22.13
C TYR A 624 22.77 37.66 23.14
N LYS A 625 21.49 37.96 22.89
CA LYS A 625 20.73 38.83 23.79
C LYS A 625 20.77 38.30 25.23
N GLN A 626 20.55 37.01 25.40
CA GLN A 626 20.60 36.44 26.74
C GLN A 626 21.97 36.57 27.39
N ALA A 627 23.03 36.39 26.61
CA ALA A 627 24.38 36.47 27.18
C ALA A 627 24.69 37.91 27.58
N ILE A 628 24.29 38.87 26.77
CA ILE A 628 24.50 40.28 27.00
C ILE A 628 23.66 40.78 28.16
N GLU A 629 22.44 40.29 28.31
CA GLU A 629 21.58 40.69 29.42
C GLU A 629 22.07 40.14 30.74
N ARG A 630 22.59 38.92 30.76
CA ARG A 630 23.07 38.27 31.97
C ARG A 630 24.49 38.62 32.37
N ALA B 8 -46.14 -6.85 -34.79
CA ALA B 8 -45.03 -7.46 -33.98
C ALA B 8 -45.63 -8.03 -32.71
N PRO B 9 -45.35 -9.30 -32.42
CA PRO B 9 -45.86 -9.95 -31.23
C PRO B 9 -45.48 -9.19 -29.96
N ALA B 10 -46.25 -9.41 -28.89
CA ALA B 10 -46.04 -8.77 -27.60
C ALA B 10 -44.63 -8.94 -27.08
N TYR B 11 -44.07 -10.15 -27.15
CA TYR B 11 -42.73 -10.40 -26.67
C TYR B 11 -41.68 -9.56 -27.38
N ALA B 12 -41.87 -9.23 -28.66
CA ALA B 12 -40.87 -8.44 -29.36
C ALA B 12 -40.80 -7.00 -28.85
N ARG B 13 -41.93 -6.42 -28.48
CA ARG B 13 -41.98 -5.07 -27.94
C ARG B 13 -41.44 -5.05 -26.53
N THR B 14 -41.74 -6.13 -25.79
CA THR B 14 -41.17 -6.31 -24.45
C THR B 14 -39.65 -6.36 -24.53
N LEU B 15 -39.13 -7.15 -25.46
CA LEU B 15 -37.70 -7.23 -25.69
C LEU B 15 -37.09 -5.87 -26.03
N ASP B 16 -37.71 -5.14 -26.97
CA ASP B 16 -37.22 -3.81 -27.34
C ASP B 16 -37.07 -2.89 -26.12
N ARG B 17 -38.05 -2.89 -25.26
CA ARG B 17 -38.07 -2.08 -24.05
C ARG B 17 -37.01 -2.55 -23.05
N ALA B 18 -36.77 -3.85 -22.99
CA ALA B 18 -35.75 -4.42 -22.11
C ALA B 18 -34.36 -3.98 -22.59
N VAL B 19 -34.15 -4.03 -23.91
CA VAL B 19 -32.89 -3.62 -24.51
C VAL B 19 -32.62 -2.16 -24.21
N GLU B 20 -33.62 -1.30 -24.39
CA GLU B 20 -33.45 0.12 -24.10
C GLU B 20 -33.11 0.33 -22.62
N TYR B 21 -33.82 -0.37 -21.74
CA TYR B 21 -33.59 -0.22 -20.32
C TYR B 21 -32.17 -0.67 -19.96
N LEU B 22 -31.79 -1.84 -20.46
CA LEU B 22 -30.43 -2.33 -20.18
C LEU B 22 -29.38 -1.35 -20.70
N LEU B 23 -29.53 -0.81 -21.91
CA LEU B 23 -28.59 0.18 -22.42
C LEU B 23 -28.59 1.43 -21.55
N SER B 24 -29.72 1.85 -20.99
CA SER B 24 -29.71 3.04 -20.15
C SER B 24 -28.98 2.81 -18.83
N CYS B 25 -28.77 1.56 -18.40
CA CYS B 25 -28.04 1.25 -17.18
C CYS B 25 -26.54 1.24 -17.40
N GLN B 26 -26.09 1.21 -18.66
CA GLN B 26 -24.67 1.15 -18.93
C GLN B 26 -23.95 2.41 -18.45
N LYS B 27 -22.77 2.19 -17.86
CA LYS B 27 -21.99 3.36 -17.43
C LYS B 27 -21.30 3.92 -18.67
N ASP B 28 -20.94 5.19 -18.60
CA ASP B 28 -20.24 5.89 -19.67
C ASP B 28 -18.97 5.19 -20.13
N GLU B 29 -18.21 4.66 -19.16
CA GLU B 29 -16.99 3.94 -19.50
C GLU B 29 -17.27 2.62 -20.21
N GLY B 30 -18.52 2.13 -20.21
CA GLY B 30 -18.79 0.92 -20.98
C GLY B 30 -19.18 -0.30 -20.20
N TYR B 31 -19.01 -0.28 -18.88
CA TYR B 31 -19.35 -1.47 -18.09
C TYR B 31 -20.75 -1.29 -17.51
N TRP B 32 -21.29 -2.36 -16.97
CA TRP B 32 -22.53 -2.35 -16.20
C TRP B 32 -22.13 -2.74 -14.77
N TRP B 33 -22.89 -2.31 -13.78
CA TRP B 33 -22.51 -2.64 -12.40
C TRP B 33 -23.71 -2.46 -11.50
N GLY B 34 -24.27 -3.54 -10.96
CA GLY B 34 -25.39 -3.30 -10.03
C GLY B 34 -24.92 -3.68 -8.62
N PRO B 35 -25.50 -3.05 -7.61
CA PRO B 35 -25.19 -3.37 -6.22
C PRO B 35 -25.42 -4.85 -5.95
N LEU B 36 -24.57 -5.41 -5.09
CA LEU B 36 -24.67 -6.80 -4.69
C LEU B 36 -25.20 -6.87 -3.25
N LEU B 37 -26.41 -7.38 -3.10
CA LEU B 37 -27.05 -7.39 -1.78
C LEU B 37 -26.81 -8.69 -1.01
N SER B 38 -26.76 -8.58 0.31
CA SER B 38 -26.56 -9.84 1.07
C SER B 38 -27.33 -9.68 2.37
N ASN B 39 -26.65 -9.49 3.48
CA ASN B 39 -27.36 -9.41 4.77
C ASN B 39 -26.67 -8.37 5.64
N VAL B 40 -27.26 -8.00 6.77
CA VAL B 40 -26.75 -6.92 7.61
C VAL B 40 -25.50 -7.21 8.41
N THR B 41 -24.96 -8.45 8.41
CA THR B 41 -23.67 -8.65 9.07
C THR B 41 -22.59 -7.83 8.36
N MET B 42 -22.70 -7.53 7.06
CA MET B 42 -21.64 -6.73 6.44
C MET B 42 -21.50 -5.40 7.19
N GLU B 43 -22.64 -4.72 7.39
CA GLU B 43 -22.66 -3.40 7.99
C GLU B 43 -22.48 -3.45 9.50
N ALA B 44 -22.99 -4.51 10.15
CA ALA B 44 -22.80 -4.60 11.59
C ALA B 44 -21.30 -4.76 11.87
N GLU B 45 -20.62 -5.60 11.08
CA GLU B 45 -19.18 -5.76 11.22
C GLU B 45 -18.42 -4.52 10.81
N TYR B 46 -18.90 -3.72 9.87
CA TYR B 46 -18.23 -2.45 9.54
C TYR B 46 -18.30 -1.54 10.76
N VAL B 47 -19.42 -1.52 11.48
CA VAL B 47 -19.54 -0.70 12.69
C VAL B 47 -18.49 -1.10 13.70
N LEU B 48 -18.40 -2.42 13.98
CA LEU B 48 -17.36 -2.89 14.92
C LEU B 48 -15.97 -2.65 14.38
N LEU B 49 -15.72 -2.77 13.07
CA LEU B 49 -14.40 -2.46 12.51
C LEU B 49 -14.08 -0.99 12.81
N CYS B 50 -15.04 -0.10 12.57
CA CYS B 50 -14.81 1.31 12.85
C CYS B 50 -14.46 1.54 14.33
N HIS B 51 -15.16 0.87 15.24
CA HIS B 51 -14.87 0.95 16.65
C HIS B 51 -13.43 0.48 16.89
N ILE B 52 -13.08 -0.69 16.36
CA ILE B 52 -11.73 -1.22 16.61
C ILE B 52 -10.66 -0.28 16.08
N LEU B 53 -10.89 0.36 14.93
CA LEU B 53 -9.87 1.22 14.35
C LEU B 53 -9.98 2.65 14.89
N ASP B 54 -10.92 2.88 15.79
CA ASP B 54 -11.17 4.21 16.34
C ASP B 54 -11.47 5.25 15.26
N ARG B 55 -12.31 4.92 14.29
CA ARG B 55 -12.65 5.78 13.18
C ARG B 55 -14.17 5.69 12.94
N VAL B 56 -14.91 6.15 13.94
CA VAL B 56 -16.34 6.13 13.91
C VAL B 56 -16.83 7.48 13.40
N ASP B 57 -17.49 7.46 12.25
CA ASP B 57 -18.06 8.63 11.62
C ASP B 57 -19.55 8.66 11.96
N ARG B 58 -19.93 9.63 12.79
CA ARG B 58 -21.30 9.71 13.26
C ARG B 58 -22.39 9.74 12.20
N ASP B 59 -22.24 10.47 11.12
CA ASP B 59 -23.21 10.54 10.03
C ASP B 59 -23.33 9.16 9.36
N ARG B 60 -22.20 8.50 9.15
CA ARG B 60 -22.25 7.13 8.57
C ARG B 60 -22.98 6.22 9.54
N MET B 61 -22.73 6.34 10.85
CA MET B 61 -23.44 5.50 11.85
C MET B 61 -24.95 5.71 11.81
N GLU B 62 -25.43 6.94 11.62
CA GLU B 62 -26.86 7.23 11.51
C GLU B 62 -27.43 6.53 10.29
N LYS B 63 -26.71 6.58 9.15
CA LYS B 63 -27.20 5.90 7.95
C LYS B 63 -27.22 4.38 8.10
N ILE B 64 -26.25 3.81 8.81
CA ILE B 64 -26.24 2.38 9.06
C ILE B 64 -27.38 2.02 10.00
N ARG B 65 -27.61 2.85 11.01
CA ARG B 65 -28.75 2.59 11.91
C ARG B 65 -30.03 2.52 11.09
N ARG B 66 -30.22 3.51 10.23
CA ARG B 66 -31.40 3.59 9.36
C ARG B 66 -31.51 2.35 8.48
N TYR B 67 -30.40 1.90 7.91
CA TYR B 67 -30.44 0.67 7.09
C TYR B 67 -30.74 -0.55 7.94
N LEU B 68 -30.13 -0.69 9.11
CA LEU B 68 -30.38 -1.88 9.95
C LEU B 68 -31.85 -1.99 10.32
N LEU B 69 -32.45 -0.84 10.71
CA LEU B 69 -33.87 -0.82 11.08
C LEU B 69 -34.73 -1.09 9.87
N HIS B 70 -34.33 -0.59 8.71
CA HIS B 70 -35.13 -0.82 7.48
C HIS B 70 -35.12 -2.31 7.17
N GLU B 71 -34.00 -3.00 7.38
CA GLU B 71 -33.93 -4.43 7.07
C GLU B 71 -34.58 -5.31 8.11
N GLN B 72 -34.83 -4.80 9.31
CA GLN B 72 -35.43 -5.58 10.39
C GLN B 72 -36.90 -5.88 10.08
N ARG B 73 -37.33 -7.13 10.26
CA ARG B 73 -38.75 -7.43 9.97
C ARG B 73 -39.58 -7.01 11.18
N GLU B 74 -40.91 -7.01 11.02
CA GLU B 74 -41.84 -6.66 12.09
C GLU B 74 -41.70 -7.49 13.36
N ASP B 75 -41.27 -8.76 13.27
CA ASP B 75 -41.03 -9.56 14.48
C ASP B 75 -39.70 -9.27 15.16
N GLY B 76 -38.95 -8.28 14.66
CA GLY B 76 -37.69 -7.88 15.28
C GLY B 76 -36.47 -8.65 14.78
N THR B 77 -36.64 -9.55 13.82
CA THR B 77 -35.47 -10.33 13.36
C THR B 77 -34.92 -9.91 12.01
N TRP B 78 -33.70 -10.37 11.72
CA TRP B 78 -33.11 -10.19 10.42
C TRP B 78 -32.92 -11.59 9.81
N ALA B 79 -32.86 -11.65 8.50
CA ALA B 79 -32.73 -12.92 7.77
C ALA B 79 -31.56 -12.85 6.81
N LEU B 80 -31.19 -13.99 6.24
CA LEU B 80 -30.12 -14.10 5.27
C LEU B 80 -30.60 -13.67 3.89
N TYR B 81 -31.90 -13.67 3.68
CA TYR B 81 -32.50 -13.28 2.42
C TYR B 81 -33.95 -12.82 2.62
N PRO B 82 -34.50 -12.07 1.69
CA PRO B 82 -35.84 -11.54 1.82
C PRO B 82 -36.85 -12.67 1.98
N GLY B 83 -37.65 -12.56 3.01
CA GLY B 83 -38.69 -13.53 3.40
C GLY B 83 -38.13 -14.74 4.13
N GLY B 84 -36.82 -14.78 4.40
CA GLY B 84 -36.24 -15.95 5.04
C GLY B 84 -36.55 -16.06 6.51
N PRO B 85 -36.21 -17.23 7.09
CA PRO B 85 -36.44 -17.47 8.50
C PRO B 85 -35.52 -16.53 9.29
N PRO B 86 -35.93 -16.18 10.51
CA PRO B 86 -35.09 -15.36 11.36
C PRO B 86 -33.75 -16.06 11.53
N ASP B 87 -32.66 -15.33 11.44
CA ASP B 87 -31.32 -15.87 11.54
C ASP B 87 -30.64 -15.39 12.83
N LEU B 88 -30.23 -16.32 13.70
CA LEU B 88 -29.61 -15.93 14.95
C LEU B 88 -28.36 -15.09 14.79
N ASP B 89 -27.38 -15.58 14.02
CA ASP B 89 -26.12 -14.89 13.88
C ASP B 89 -26.33 -13.44 13.40
N THR B 90 -27.14 -13.31 12.36
CA THR B 90 -27.37 -12.00 11.76
C THR B 90 -28.09 -11.05 12.72
N THR B 91 -29.10 -11.56 13.45
CA THR B 91 -29.84 -10.78 14.42
C THR B 91 -28.95 -10.34 15.58
N ILE B 92 -28.07 -11.21 16.10
CA ILE B 92 -27.13 -10.82 17.13
C ILE B 92 -26.25 -9.65 16.65
N GLU B 93 -25.59 -9.80 15.48
CA GLU B 93 -24.72 -8.74 15.00
C GLU B 93 -25.48 -7.44 14.76
N ALA B 94 -26.69 -7.44 14.22
CA ALA B 94 -27.42 -6.18 14.04
C ALA B 94 -27.78 -5.55 15.38
N TYR B 95 -28.16 -6.38 16.36
CA TYR B 95 -28.48 -5.89 17.70
C TYR B 95 -27.26 -5.23 18.32
N VAL B 96 -26.09 -5.86 18.27
CA VAL B 96 -24.88 -5.31 18.83
C VAL B 96 -24.55 -3.97 18.16
N ALA B 97 -24.61 -3.91 16.84
CA ALA B 97 -24.25 -2.70 16.11
C ALA B 97 -25.25 -1.57 16.46
N LEU B 98 -26.53 -1.90 16.48
CA LEU B 98 -27.54 -0.90 16.89
C LEU B 98 -27.29 -0.37 18.28
N LYS B 99 -27.00 -1.22 19.26
CA LYS B 99 -26.74 -0.73 20.63
C LYS B 99 -25.51 0.16 20.62
N TYR B 100 -24.44 -0.24 19.90
CA TYR B 100 -23.25 0.56 19.78
C TYR B 100 -23.56 1.95 19.18
N ILE B 101 -24.34 2.00 18.11
CA ILE B 101 -24.70 3.26 17.47
C ILE B 101 -25.48 4.15 18.44
N GLY B 102 -26.33 3.57 19.28
CA GLY B 102 -26.97 4.36 20.30
C GLY B 102 -28.35 3.97 20.74
N MET B 103 -29.00 2.99 20.13
CA MET B 103 -30.33 2.61 20.56
C MET B 103 -30.20 1.99 21.96
N SER B 104 -31.20 2.30 22.77
CA SER B 104 -31.24 1.69 24.10
C SER B 104 -31.84 0.29 23.95
N ARG B 105 -31.46 -0.65 24.81
CA ARG B 105 -32.07 -1.97 24.83
C ARG B 105 -33.56 -1.91 25.18
N ASP B 106 -34.07 -0.82 25.72
CA ASP B 106 -35.49 -0.64 26.01
C ASP B 106 -36.32 -0.19 24.81
N GLU B 107 -35.72 0.20 23.68
CA GLU B 107 -36.53 0.54 22.51
C GLU B 107 -37.17 -0.73 21.95
N GLU B 108 -38.38 -0.60 21.39
CA GLU B 108 -39.12 -1.74 20.90
C GLU B 108 -38.39 -2.65 19.93
N PRO B 109 -37.77 -2.12 18.88
CA PRO B 109 -37.00 -2.92 17.95
C PRO B 109 -35.90 -3.71 18.66
N MET B 110 -35.25 -3.15 19.70
CA MET B 110 -34.23 -3.87 20.42
C MET B 110 -34.84 -4.98 21.28
N GLN B 111 -35.97 -4.69 21.91
CA GLN B 111 -36.63 -5.73 22.71
C GLN B 111 -37.06 -6.93 21.90
N LYS B 112 -37.62 -6.65 20.69
CA LYS B 112 -38.06 -7.78 19.87
C LYS B 112 -36.88 -8.63 19.41
N ALA B 113 -35.82 -7.91 19.00
CA ALA B 113 -34.62 -8.60 18.56
C ALA B 113 -34.06 -9.47 19.69
N LEU B 114 -33.95 -8.91 20.89
CA LEU B 114 -33.46 -9.64 22.05
C LEU B 114 -34.33 -10.86 22.34
N ARG B 115 -35.65 -10.67 22.30
CA ARG B 115 -36.50 -11.85 22.56
C ARG B 115 -36.14 -13.01 21.62
N PHE B 116 -35.97 -12.68 20.30
CA PHE B 116 -35.63 -13.77 19.38
C PHE B 116 -34.27 -14.36 19.75
N ILE B 117 -33.27 -13.50 19.98
CA ILE B 117 -31.92 -13.98 20.29
C ILE B 117 -31.91 -14.94 21.48
N GLN B 118 -32.56 -14.50 22.58
CA GLN B 118 -32.62 -15.34 23.79
C GLN B 118 -33.44 -16.60 23.58
N SER B 119 -34.45 -16.58 22.72
CA SER B 119 -35.24 -17.77 22.41
C SER B 119 -34.43 -18.84 21.68
N GLN B 120 -33.30 -18.48 21.07
CA GLN B 120 -32.50 -19.39 20.29
C GLN B 120 -31.18 -19.75 20.94
N GLY B 121 -31.02 -19.45 22.23
CA GLY B 121 -29.78 -19.82 22.89
C GLY B 121 -28.70 -18.75 22.88
N GLY B 122 -29.00 -17.52 22.52
CA GLY B 122 -28.04 -16.43 22.60
C GLY B 122 -26.71 -16.59 21.91
N ILE B 123 -25.72 -15.84 22.38
CA ILE B 123 -24.37 -15.80 21.83
C ILE B 123 -23.69 -17.15 21.82
N GLU B 124 -23.89 -18.01 22.84
CA GLU B 124 -23.24 -19.32 22.80
C GLU B 124 -23.82 -20.20 21.69
N SER B 125 -24.96 -19.94 21.10
CA SER B 125 -25.45 -20.77 19.99
C SER B 125 -25.08 -20.19 18.60
N SER B 126 -24.30 -19.13 18.58
CA SER B 126 -23.95 -18.43 17.35
C SER B 126 -22.67 -18.93 16.74
N ARG B 127 -22.51 -18.67 15.45
CA ARG B 127 -21.36 -19.16 14.70
C ARG B 127 -20.06 -18.57 15.22
N VAL B 128 -18.96 -19.25 14.83
CA VAL B 128 -17.63 -18.81 15.23
C VAL B 128 -17.39 -17.33 14.92
N PHE B 129 -17.66 -16.91 13.69
CA PHE B 129 -17.34 -15.50 13.36
C PHE B 129 -18.10 -14.52 14.25
N THR B 130 -19.35 -14.78 14.62
CA THR B 130 -20.08 -13.89 15.52
C THR B 130 -19.46 -13.82 16.90
N ARG B 131 -19.09 -14.98 17.45
CA ARG B 131 -18.42 -14.99 18.76
C ARG B 131 -17.06 -14.31 18.70
N MET B 132 -16.40 -14.45 17.54
CA MET B 132 -15.06 -13.87 17.40
C MET B 132 -15.16 -12.35 17.32
N TRP B 133 -16.12 -11.81 16.57
CA TRP B 133 -16.30 -10.35 16.54
C TRP B 133 -16.61 -9.85 17.96
N LEU B 134 -17.42 -10.60 18.73
CA LEU B 134 -17.64 -10.18 20.12
C LEU B 134 -16.40 -10.31 20.98
N ALA B 135 -15.55 -11.32 20.79
CA ALA B 135 -14.28 -11.41 21.52
C ALA B 135 -13.36 -10.24 21.22
N LEU B 136 -13.33 -9.81 19.95
CA LEU B 136 -12.54 -8.66 19.54
C LEU B 136 -12.94 -7.39 20.29
N VAL B 137 -14.21 -7.24 20.68
CA VAL B 137 -14.67 -6.06 21.40
C VAL B 137 -14.91 -6.33 22.87
N GLY B 138 -14.35 -7.41 23.41
CA GLY B 138 -14.39 -7.66 24.84
C GLY B 138 -15.69 -8.22 25.38
N GLU B 139 -16.55 -8.73 24.49
CA GLU B 139 -17.84 -9.21 24.95
C GLU B 139 -17.94 -10.72 24.98
N TYR B 140 -16.92 -11.46 24.60
CA TYR B 140 -16.92 -12.92 24.60
C TYR B 140 -15.50 -13.38 24.84
N PRO B 141 -15.26 -14.46 25.57
CA PRO B 141 -13.91 -14.91 25.86
C PRO B 141 -13.18 -15.46 24.65
N TRP B 142 -11.96 -14.98 24.41
CA TRP B 142 -11.12 -15.46 23.33
C TRP B 142 -10.78 -16.93 23.48
N GLU B 143 -10.62 -17.41 24.72
CA GLU B 143 -10.39 -18.80 25.02
C GLU B 143 -11.45 -19.72 24.44
N LYS B 144 -12.68 -19.30 24.20
CA LYS B 144 -13.72 -20.15 23.63
C LYS B 144 -13.86 -20.02 22.12
N VAL B 145 -13.03 -19.20 21.47
CA VAL B 145 -13.02 -19.12 20.02
C VAL B 145 -12.00 -20.13 19.48
N PRO B 146 -12.34 -20.98 18.53
CA PRO B 146 -11.44 -21.95 17.95
C PRO B 146 -10.16 -21.28 17.44
N MET B 147 -9.02 -21.88 17.72
CA MET B 147 -7.74 -21.26 17.38
C MET B 147 -7.28 -21.53 15.97
N VAL B 148 -6.80 -20.47 15.31
CA VAL B 148 -6.16 -20.54 14.01
C VAL B 148 -4.74 -20.00 14.28
N PRO B 149 -3.78 -20.90 14.43
CA PRO B 149 -2.44 -20.50 14.80
C PRO B 149 -1.66 -20.00 13.61
N PRO B 150 -0.82 -19.00 13.83
CA PRO B 150 0.04 -18.46 12.76
C PRO B 150 0.98 -19.50 12.23
N GLU B 151 1.31 -20.57 12.98
CA GLU B 151 2.18 -21.65 12.54
C GLU B 151 1.58 -22.47 11.41
N ILE B 152 0.30 -22.25 11.03
CA ILE B 152 -0.28 -22.80 9.85
C ILE B 152 0.55 -22.39 8.65
N MET B 153 1.22 -21.21 8.65
CA MET B 153 2.05 -20.76 7.55
C MET B 153 3.29 -21.65 7.32
N PHE B 154 3.66 -22.49 8.28
CA PHE B 154 4.76 -23.43 8.09
C PHE B 154 4.36 -24.69 7.35
N LEU B 155 3.06 -24.97 7.14
CA LEU B 155 2.68 -26.15 6.40
C LEU B 155 2.92 -25.95 4.91
N GLY B 156 3.66 -26.87 4.31
CA GLY B 156 3.96 -26.85 2.88
C GLY B 156 2.70 -27.18 2.09
N LYS B 157 2.74 -26.98 0.78
CA LYS B 157 1.60 -27.16 -0.13
C LYS B 157 1.06 -28.56 -0.27
N ARG B 158 1.68 -29.60 0.28
CA ARG B 158 1.10 -30.94 0.22
C ARG B 158 0.75 -31.42 1.62
N MET B 159 0.87 -30.54 2.62
CA MET B 159 0.52 -30.94 3.97
C MET B 159 -0.96 -30.70 4.28
N PRO B 160 -1.49 -31.54 5.16
CA PRO B 160 -2.85 -31.42 5.66
C PRO B 160 -3.07 -30.07 6.31
N LEU B 161 -4.20 -29.44 5.98
CA LEU B 161 -4.61 -28.14 6.45
C LEU B 161 -3.70 -26.99 6.05
N ASN B 162 -2.85 -27.15 5.03
CA ASN B 162 -2.03 -26.01 4.59
C ASN B 162 -2.99 -25.04 3.91
N ILE B 163 -2.61 -23.77 3.81
CA ILE B 163 -3.52 -22.75 3.33
C ILE B 163 -4.04 -22.98 1.92
N TYR B 164 -3.29 -23.64 1.04
CA TYR B 164 -3.73 -23.90 -0.32
C TYR B 164 -4.75 -25.02 -0.39
N GLU B 165 -5.08 -25.69 0.69
CA GLU B 165 -6.19 -26.65 0.73
C GLU B 165 -7.52 -25.93 0.96
N PHE B 166 -7.49 -24.72 1.46
CA PHE B 166 -8.71 -23.93 1.69
C PHE B 166 -9.15 -23.25 0.39
N GLY B 167 -10.41 -22.93 0.20
CA GLY B 167 -10.86 -22.23 -1.00
C GLY B 167 -10.36 -20.79 -0.94
N SER B 168 -10.34 -20.08 -2.05
CA SER B 168 -9.73 -18.76 -2.09
C SER B 168 -10.39 -17.76 -1.16
N TRP B 169 -11.70 -17.81 -1.02
CA TRP B 169 -12.37 -16.83 -0.15
C TRP B 169 -12.12 -17.14 1.30
N ALA B 170 -11.66 -18.30 1.71
CA ALA B 170 -11.39 -18.62 3.10
C ALA B 170 -9.89 -18.52 3.43
N ARG B 171 -9.07 -18.59 2.38
CA ARG B 171 -7.62 -18.62 2.53
C ARG B 171 -7.00 -17.37 3.12
N ALA B 172 -7.31 -16.20 2.59
CA ALA B 172 -6.83 -14.96 3.17
C ALA B 172 -7.42 -14.73 4.55
N THR B 173 -8.66 -15.16 4.76
CA THR B 173 -9.30 -15.07 6.07
C THR B 173 -8.48 -15.84 7.09
N VAL B 174 -8.14 -17.08 6.75
CA VAL B 174 -7.31 -17.90 7.65
C VAL B 174 -5.98 -17.22 7.92
N VAL B 175 -5.32 -16.69 6.89
CA VAL B 175 -4.00 -16.05 7.10
C VAL B 175 -4.14 -14.82 7.99
N ALA B 176 -5.10 -13.92 7.71
CA ALA B 176 -5.19 -12.74 8.60
C ALA B 176 -5.64 -13.12 10.00
N LEU B 177 -6.58 -14.07 10.12
CA LEU B 177 -7.03 -14.46 11.46
C LEU B 177 -5.95 -15.22 12.22
N SER B 178 -4.95 -15.81 11.55
CA SER B 178 -3.85 -16.45 12.27
C SER B 178 -3.04 -15.39 13.00
N ILE B 179 -2.95 -14.17 12.48
CA ILE B 179 -2.30 -13.07 13.17
C ILE B 179 -3.20 -12.57 14.30
N VAL B 180 -4.50 -12.42 13.98
CA VAL B 180 -5.42 -11.91 14.97
C VAL B 180 -5.51 -12.84 16.18
N MET B 181 -5.73 -14.14 15.98
CA MET B 181 -5.85 -15.09 17.07
C MET B 181 -4.56 -15.29 17.83
N SER B 182 -3.44 -15.07 17.15
CA SER B 182 -2.14 -15.10 17.80
C SER B 182 -2.10 -14.09 18.95
N ARG B 183 -2.64 -12.90 18.74
CA ARG B 183 -2.56 -11.85 19.76
C ARG B 183 -3.76 -11.72 20.66
N GLN B 184 -4.94 -12.20 20.24
CA GLN B 184 -6.19 -12.11 20.99
C GLN B 184 -6.46 -10.71 21.50
N PRO B 185 -6.44 -9.72 20.60
CA PRO B 185 -6.62 -8.34 20.97
C PRO B 185 -8.03 -8.09 21.48
N VAL B 186 -8.21 -7.11 22.33
CA VAL B 186 -9.49 -6.75 22.90
C VAL B 186 -9.63 -5.24 22.78
N PHE B 187 -10.70 -4.76 22.16
CA PHE B 187 -11.00 -3.34 21.96
C PHE B 187 -12.33 -3.06 22.64
N PRO B 188 -12.31 -2.82 23.95
CA PRO B 188 -13.52 -2.74 24.74
C PRO B 188 -14.53 -1.74 24.24
N LEU B 189 -15.83 -2.10 24.34
CA LEU B 189 -16.88 -1.16 23.96
C LEU B 189 -17.09 -0.17 25.08
N PRO B 190 -17.67 1.00 24.80
CA PRO B 190 -18.09 1.87 25.88
C PRO B 190 -19.07 1.05 26.74
N GLU B 191 -19.13 1.33 28.04
CA GLU B 191 -20.04 0.68 28.98
C GLU B 191 -21.47 0.53 28.50
N ARG B 192 -22.05 1.64 28.00
CA ARG B 192 -23.42 1.63 27.52
C ARG B 192 -23.69 0.67 26.37
N ALA B 193 -22.69 0.26 25.58
CA ALA B 193 -22.91 -0.59 24.44
C ALA B 193 -22.65 -2.07 24.77
N ARG B 194 -22.27 -2.37 26.01
CA ARG B 194 -22.00 -3.79 26.34
C ARG B 194 -23.27 -4.60 26.23
N VAL B 195 -23.15 -5.91 25.94
CA VAL B 195 -24.34 -6.73 25.69
C VAL B 195 -24.39 -8.04 26.47
N PRO B 196 -24.29 -8.00 27.81
CA PRO B 196 -24.35 -9.17 28.64
C PRO B 196 -25.71 -9.84 28.53
N GLU B 197 -26.76 -9.13 28.14
CA GLU B 197 -28.07 -9.69 27.91
C GLU B 197 -28.11 -10.75 26.83
N LEU B 198 -27.14 -10.85 25.94
CA LEU B 198 -27.11 -11.88 24.90
C LEU B 198 -26.74 -13.24 25.43
N TYR B 199 -26.32 -13.33 26.69
CA TYR B 199 -26.03 -14.60 27.31
C TYR B 199 -27.26 -15.13 28.08
N GLU B 200 -28.26 -14.31 28.35
CA GLU B 200 -29.43 -14.81 29.10
C GLU B 200 -30.36 -15.53 28.16
N THR B 201 -30.52 -16.83 28.29
CA THR B 201 -31.28 -17.57 27.28
C THR B 201 -32.57 -18.21 27.78
N ASP B 202 -33.52 -18.47 26.89
CA ASP B 202 -34.75 -19.16 27.21
C ASP B 202 -34.54 -20.69 27.20
N VAL B 203 -33.63 -21.15 26.35
CA VAL B 203 -33.33 -22.55 26.13
C VAL B 203 -31.83 -22.74 26.39
N PRO B 204 -31.37 -23.95 26.63
CA PRO B 204 -29.94 -24.20 26.76
C PRO B 204 -29.25 -23.84 25.44
N PRO B 205 -28.03 -23.31 25.51
CA PRO B 205 -27.29 -22.98 24.31
C PRO B 205 -26.79 -24.25 23.63
N ARG B 206 -26.51 -24.23 22.33
CA ARG B 206 -25.96 -25.39 21.65
C ARG B 206 -24.84 -24.98 20.69
N ARG B 207 -23.63 -25.45 20.91
CA ARG B 207 -22.49 -25.12 20.07
C ARG B 207 -22.70 -25.61 18.64
N ARG B 208 -22.51 -24.68 17.73
CA ARG B 208 -22.64 -24.98 16.28
C ARG B 208 -21.33 -25.68 15.91
N GLY B 209 -21.33 -26.90 15.38
CA GLY B 209 -20.07 -27.56 15.07
C GLY B 209 -19.59 -27.38 13.62
N ALA B 210 -18.44 -27.95 13.33
CA ALA B 210 -17.86 -27.99 11.98
C ALA B 210 -18.87 -28.51 10.97
N LYS B 211 -18.97 -27.92 9.79
CA LYS B 211 -19.96 -28.28 8.79
C LYS B 211 -19.84 -29.72 8.31
N GLY B 212 -18.63 -30.28 8.37
CA GLY B 212 -18.42 -31.65 8.01
C GLY B 212 -18.39 -32.57 9.24
N GLY B 213 -18.62 -32.04 10.44
CA GLY B 213 -18.59 -32.82 11.66
C GLY B 213 -17.19 -32.80 12.25
N GLY B 214 -17.07 -32.74 13.57
CA GLY B 214 -15.73 -32.72 14.19
C GLY B 214 -15.22 -34.15 14.27
N GLY B 215 -14.22 -34.37 15.10
CA GLY B 215 -13.67 -35.72 15.28
C GLY B 215 -12.75 -35.63 16.49
N TRP B 216 -12.47 -36.78 17.12
CA TRP B 216 -11.57 -36.72 18.29
C TRP B 216 -10.29 -35.99 17.90
N ILE B 217 -9.63 -36.33 16.79
CA ILE B 217 -8.39 -35.65 16.43
C ILE B 217 -8.55 -34.14 16.34
N PHE B 218 -9.65 -33.62 15.80
CA PHE B 218 -9.83 -32.18 15.66
C PHE B 218 -10.09 -31.47 16.98
N ASP B 219 -10.82 -32.12 17.90
CA ASP B 219 -11.07 -31.49 19.21
C ASP B 219 -9.76 -31.45 19.99
N ALA B 220 -8.99 -32.54 19.87
CA ALA B 220 -7.72 -32.65 20.58
C ALA B 220 -6.74 -31.57 20.12
N LEU B 221 -6.67 -31.38 18.81
CA LEU B 221 -5.79 -30.37 18.24
C LEU B 221 -6.22 -28.98 18.70
N ASP B 222 -7.53 -28.72 18.69
CA ASP B 222 -8.01 -27.39 19.15
C ASP B 222 -7.67 -27.15 20.60
N ARG B 223 -7.85 -28.18 21.43
CA ARG B 223 -7.53 -28.09 22.88
C ARG B 223 -6.04 -27.81 23.04
N ALA B 224 -5.21 -28.56 22.32
CA ALA B 224 -3.75 -28.37 22.36
C ALA B 224 -3.36 -26.95 21.95
N LEU B 225 -4.00 -26.45 20.88
CA LEU B 225 -3.70 -25.09 20.44
C LEU B 225 -4.08 -24.07 21.48
N HIS B 226 -5.18 -24.24 22.21
CA HIS B 226 -5.52 -23.32 23.29
C HIS B 226 -4.53 -23.48 24.45
N GLY B 227 -4.10 -24.71 24.74
CA GLY B 227 -3.08 -24.91 25.79
C GLY B 227 -1.78 -24.22 25.38
N TYR B 228 -1.40 -24.40 24.12
CA TYR B 228 -0.18 -23.74 23.61
C TYR B 228 -0.29 -22.23 23.72
N GLN B 229 -1.48 -21.69 23.43
CA GLN B 229 -1.74 -20.25 23.51
C GLN B 229 -1.42 -19.68 24.88
N LYS B 230 -1.70 -20.46 25.92
CA LYS B 230 -1.45 -20.03 27.29
C LYS B 230 0.03 -19.96 27.64
N LEU B 231 0.90 -20.72 26.97
CA LEU B 231 2.32 -20.63 27.26
C LEU B 231 2.82 -19.21 27.04
N SER B 232 3.93 -18.88 27.68
CA SER B 232 4.51 -17.54 27.57
C SER B 232 5.49 -17.49 26.40
N VAL B 233 6.14 -18.62 26.07
CA VAL B 233 7.05 -18.61 24.94
C VAL B 233 6.56 -19.55 23.84
N HIS B 234 6.64 -19.02 22.61
CA HIS B 234 6.21 -19.78 21.43
C HIS B 234 7.28 -19.70 20.35
N PRO B 235 8.21 -20.65 20.36
CA PRO B 235 9.32 -20.70 19.44
C PRO B 235 8.84 -20.60 18.00
N PHE B 236 9.43 -19.72 17.21
CA PHE B 236 9.06 -19.55 15.80
C PHE B 236 7.71 -18.89 15.56
N ARG B 237 6.97 -18.49 16.57
CA ARG B 237 5.68 -17.84 16.36
C ARG B 237 5.89 -16.51 15.63
N ARG B 238 6.86 -15.70 16.02
CA ARG B 238 7.15 -14.46 15.32
C ARG B 238 7.46 -14.68 13.84
N ALA B 239 8.30 -15.67 13.55
CA ALA B 239 8.61 -16.04 12.18
C ALA B 239 7.33 -16.47 11.44
N ALA B 240 6.45 -17.21 12.12
CA ALA B 240 5.18 -17.57 11.48
C ALA B 240 4.34 -16.33 11.18
N GLU B 241 4.27 -15.39 12.12
CA GLU B 241 3.50 -14.17 11.95
C GLU B 241 4.00 -13.32 10.78
N ILE B 242 5.31 -13.26 10.60
CA ILE B 242 5.91 -12.52 9.51
C ILE B 242 5.55 -13.20 8.19
N ARG B 243 5.57 -14.54 8.15
CA ARG B 243 5.12 -15.20 6.92
C ARG B 243 3.66 -14.80 6.64
N ALA B 244 2.79 -14.78 7.66
CA ALA B 244 1.38 -14.44 7.41
C ALA B 244 1.27 -13.00 6.91
N LEU B 245 1.96 -12.07 7.56
CA LEU B 245 1.97 -10.69 7.13
C LEU B 245 2.46 -10.56 5.70
N ASP B 246 3.61 -11.15 5.35
CA ASP B 246 4.15 -11.04 4.01
C ASP B 246 3.19 -11.60 2.96
N TRP B 247 2.57 -12.73 3.29
CA TRP B 247 1.59 -13.33 2.38
C TRP B 247 0.48 -12.32 2.12
N LEU B 248 -0.08 -11.66 3.13
CA LEU B 248 -1.11 -10.64 2.91
C LEU B 248 -0.61 -9.41 2.17
N LEU B 249 0.59 -8.94 2.52
CA LEU B 249 1.10 -7.74 1.85
C LEU B 249 1.27 -7.98 0.36
N GLU B 250 1.82 -9.12 -0.03
CA GLU B 250 2.04 -9.45 -1.42
C GLU B 250 0.76 -9.49 -2.25
N ARG B 251 -0.36 -9.97 -1.65
CA ARG B 251 -1.57 -10.18 -2.40
C ARG B 251 -2.66 -9.12 -2.32
N GLN B 252 -2.45 -8.04 -1.60
CA GLN B 252 -3.48 -7.01 -1.55
C GLN B 252 -3.91 -6.60 -2.95
N ALA B 253 -5.23 -6.56 -3.16
CA ALA B 253 -5.83 -6.15 -4.40
C ALA B 253 -5.59 -4.67 -4.67
N GLY B 254 -5.75 -4.29 -5.94
CA GLY B 254 -5.52 -2.91 -6.33
C GLY B 254 -6.55 -1.93 -5.77
N ASP B 255 -7.73 -2.38 -5.32
CA ASP B 255 -8.71 -1.48 -4.75
C ASP B 255 -8.49 -1.39 -3.23
N GLY B 256 -7.45 -2.07 -2.71
CA GLY B 256 -7.17 -2.00 -1.28
C GLY B 256 -7.77 -3.19 -0.53
N SER B 257 -8.67 -3.95 -1.17
CA SER B 257 -9.25 -5.09 -0.44
C SER B 257 -8.27 -6.25 -0.49
N TRP B 258 -8.70 -7.34 0.18
CA TRP B 258 -8.07 -8.64 0.03
C TRP B 258 -9.11 -9.48 -0.69
N GLY B 259 -8.81 -9.88 -1.93
CA GLY B 259 -9.69 -10.71 -2.73
C GLY B 259 -11.01 -10.07 -3.13
N GLY B 260 -11.21 -8.78 -2.99
CA GLY B 260 -12.45 -8.13 -3.38
C GLY B 260 -13.68 -8.56 -2.60
N ILE B 261 -13.47 -9.10 -1.37
CA ILE B 261 -14.59 -9.60 -0.57
C ILE B 261 -14.41 -9.11 0.87
N GLN B 262 -15.55 -8.97 1.53
CA GLN B 262 -15.57 -8.38 2.86
C GLN B 262 -14.76 -9.05 3.94
N PRO B 263 -14.86 -10.34 4.14
CA PRO B 263 -14.23 -10.95 5.32
C PRO B 263 -12.74 -10.81 5.42
N PRO B 264 -11.93 -11.27 4.49
CA PRO B 264 -10.48 -11.14 4.56
C PRO B 264 -10.01 -9.71 4.59
N TRP B 265 -10.76 -8.82 3.91
CA TRP B 265 -10.45 -7.41 3.95
C TRP B 265 -10.55 -6.84 5.36
N PHE B 266 -11.68 -7.09 6.03
CA PHE B 266 -11.83 -6.57 7.40
C PHE B 266 -10.84 -7.24 8.34
N TYR B 267 -10.61 -8.55 8.25
CA TYR B 267 -9.67 -9.22 9.13
C TYR B 267 -8.23 -8.80 8.87
N ALA B 268 -7.84 -8.56 7.62
CA ALA B 268 -6.49 -8.06 7.32
C ALA B 268 -6.29 -6.68 7.93
N LEU B 269 -7.25 -5.78 7.87
CA LEU B 269 -7.13 -4.45 8.46
C LEU B 269 -6.93 -4.55 9.99
N ILE B 270 -7.61 -5.48 10.64
CA ILE B 270 -7.47 -5.72 12.07
C ILE B 270 -6.11 -6.28 12.37
N ALA B 271 -5.62 -7.20 11.52
CA ALA B 271 -4.29 -7.76 11.67
C ALA B 271 -3.28 -6.62 11.58
N LEU B 272 -3.41 -5.73 10.61
CA LEU B 272 -2.47 -4.62 10.46
C LEU B 272 -2.51 -3.70 11.67
N LYS B 273 -3.74 -3.40 12.14
CA LYS B 273 -3.93 -2.58 13.34
C LYS B 273 -3.13 -3.16 14.51
N ILE B 274 -3.31 -4.46 14.73
CA ILE B 274 -2.67 -5.18 15.83
C ILE B 274 -1.16 -5.24 15.76
N LEU B 275 -0.61 -5.21 14.57
CA LEU B 275 0.80 -5.19 14.29
C LEU B 275 1.36 -3.77 14.33
N ASP B 276 0.54 -2.77 14.65
CA ASP B 276 0.95 -1.40 14.74
C ASP B 276 1.43 -0.91 13.36
N MET B 277 0.65 -1.28 12.36
CA MET B 277 0.93 -0.86 10.98
C MET B 277 -0.12 0.09 10.48
N THR B 278 -0.68 0.96 11.35
CA THR B 278 -1.70 1.90 10.85
C THR B 278 -1.05 2.98 10.00
N GLN B 279 0.26 3.19 10.07
CA GLN B 279 0.88 4.20 9.18
C GLN B 279 1.48 3.54 7.93
N HIS B 280 1.08 2.30 7.67
CA HIS B 280 1.66 1.57 6.54
C HIS B 280 0.70 1.65 5.36
N PRO B 281 1.21 1.84 4.16
CA PRO B 281 0.41 1.94 2.96
C PRO B 281 -0.61 0.82 2.81
N ALA B 282 -0.32 -0.42 3.19
CA ALA B 282 -1.31 -1.49 3.01
C ALA B 282 -2.55 -1.14 3.84
N PHE B 283 -2.34 -0.65 5.07
CA PHE B 283 -3.48 -0.31 5.92
C PHE B 283 -4.22 0.94 5.39
N ILE B 284 -3.45 1.95 5.00
CA ILE B 284 -4.00 3.22 4.52
C ILE B 284 -4.85 3.01 3.27
N LYS B 285 -4.27 2.31 2.28
CA LYS B 285 -5.02 1.98 1.08
C LYS B 285 -6.16 1.02 1.36
N GLY B 286 -5.96 0.06 2.27
CA GLY B 286 -7.02 -0.88 2.66
C GLY B 286 -8.21 -0.17 3.28
N TRP B 287 -7.95 0.83 4.14
CA TRP B 287 -8.97 1.60 4.78
C TRP B 287 -9.71 2.48 3.76
N GLU B 288 -8.94 3.23 2.98
CA GLU B 288 -9.51 4.15 1.99
C GLU B 288 -10.33 3.46 0.91
N GLY B 289 -9.96 2.22 0.54
CA GLY B 289 -10.66 1.53 -0.52
C GLY B 289 -12.06 1.12 -0.08
N LEU B 290 -12.37 1.07 1.23
CA LEU B 290 -13.68 0.63 1.69
C LEU B 290 -14.80 1.47 1.05
N GLU B 291 -14.63 2.77 0.86
CA GLU B 291 -15.68 3.61 0.33
C GLU B 291 -16.19 3.15 -1.03
N LEU B 292 -15.36 2.58 -1.90
CA LEU B 292 -15.82 2.08 -3.19
C LEU B 292 -16.91 1.02 -3.03
N TYR B 293 -16.95 0.27 -1.92
CA TYR B 293 -17.94 -0.79 -1.76
C TYR B 293 -19.18 -0.29 -1.01
N GLY B 294 -19.16 0.93 -0.52
CA GLY B 294 -20.31 1.50 0.17
C GLY B 294 -21.36 2.01 -0.83
N VAL B 295 -22.64 1.90 -0.48
CA VAL B 295 -23.72 2.37 -1.34
C VAL B 295 -24.69 3.23 -0.52
N GLU B 296 -24.88 4.49 -0.91
CA GLU B 296 -25.89 5.35 -0.25
C GLU B 296 -27.24 4.90 -0.75
N LEU B 297 -28.21 4.59 0.11
CA LEU B 297 -29.48 4.08 -0.37
C LEU B 297 -30.51 5.19 -0.44
N ASP B 298 -31.50 5.01 -1.32
CA ASP B 298 -32.51 6.02 -1.57
C ASP B 298 -33.33 6.40 -0.36
N TYR B 299 -33.50 5.58 0.67
CA TYR B 299 -34.25 5.97 1.87
C TYR B 299 -33.37 6.49 3.00
N GLY B 300 -32.09 6.78 2.77
CA GLY B 300 -31.22 7.38 3.76
C GLY B 300 -30.26 6.39 4.40
N GLY B 301 -30.40 5.10 4.06
CA GLY B 301 -29.47 4.12 4.68
C GLY B 301 -28.16 4.09 3.92
N TRP B 302 -27.19 3.32 4.45
CA TRP B 302 -25.95 3.06 3.75
C TRP B 302 -25.64 1.57 3.92
N MET B 303 -25.13 0.94 2.87
CA MET B 303 -24.79 -0.49 2.99
C MET B 303 -23.37 -0.68 2.48
N PHE B 304 -22.81 -1.84 2.79
CA PHE B 304 -21.46 -2.20 2.37
C PHE B 304 -21.60 -3.49 1.55
N GLN B 305 -21.11 -3.47 0.32
CA GLN B 305 -21.26 -4.67 -0.53
C GLN B 305 -20.33 -5.78 -0.12
N ALA B 306 -20.89 -7.01 -0.05
CA ALA B 306 -20.08 -8.17 0.31
C ALA B 306 -18.91 -8.39 -0.69
N SER B 307 -19.23 -8.11 -1.94
CA SER B 307 -18.30 -8.09 -3.04
C SER B 307 -18.86 -7.20 -4.14
N ILE B 308 -18.13 -6.97 -5.25
CA ILE B 308 -18.70 -6.08 -6.29
C ILE B 308 -18.63 -6.82 -7.60
N SER B 309 -19.66 -6.73 -8.45
CA SER B 309 -19.78 -7.53 -9.66
C SER B 309 -19.69 -6.92 -11.04
N PRO B 310 -18.88 -5.90 -11.28
CA PRO B 310 -18.87 -5.24 -12.58
C PRO B 310 -18.48 -6.11 -13.72
N VAL B 311 -17.49 -7.00 -13.60
CA VAL B 311 -17.08 -7.76 -14.78
C VAL B 311 -18.21 -8.71 -15.18
N TRP B 312 -18.79 -9.38 -14.18
CA TRP B 312 -19.89 -10.31 -14.38
C TRP B 312 -21.10 -9.60 -14.96
N ASP B 313 -21.49 -8.48 -14.35
CA ASP B 313 -22.63 -7.70 -14.87
C ASP B 313 -22.35 -7.32 -16.33
N THR B 314 -21.15 -6.86 -16.65
CA THR B 314 -20.84 -6.44 -18.02
C THR B 314 -20.86 -7.59 -19.00
N GLY B 315 -20.20 -8.71 -18.68
CA GLY B 315 -20.20 -9.86 -19.60
C GLY B 315 -21.60 -10.38 -19.85
N LEU B 316 -22.45 -10.43 -18.80
CA LEU B 316 -23.81 -10.91 -18.99
C LEU B 316 -24.61 -9.92 -19.83
N ALA B 317 -24.44 -8.61 -19.60
CA ALA B 317 -25.19 -7.61 -20.37
C ALA B 317 -24.84 -7.69 -21.87
N VAL B 318 -23.55 -7.88 -22.18
CA VAL B 318 -23.16 -8.03 -23.58
C VAL B 318 -23.85 -9.24 -24.18
N LEU B 319 -23.85 -10.40 -23.50
CA LEU B 319 -24.48 -11.60 -24.03
C LEU B 319 -25.97 -11.40 -24.25
N ALA B 320 -26.64 -10.73 -23.33
CA ALA B 320 -28.07 -10.50 -23.43
C ALA B 320 -28.42 -9.59 -24.60
N LEU B 321 -27.66 -8.51 -24.77
CA LEU B 321 -27.90 -7.58 -25.86
C LEU B 321 -27.61 -8.23 -27.20
N ARG B 322 -26.56 -9.04 -27.29
CA ARG B 322 -26.27 -9.73 -28.53
C ARG B 322 -27.39 -10.72 -28.80
N ALA B 323 -27.89 -11.42 -27.78
CA ALA B 323 -28.99 -12.38 -28.01
C ALA B 323 -30.26 -11.64 -28.38
N ALA B 324 -30.46 -10.42 -27.89
CA ALA B 324 -31.61 -9.62 -28.25
C ALA B 324 -31.55 -9.07 -29.67
N GLY B 325 -30.41 -9.09 -30.35
CA GLY B 325 -30.35 -8.57 -31.71
C GLY B 325 -29.39 -7.43 -31.93
N LEU B 326 -28.82 -6.80 -30.89
CA LEU B 326 -27.84 -5.74 -31.19
C LEU B 326 -26.67 -6.39 -31.94
N PRO B 327 -26.20 -5.70 -32.98
CA PRO B 327 -25.12 -6.21 -33.81
C PRO B 327 -23.81 -6.35 -33.06
N ALA B 328 -22.90 -7.20 -33.52
CA ALA B 328 -21.61 -7.43 -32.96
C ALA B 328 -20.72 -6.20 -32.87
N ASP B 329 -20.99 -5.18 -33.69
CA ASP B 329 -20.20 -3.97 -33.71
C ASP B 329 -21.04 -2.79 -33.26
N HIS B 330 -22.12 -3.02 -32.52
CA HIS B 330 -22.89 -1.91 -31.97
C HIS B 330 -21.94 -1.04 -31.15
N ASP B 331 -22.01 0.29 -31.26
CA ASP B 331 -21.02 1.11 -30.55
C ASP B 331 -21.01 0.97 -29.03
N ARG B 332 -22.13 0.73 -28.38
CA ARG B 332 -22.13 0.57 -26.92
C ARG B 332 -21.55 -0.79 -26.56
N LEU B 333 -21.70 -1.78 -27.42
CA LEU B 333 -21.09 -3.09 -27.14
C LEU B 333 -19.61 -3.10 -27.45
N VAL B 334 -19.20 -2.26 -28.41
CA VAL B 334 -17.78 -2.14 -28.74
C VAL B 334 -17.08 -1.48 -27.55
N LYS B 335 -17.69 -0.48 -26.95
CA LYS B 335 -17.19 0.17 -25.75
C LYS B 335 -17.04 -0.81 -24.58
N ALA B 336 -18.05 -1.65 -24.36
CA ALA B 336 -18.04 -2.67 -23.32
C ALA B 336 -16.90 -3.65 -23.59
N GLY B 337 -16.79 -4.07 -24.86
CA GLY B 337 -15.77 -5.03 -25.26
C GLY B 337 -14.35 -4.49 -25.07
N GLU B 338 -14.12 -3.22 -25.39
CA GLU B 338 -12.81 -2.60 -25.15
C GLU B 338 -12.50 -2.48 -23.65
N TRP B 339 -13.52 -2.16 -22.87
CA TRP B 339 -13.35 -2.06 -21.42
C TRP B 339 -12.99 -3.44 -20.88
N LEU B 340 -13.69 -4.49 -21.35
CA LEU B 340 -13.41 -5.84 -20.90
C LEU B 340 -11.99 -6.26 -21.24
N LEU B 341 -11.50 -5.94 -22.46
CA LEU B 341 -10.14 -6.31 -22.82
C LEU B 341 -9.11 -5.78 -21.81
N ASP B 342 -9.29 -4.56 -21.35
CA ASP B 342 -8.39 -3.95 -20.37
C ASP B 342 -8.47 -4.66 -19.01
N ARG B 343 -9.45 -5.48 -18.71
CA ARG B 343 -9.56 -6.11 -17.40
C ARG B 343 -8.78 -7.44 -17.39
N GLN B 344 -8.32 -7.95 -18.53
CA GLN B 344 -7.70 -9.29 -18.53
C GLN B 344 -6.45 -9.32 -17.65
N ILE B 345 -6.22 -10.40 -16.89
CA ILE B 345 -5.10 -10.42 -15.96
C ILE B 345 -3.92 -11.16 -16.56
N THR B 346 -2.75 -10.54 -16.53
CA THR B 346 -1.58 -11.20 -17.13
C THR B 346 -0.51 -11.59 -16.14
N VAL B 347 -0.83 -11.66 -14.85
CA VAL B 347 0.17 -12.12 -13.86
C VAL B 347 -0.38 -13.37 -13.18
N PRO B 348 0.45 -14.22 -12.62
CA PRO B 348 0.01 -15.39 -11.91
C PRO B 348 -0.66 -15.08 -10.58
N GLY B 349 -1.72 -15.80 -10.22
CA GLY B 349 -2.41 -15.59 -8.94
C GLY B 349 -2.18 -16.86 -8.12
N ASP B 350 -2.94 -17.05 -7.03
CA ASP B 350 -2.79 -18.23 -6.17
C ASP B 350 -3.08 -19.52 -6.93
N TRP B 351 -3.90 -19.45 -7.99
CA TRP B 351 -4.15 -20.65 -8.80
C TRP B 351 -2.88 -21.28 -9.37
N ALA B 352 -1.81 -20.50 -9.54
CA ALA B 352 -0.53 -20.95 -10.06
C ALA B 352 0.21 -21.88 -9.13
N VAL B 353 -0.22 -22.02 -7.88
CA VAL B 353 0.32 -23.05 -7.00
C VAL B 353 -0.02 -24.42 -7.59
N LYS B 354 -1.22 -24.64 -8.15
CA LYS B 354 -1.52 -25.93 -8.76
C LYS B 354 -1.07 -25.95 -10.21
N ARG B 355 -0.98 -24.77 -10.85
CA ARG B 355 -0.67 -24.68 -12.28
C ARG B 355 0.43 -23.67 -12.54
N PRO B 356 1.65 -24.02 -12.12
CA PRO B 356 2.77 -23.09 -12.20
C PRO B 356 3.25 -22.78 -13.59
N ASN B 357 2.89 -23.56 -14.60
CA ASN B 357 3.37 -23.28 -15.96
C ASN B 357 2.26 -22.76 -16.84
N LEU B 358 1.06 -22.63 -16.29
CA LEU B 358 -0.08 -22.18 -17.07
C LEU B 358 -0.04 -20.68 -17.24
N LYS B 359 -0.13 -20.21 -18.48
CA LYS B 359 -0.07 -18.79 -18.76
C LYS B 359 -1.30 -18.05 -18.27
N PRO B 360 -1.12 -16.95 -17.57
CA PRO B 360 -2.23 -16.20 -17.01
C PRO B 360 -3.19 -15.69 -18.10
N GLY B 361 -4.50 -15.69 -17.88
CA GLY B 361 -5.38 -15.13 -18.91
C GLY B 361 -6.78 -14.93 -18.35
N GLY B 362 -6.91 -14.95 -17.00
CA GLY B 362 -8.26 -14.89 -16.46
C GLY B 362 -8.79 -13.48 -16.24
N PHE B 363 -10.06 -13.46 -15.81
CA PHE B 363 -10.74 -12.22 -15.45
C PHE B 363 -11.30 -12.38 -14.05
N ALA B 364 -11.28 -11.31 -13.27
CA ALA B 364 -11.84 -11.33 -11.92
C ALA B 364 -13.25 -10.75 -11.98
N PHE B 365 -13.93 -10.71 -10.84
CA PHE B 365 -15.31 -10.28 -10.70
C PHE B 365 -15.40 -8.76 -10.50
N GLN B 366 -14.45 -8.23 -9.74
CA GLN B 366 -14.40 -6.83 -9.31
C GLN B 366 -13.64 -6.00 -10.34
N PHE B 367 -13.29 -4.74 -10.09
CA PHE B 367 -12.53 -3.98 -11.09
C PHE B 367 -11.05 -4.36 -11.06
N ASP B 368 -10.49 -4.62 -9.89
CA ASP B 368 -9.03 -4.85 -9.83
C ASP B 368 -8.70 -5.85 -8.72
N ASN B 369 -8.43 -7.07 -9.14
CA ASN B 369 -8.21 -8.18 -8.19
C ASN B 369 -7.40 -9.23 -8.93
N VAL B 370 -6.18 -8.91 -9.34
CA VAL B 370 -5.37 -9.72 -10.21
C VAL B 370 -4.97 -11.09 -9.70
N TYR B 371 -4.87 -11.28 -8.38
CA TYR B 371 -4.41 -12.59 -7.92
C TYR B 371 -5.52 -13.61 -7.85
N TYR B 372 -6.78 -13.23 -8.06
CA TYR B 372 -7.94 -14.09 -7.96
C TYR B 372 -8.96 -13.98 -9.09
N PRO B 373 -8.54 -14.25 -10.32
CA PRO B 373 -9.45 -14.39 -11.44
C PRO B 373 -10.31 -15.60 -11.14
N ASP B 374 -11.47 -15.68 -11.73
CA ASP B 374 -12.36 -16.81 -11.45
C ASP B 374 -12.86 -17.37 -12.79
N VAL B 375 -13.19 -18.64 -12.79
CA VAL B 375 -13.59 -19.34 -14.00
C VAL B 375 -14.89 -18.82 -14.57
N CYS B 376 -15.90 -18.50 -13.78
CA CYS B 376 -17.15 -18.00 -14.35
C CYS B 376 -16.96 -16.68 -15.11
N ASP B 377 -16.29 -15.72 -14.49
CA ASP B 377 -16.05 -14.44 -15.16
C ASP B 377 -15.18 -14.65 -16.40
N THR B 378 -14.16 -15.52 -16.32
CA THR B 378 -13.35 -15.76 -17.53
C THR B 378 -14.20 -16.37 -18.64
N ALA B 379 -15.02 -17.36 -18.30
CA ALA B 379 -15.88 -18.01 -19.33
C ALA B 379 -16.86 -17.02 -19.93
N VAL B 380 -17.50 -16.22 -19.09
CA VAL B 380 -18.51 -15.29 -19.63
C VAL B 380 -17.84 -14.17 -20.40
N VAL B 381 -16.69 -13.66 -19.96
CA VAL B 381 -16.05 -12.61 -20.74
C VAL B 381 -15.48 -13.13 -22.06
N VAL B 382 -14.80 -14.28 -22.08
CA VAL B 382 -14.28 -14.86 -23.30
C VAL B 382 -15.43 -15.10 -24.30
N TRP B 383 -16.54 -15.62 -23.83
CA TRP B 383 -17.73 -15.84 -24.63
C TRP B 383 -18.30 -14.52 -25.14
N ALA B 384 -18.45 -13.51 -24.29
CA ALA B 384 -18.96 -12.21 -24.72
C ALA B 384 -18.06 -11.64 -25.81
N LEU B 385 -16.74 -11.74 -25.63
CA LEU B 385 -15.80 -11.21 -26.61
C LEU B 385 -15.96 -11.91 -27.95
N ASN B 386 -16.25 -13.21 -27.90
CA ASN B 386 -16.45 -14.01 -29.10
C ASN B 386 -17.71 -13.59 -29.84
N THR B 387 -18.59 -12.78 -29.27
CA THR B 387 -19.77 -12.35 -29.98
C THR B 387 -19.60 -10.97 -30.59
N LEU B 388 -18.45 -10.33 -30.34
CA LEU B 388 -18.26 -8.96 -30.77
C LEU B 388 -17.27 -8.80 -31.92
N ARG B 389 -17.33 -7.63 -32.55
CA ARG B 389 -16.38 -7.26 -33.60
C ARG B 389 -15.81 -5.92 -33.15
N LEU B 390 -14.53 -5.90 -32.83
CA LEU B 390 -13.92 -4.67 -32.32
C LEU B 390 -12.89 -4.10 -33.27
N PRO B 391 -12.53 -2.84 -33.10
CA PRO B 391 -11.53 -2.17 -33.93
C PRO B 391 -10.22 -2.93 -33.98
N ASP B 392 -9.76 -3.45 -32.84
CA ASP B 392 -8.51 -4.21 -32.79
C ASP B 392 -8.78 -5.70 -32.71
N GLU B 393 -8.98 -6.36 -33.83
CA GLU B 393 -9.32 -7.77 -33.91
C GLU B 393 -8.20 -8.71 -33.47
N ARG B 394 -6.95 -8.27 -33.73
CA ARG B 394 -5.81 -9.05 -33.31
C ARG B 394 -5.81 -9.17 -31.78
N ARG B 395 -6.10 -8.04 -31.14
CA ARG B 395 -6.17 -7.97 -29.71
C ARG B 395 -7.35 -8.77 -29.14
N ARG B 396 -8.53 -8.75 -29.77
CA ARG B 396 -9.68 -9.52 -29.33
C ARG B 396 -9.38 -11.01 -29.42
N ARG B 397 -8.79 -11.44 -30.53
CA ARG B 397 -8.45 -12.84 -30.73
C ARG B 397 -7.43 -13.33 -29.71
N ASP B 398 -6.41 -12.52 -29.44
CA ASP B 398 -5.37 -12.89 -28.50
C ASP B 398 -5.95 -12.95 -27.08
N ALA B 399 -6.84 -12.03 -26.73
CA ALA B 399 -7.46 -12.08 -25.41
C ALA B 399 -8.32 -13.34 -25.29
N MET B 400 -9.09 -13.66 -26.34
CA MET B 400 -9.92 -14.86 -26.26
C MET B 400 -9.07 -16.11 -26.16
N THR B 401 -7.97 -16.17 -26.90
CA THR B 401 -7.11 -17.35 -26.83
C THR B 401 -6.52 -17.54 -25.45
N LYS B 402 -5.98 -16.45 -24.89
CA LYS B 402 -5.39 -16.49 -23.56
C LYS B 402 -6.44 -16.88 -22.51
N GLY B 403 -7.62 -16.28 -22.61
CA GLY B 403 -8.66 -16.57 -21.60
C GLY B 403 -9.12 -18.04 -21.71
N PHE B 404 -9.34 -18.45 -22.98
CA PHE B 404 -9.80 -19.83 -23.23
C PHE B 404 -8.81 -20.85 -22.72
N ARG B 405 -7.52 -20.59 -23.03
CA ARG B 405 -6.45 -21.49 -22.60
C ARG B 405 -6.30 -21.51 -21.09
N TRP B 406 -6.51 -20.35 -20.46
CA TRP B 406 -6.45 -20.33 -19.00
C TRP B 406 -7.58 -21.19 -18.43
N ILE B 407 -8.80 -21.10 -18.94
CA ILE B 407 -9.89 -21.98 -18.47
C ILE B 407 -9.51 -23.43 -18.66
N VAL B 408 -9.04 -23.79 -19.87
CA VAL B 408 -8.64 -25.18 -20.10
C VAL B 408 -7.65 -25.67 -19.06
N GLY B 409 -6.61 -24.89 -18.72
CA GLY B 409 -5.66 -25.32 -17.72
C GLY B 409 -6.23 -25.40 -16.32
N MET B 410 -7.34 -24.70 -16.03
CA MET B 410 -7.94 -24.79 -14.69
C MET B 410 -8.96 -25.91 -14.52
N GLN B 411 -9.15 -26.79 -15.50
CA GLN B 411 -10.12 -27.88 -15.35
C GLN B 411 -9.67 -28.82 -14.23
N SER B 412 -10.59 -29.28 -13.36
CA SER B 412 -10.18 -30.16 -12.28
C SER B 412 -10.17 -31.63 -12.74
N SER B 413 -9.56 -32.51 -11.97
CA SER B 413 -9.43 -33.91 -12.33
C SER B 413 -10.74 -34.64 -12.59
N ASN B 414 -11.83 -34.29 -11.93
CA ASN B 414 -13.09 -34.98 -12.14
C ASN B 414 -13.81 -34.48 -13.38
N GLY B 415 -13.23 -33.57 -14.14
CA GLY B 415 -13.77 -33.06 -15.38
C GLY B 415 -14.56 -31.76 -15.22
N GLY B 416 -14.88 -31.37 -13.98
CA GLY B 416 -15.60 -30.10 -13.80
C GLY B 416 -14.59 -28.99 -13.48
N TRP B 417 -15.14 -27.79 -13.24
CA TRP B 417 -14.36 -26.65 -12.80
C TRP B 417 -14.95 -26.11 -11.49
N GLY B 418 -14.04 -25.73 -10.59
CA GLY B 418 -14.40 -24.93 -9.41
C GLY B 418 -14.27 -23.46 -9.84
N ALA B 419 -14.47 -22.52 -8.91
CA ALA B 419 -14.45 -21.12 -9.28
C ALA B 419 -13.05 -20.51 -9.39
N TYR B 420 -12.13 -20.84 -8.47
CA TYR B 420 -10.83 -20.23 -8.48
C TYR B 420 -9.63 -21.17 -8.59
N ASP B 421 -9.79 -22.43 -8.22
CA ASP B 421 -8.68 -23.36 -8.17
C ASP B 421 -8.98 -24.73 -8.78
N VAL B 422 -7.89 -25.42 -9.02
CA VAL B 422 -7.88 -26.78 -9.52
C VAL B 422 -7.89 -27.74 -8.31
N ASP B 423 -8.78 -28.72 -8.37
CA ASP B 423 -8.80 -29.78 -7.35
C ASP B 423 -8.75 -29.27 -5.92
N ASN B 424 -9.58 -28.26 -5.60
CA ASN B 424 -9.61 -27.77 -4.21
C ASN B 424 -10.70 -28.60 -3.53
N THR B 425 -10.41 -29.89 -3.30
CA THR B 425 -11.39 -30.89 -2.89
C THR B 425 -11.01 -31.60 -1.60
N SER B 426 -10.02 -31.09 -0.87
CA SER B 426 -9.65 -31.68 0.40
C SER B 426 -10.86 -31.76 1.33
N ASP B 427 -10.94 -32.88 2.06
CA ASP B 427 -12.03 -33.00 3.02
C ASP B 427 -11.58 -32.49 4.39
N LEU B 428 -10.31 -32.27 4.67
CA LEU B 428 -9.89 -31.81 5.98
C LEU B 428 -10.40 -30.48 6.52
N PRO B 429 -10.37 -29.41 5.72
CA PRO B 429 -10.88 -28.11 6.16
C PRO B 429 -12.29 -28.16 6.70
N ASN B 430 -13.15 -29.05 6.26
CA ASN B 430 -14.51 -29.21 6.71
C ASN B 430 -14.64 -29.72 8.14
N HIS B 431 -13.59 -30.17 8.80
CA HIS B 431 -13.73 -30.72 10.14
C HIS B 431 -13.14 -29.88 11.26
N ILE B 432 -12.50 -28.76 10.95
CA ILE B 432 -11.91 -27.91 11.98
C ILE B 432 -13.06 -27.09 12.58
N PRO B 433 -12.96 -26.79 13.87
CA PRO B 433 -14.04 -26.15 14.62
C PRO B 433 -14.45 -24.80 14.06
N PHE B 434 -13.45 -24.16 13.47
CA PHE B 434 -13.58 -22.88 12.82
C PHE B 434 -14.55 -22.90 11.66
N SER B 435 -14.67 -24.00 10.93
CA SER B 435 -15.49 -24.02 9.73
C SER B 435 -16.94 -24.34 9.96
N ASP B 436 -17.66 -23.64 10.81
CA ASP B 436 -19.08 -23.96 11.06
C ASP B 436 -19.98 -23.12 10.16
N PHE B 437 -19.41 -22.27 9.31
CA PHE B 437 -20.24 -21.39 8.49
C PHE B 437 -19.75 -21.35 7.05
N GLY B 438 -20.65 -21.48 6.06
CA GLY B 438 -20.19 -21.34 4.68
C GLY B 438 -19.37 -22.53 4.20
N GLU B 439 -18.75 -22.42 3.02
CA GLU B 439 -17.91 -23.44 2.43
C GLU B 439 -16.46 -23.02 2.64
N VAL B 440 -15.61 -23.97 2.93
CA VAL B 440 -14.20 -23.58 3.25
C VAL B 440 -13.33 -24.08 2.14
N THR B 441 -13.89 -24.85 1.21
CA THR B 441 -13.15 -25.35 0.05
C THR B 441 -13.94 -24.97 -1.20
N ASP B 442 -13.31 -25.12 -2.35
CA ASP B 442 -13.88 -24.76 -3.65
C ASP B 442 -13.79 -25.90 -4.65
N PRO B 443 -14.53 -26.99 -4.45
CA PRO B 443 -14.54 -28.09 -5.38
C PRO B 443 -15.32 -27.71 -6.62
N PRO B 444 -15.08 -28.44 -7.71
CA PRO B 444 -15.83 -28.25 -8.93
C PRO B 444 -17.32 -28.29 -8.69
N SER B 445 -18.09 -27.49 -9.44
CA SER B 445 -19.53 -27.51 -9.33
C SER B 445 -20.15 -27.53 -10.74
N GLU B 446 -21.42 -27.91 -10.81
CA GLU B 446 -22.14 -28.04 -12.05
C GLU B 446 -22.34 -26.74 -12.81
N ASP B 447 -22.76 -25.67 -12.10
CA ASP B 447 -23.01 -24.42 -12.81
C ASP B 447 -21.76 -23.83 -13.43
N VAL B 448 -20.63 -23.84 -12.72
CA VAL B 448 -19.39 -23.29 -13.25
C VAL B 448 -18.98 -24.11 -14.50
N THR B 449 -19.00 -25.43 -14.37
CA THR B 449 -18.72 -26.30 -15.49
C THR B 449 -19.63 -26.04 -16.68
N ALA B 450 -20.92 -25.89 -16.47
CA ALA B 450 -21.87 -25.55 -17.52
C ALA B 450 -21.51 -24.23 -18.18
N HIS B 451 -21.12 -23.20 -17.41
CA HIS B 451 -20.76 -21.91 -18.02
C HIS B 451 -19.50 -22.01 -18.88
N VAL B 452 -18.54 -22.80 -18.46
CA VAL B 452 -17.35 -23.06 -19.26
C VAL B 452 -17.75 -23.71 -20.58
N LEU B 453 -18.64 -24.72 -20.51
CA LEU B 453 -19.07 -25.42 -21.71
C LEU B 453 -19.83 -24.49 -22.65
N GLU B 454 -20.64 -23.58 -22.14
CA GLU B 454 -21.35 -22.63 -23.02
C GLU B 454 -20.33 -21.77 -23.75
N CYS B 455 -19.31 -21.31 -23.02
CA CYS B 455 -18.23 -20.53 -23.62
C CYS B 455 -17.54 -21.36 -24.71
N PHE B 456 -17.11 -22.58 -24.35
CA PHE B 456 -16.43 -23.42 -25.35
C PHE B 456 -17.30 -23.76 -26.55
N GLY B 457 -18.58 -24.03 -26.32
CA GLY B 457 -19.54 -24.30 -27.38
C GLY B 457 -19.76 -23.15 -28.34
N SER B 458 -19.54 -21.91 -27.89
CA SER B 458 -19.69 -20.74 -28.77
C SER B 458 -18.58 -20.72 -29.81
N PHE B 459 -17.53 -21.50 -29.69
CA PHE B 459 -16.45 -21.58 -30.67
C PHE B 459 -16.65 -22.79 -31.58
N GLY B 460 -17.77 -23.52 -31.40
CA GLY B 460 -18.03 -24.71 -32.20
C GLY B 460 -17.43 -25.97 -31.66
N TYR B 461 -16.77 -26.03 -30.51
CA TYR B 461 -16.19 -27.32 -30.08
C TYR B 461 -17.26 -28.21 -29.49
N ASP B 462 -17.04 -29.51 -29.49
CA ASP B 462 -18.07 -30.43 -28.98
C ASP B 462 -17.37 -31.53 -28.18
N ASP B 463 -18.08 -32.62 -27.92
CA ASP B 463 -17.52 -33.67 -27.09
C ASP B 463 -16.55 -34.60 -27.76
N ALA B 464 -16.12 -34.31 -28.99
CA ALA B 464 -15.02 -35.03 -29.62
C ALA B 464 -13.73 -34.57 -28.89
N TRP B 465 -13.75 -33.35 -28.38
CA TRP B 465 -12.64 -32.85 -27.54
C TRP B 465 -12.78 -33.47 -26.15
N LYS B 466 -11.79 -34.18 -25.66
CA LYS B 466 -11.80 -34.85 -24.39
C LYS B 466 -12.02 -33.93 -23.18
N VAL B 467 -11.61 -32.68 -23.22
CA VAL B 467 -11.91 -31.71 -22.20
C VAL B 467 -13.43 -31.59 -22.02
N ILE B 468 -14.16 -31.46 -23.13
CA ILE B 468 -15.63 -31.34 -23.05
C ILE B 468 -16.25 -32.68 -22.69
N ARG B 469 -15.75 -33.78 -23.28
CA ARG B 469 -16.31 -35.09 -22.91
C ARG B 469 -16.20 -35.34 -21.41
N ARG B 470 -15.06 -35.08 -20.77
CA ARG B 470 -14.89 -35.29 -19.34
C ARG B 470 -15.84 -34.37 -18.54
N ALA B 471 -16.08 -33.17 -19.04
CA ALA B 471 -17.01 -32.23 -18.39
C ALA B 471 -18.44 -32.73 -18.47
N VAL B 472 -18.83 -33.23 -19.66
CA VAL B 472 -20.19 -33.77 -19.83
C VAL B 472 -20.37 -34.98 -18.94
N GLU B 473 -19.36 -35.86 -18.83
CA GLU B 473 -19.45 -37.03 -17.98
C GLU B 473 -19.59 -36.61 -16.51
N TYR B 474 -18.83 -35.57 -16.14
CA TYR B 474 -19.00 -35.02 -14.78
C TYR B 474 -20.43 -34.54 -14.56
N LEU B 475 -21.02 -33.75 -15.47
CA LEU B 475 -22.40 -33.30 -15.31
C LEU B 475 -23.39 -34.47 -15.23
N LYS B 476 -23.20 -35.49 -16.07
CA LYS B 476 -24.07 -36.66 -16.05
C LYS B 476 -23.97 -37.37 -14.71
N ARG B 477 -22.81 -37.49 -14.08
CA ARG B 477 -22.70 -38.13 -12.79
C ARG B 477 -23.37 -37.27 -11.71
N GLU B 478 -23.39 -35.96 -11.85
CA GLU B 478 -23.98 -35.10 -10.84
C GLU B 478 -25.47 -34.88 -10.96
N GLN B 479 -26.07 -35.25 -12.08
CA GLN B 479 -27.52 -35.03 -12.22
C GLN B 479 -28.26 -35.71 -11.08
N LYS B 480 -29.27 -35.02 -10.52
CA LYS B 480 -29.99 -35.60 -9.38
C LYS B 480 -30.99 -36.62 -9.85
N PRO B 481 -31.50 -37.43 -8.93
CA PRO B 481 -32.52 -38.43 -9.22
C PRO B 481 -33.77 -37.87 -9.86
N ASP B 482 -34.19 -36.63 -9.58
CA ASP B 482 -35.39 -36.08 -10.22
C ASP B 482 -35.07 -35.48 -11.59
N GLY B 483 -33.82 -35.50 -12.05
CA GLY B 483 -33.51 -34.95 -13.36
C GLY B 483 -32.88 -33.56 -13.29
N SER B 484 -32.90 -32.91 -12.13
CA SER B 484 -32.34 -31.55 -12.04
C SER B 484 -30.85 -31.51 -11.75
N TRP B 485 -30.27 -30.30 -11.83
CA TRP B 485 -28.90 -30.12 -11.40
C TRP B 485 -28.86 -28.99 -10.34
N PHE B 486 -28.05 -29.18 -9.32
CA PHE B 486 -27.89 -28.24 -8.21
C PHE B 486 -27.32 -26.91 -8.66
N GLY B 487 -27.65 -25.83 -7.94
CA GLY B 487 -27.12 -24.50 -8.25
C GLY B 487 -26.12 -24.07 -7.19
N ARG B 488 -24.81 -24.19 -7.41
CA ARG B 488 -23.86 -23.78 -6.39
C ARG B 488 -23.78 -22.27 -6.18
N TRP B 489 -23.87 -21.47 -7.25
CA TRP B 489 -23.74 -20.03 -7.11
C TRP B 489 -24.99 -19.25 -7.48
N GLY B 490 -26.04 -19.91 -7.91
CA GLY B 490 -27.31 -19.31 -8.28
C GLY B 490 -28.44 -20.16 -7.69
N VAL B 491 -29.61 -19.52 -7.48
CA VAL B 491 -30.66 -20.14 -6.71
C VAL B 491 -31.60 -20.97 -7.59
N ASN B 492 -31.81 -22.27 -7.64
CA ASN B 492 -31.00 -23.34 -7.14
C ASN B 492 -31.03 -24.44 -8.19
N TYR B 493 -32.03 -25.32 -8.10
CA TYR B 493 -32.14 -26.36 -9.13
C TYR B 493 -32.58 -25.72 -10.44
N LEU B 494 -33.35 -24.62 -10.42
CA LEU B 494 -33.69 -23.94 -11.66
C LEU B 494 -32.44 -23.39 -12.32
N TYR B 495 -31.57 -22.78 -11.52
CA TYR B 495 -30.32 -22.20 -12.03
C TYR B 495 -29.40 -23.28 -12.57
N GLY B 496 -29.11 -24.30 -11.75
CA GLY B 496 -28.20 -25.34 -12.26
C GLY B 496 -28.81 -26.06 -13.47
N THR B 497 -30.11 -26.39 -13.43
CA THR B 497 -30.72 -27.10 -14.56
C THR B 497 -30.71 -26.24 -15.81
N GLY B 498 -31.03 -24.95 -15.67
CA GLY B 498 -31.01 -24.05 -16.81
C GLY B 498 -29.60 -23.91 -17.38
N ALA B 499 -28.59 -23.76 -16.51
CA ALA B 499 -27.21 -23.65 -17.02
C ALA B 499 -26.77 -24.94 -17.70
N VAL B 500 -27.06 -26.09 -17.06
CA VAL B 500 -26.58 -27.35 -17.62
C VAL B 500 -27.25 -27.68 -18.95
N VAL B 501 -28.57 -27.55 -19.07
CA VAL B 501 -29.21 -27.85 -20.38
C VAL B 501 -28.69 -26.94 -21.46
N SER B 502 -28.54 -25.62 -21.20
CA SER B 502 -27.97 -24.72 -22.19
C SER B 502 -26.58 -25.15 -22.60
N ALA B 503 -25.77 -25.54 -21.62
CA ALA B 503 -24.40 -25.99 -21.88
C ALA B 503 -24.36 -27.22 -22.77
N LEU B 504 -25.19 -28.23 -22.43
CA LEU B 504 -25.20 -29.47 -23.24
C LEU B 504 -25.61 -29.20 -24.68
N LYS B 505 -26.63 -28.37 -24.87
CA LYS B 505 -27.05 -27.97 -26.20
C LYS B 505 -25.89 -27.26 -26.92
N ALA B 506 -25.23 -26.33 -26.24
CA ALA B 506 -24.15 -25.57 -26.82
C ALA B 506 -22.96 -26.41 -27.25
N VAL B 507 -22.67 -27.55 -26.63
CA VAL B 507 -21.53 -28.35 -27.12
C VAL B 507 -21.99 -29.53 -27.95
N GLY B 508 -23.16 -29.45 -28.59
CA GLY B 508 -23.64 -30.47 -29.52
C GLY B 508 -24.21 -31.75 -28.96
N ILE B 509 -24.61 -31.79 -27.69
CA ILE B 509 -25.25 -33.01 -27.16
C ILE B 509 -26.67 -33.06 -27.72
N ASP B 510 -27.11 -34.25 -28.09
CA ASP B 510 -28.48 -34.40 -28.61
C ASP B 510 -29.43 -34.22 -27.43
N THR B 511 -30.24 -33.17 -27.44
CA THR B 511 -31.17 -32.95 -26.32
C THR B 511 -32.35 -33.90 -26.28
N ARG B 512 -32.50 -34.78 -27.26
CA ARG B 512 -33.55 -35.80 -27.23
C ARG B 512 -33.11 -36.94 -26.33
N GLU B 513 -31.86 -37.03 -25.87
CA GLU B 513 -31.53 -38.12 -24.95
C GLU B 513 -32.41 -38.07 -23.72
N PRO B 514 -32.74 -39.24 -23.17
CA PRO B 514 -33.61 -39.35 -22.01
C PRO B 514 -33.20 -38.49 -20.83
N TYR B 515 -31.93 -38.45 -20.42
CA TYR B 515 -31.55 -37.65 -19.27
C TYR B 515 -31.83 -36.17 -19.45
N ILE B 516 -31.69 -35.61 -20.64
CA ILE B 516 -32.02 -34.20 -20.85
C ILE B 516 -33.53 -33.99 -20.90
N GLN B 517 -34.24 -34.94 -21.54
CA GLN B 517 -35.71 -34.85 -21.59
C GLN B 517 -36.26 -34.87 -20.17
N LYS B 518 -35.66 -35.69 -19.30
CA LYS B 518 -36.05 -35.73 -17.89
C LYS B 518 -35.84 -34.38 -17.21
N ALA B 519 -34.69 -33.71 -17.46
CA ALA B 519 -34.51 -32.37 -16.90
C ALA B 519 -35.54 -31.38 -17.44
N LEU B 520 -35.91 -31.45 -18.72
CA LEU B 520 -36.86 -30.53 -19.30
C LEU B 520 -38.26 -30.78 -18.69
N ASP B 521 -38.58 -32.05 -18.41
CA ASP B 521 -39.86 -32.34 -17.78
C ASP B 521 -39.90 -31.81 -16.35
N TRP B 522 -38.74 -31.96 -15.68
CA TRP B 522 -38.61 -31.41 -14.32
C TRP B 522 -38.86 -29.91 -14.36
N VAL B 523 -38.31 -29.18 -15.32
CA VAL B 523 -38.58 -27.76 -15.45
C VAL B 523 -40.06 -27.52 -15.67
N GLU B 524 -40.69 -28.17 -16.66
CA GLU B 524 -42.12 -27.94 -16.87
C GLU B 524 -42.97 -28.25 -15.64
N GLN B 525 -42.65 -29.31 -14.90
CA GLN B 525 -43.42 -29.65 -13.71
C GLN B 525 -43.26 -28.63 -12.60
N HIS B 526 -42.27 -27.73 -12.62
CA HIS B 526 -42.16 -26.74 -11.55
C HIS B 526 -42.68 -25.37 -11.92
N GLN B 527 -43.27 -25.19 -13.10
CA GLN B 527 -43.79 -23.88 -13.48
C GLN B 527 -44.90 -23.47 -12.52
N ASN B 528 -44.99 -22.19 -12.18
CA ASN B 528 -46.03 -21.76 -11.25
C ASN B 528 -47.31 -21.46 -12.05
N PRO B 529 -48.41 -21.33 -11.32
CA PRO B 529 -49.70 -20.96 -11.92
C PRO B 529 -49.65 -19.64 -12.67
N ASP B 530 -48.83 -18.67 -12.24
CA ASP B 530 -48.78 -17.39 -12.95
C ASP B 530 -47.99 -17.51 -14.25
N GLY B 531 -47.36 -18.65 -14.55
CA GLY B 531 -46.60 -18.78 -15.79
C GLY B 531 -45.08 -18.60 -15.59
N GLY B 532 -44.72 -17.99 -14.45
CA GLY B 532 -43.28 -17.79 -14.18
C GLY B 532 -42.75 -19.02 -13.43
N TRP B 533 -41.45 -18.96 -13.14
CA TRP B 533 -40.84 -19.97 -12.27
C TRP B 533 -40.18 -19.20 -11.12
N GLY B 534 -40.07 -19.87 -9.97
CA GLY B 534 -39.38 -19.27 -8.85
C GLY B 534 -38.83 -20.38 -7.98
N GLU B 535 -37.86 -20.00 -7.13
CA GLU B 535 -37.26 -20.99 -6.24
C GLU B 535 -36.73 -20.26 -5.02
N ASP B 536 -37.28 -20.56 -3.87
CA ASP B 536 -36.89 -19.86 -2.64
C ASP B 536 -35.52 -20.32 -2.16
N CYS B 537 -34.78 -19.51 -1.38
CA CYS B 537 -33.52 -19.94 -0.82
C CYS B 537 -33.73 -21.06 0.19
N ARG B 538 -34.92 -21.33 0.72
CA ARG B 538 -35.18 -22.51 1.54
C ARG B 538 -34.87 -23.81 0.82
N SER B 539 -34.84 -23.79 -0.52
CA SER B 539 -34.44 -24.90 -1.36
C SER B 539 -33.16 -25.61 -0.94
N TYR B 540 -32.14 -24.91 -0.43
CA TYR B 540 -30.87 -25.52 -0.05
C TYR B 540 -30.99 -26.41 1.18
N GLU B 541 -31.91 -26.18 2.09
CA GLU B 541 -32.00 -27.04 3.26
C GLU B 541 -33.29 -27.88 3.26
N ASP B 542 -34.18 -27.70 2.31
CA ASP B 542 -35.45 -28.43 2.40
C ASP B 542 -35.84 -28.93 1.02
N PRO B 543 -35.89 -30.26 0.85
CA PRO B 543 -36.28 -30.88 -0.41
C PRO B 543 -37.64 -30.46 -0.89
N ALA B 544 -38.58 -30.09 -0.03
CA ALA B 544 -39.90 -29.65 -0.50
C ALA B 544 -39.85 -28.33 -1.25
N TYR B 545 -38.76 -27.58 -1.15
CA TYR B 545 -38.61 -26.32 -1.87
C TYR B 545 -37.80 -26.44 -3.16
N ALA B 546 -37.44 -27.66 -3.56
CA ALA B 546 -36.68 -27.84 -4.80
C ALA B 546 -37.49 -27.28 -5.96
N GLY B 547 -36.95 -26.31 -6.70
CA GLY B 547 -37.62 -25.63 -7.79
C GLY B 547 -38.91 -24.93 -7.39
N LYS B 548 -39.08 -24.51 -6.14
CA LYS B 548 -40.32 -23.94 -5.69
C LYS B 548 -40.14 -22.61 -4.94
N GLY B 549 -40.94 -21.61 -5.30
CA GLY B 549 -40.91 -20.32 -4.62
C GLY B 549 -41.75 -19.32 -5.44
N ALA B 550 -41.90 -18.10 -4.94
CA ALA B 550 -42.57 -17.06 -5.72
C ALA B 550 -41.82 -16.88 -7.02
N SER B 551 -42.57 -16.67 -8.12
CA SER B 551 -41.92 -16.44 -9.40
C SER B 551 -41.04 -15.21 -9.37
N THR B 552 -39.91 -15.25 -10.06
CA THR B 552 -39.02 -14.11 -10.21
C THR B 552 -38.66 -14.01 -11.68
N PRO B 553 -38.30 -12.83 -12.16
CA PRO B 553 -37.89 -12.68 -13.55
C PRO B 553 -36.64 -13.46 -13.89
N SER B 554 -35.62 -13.47 -13.02
CA SER B 554 -34.39 -14.20 -13.35
C SER B 554 -34.59 -15.71 -13.37
N GLN B 555 -35.32 -16.30 -12.42
CA GLN B 555 -35.54 -17.75 -12.42
C GLN B 555 -36.48 -18.18 -13.56
N THR B 556 -37.44 -17.33 -13.92
CA THR B 556 -38.27 -17.62 -15.08
C THR B 556 -37.38 -17.65 -16.32
N ALA B 557 -36.48 -16.67 -16.43
CA ALA B 557 -35.52 -16.65 -17.52
C ALA B 557 -34.68 -17.91 -17.57
N TRP B 558 -34.21 -18.39 -16.40
CA TRP B 558 -33.41 -19.63 -16.41
C TRP B 558 -34.20 -20.83 -16.90
N ALA B 559 -35.42 -20.97 -16.42
CA ALA B 559 -36.27 -22.08 -16.84
C ALA B 559 -36.56 -22.00 -18.35
N LEU B 560 -36.88 -20.81 -18.83
CA LEU B 560 -37.13 -20.57 -20.25
C LEU B 560 -35.92 -20.99 -21.09
N MET B 561 -34.72 -20.60 -20.62
CA MET B 561 -33.50 -20.96 -21.35
C MET B 561 -33.30 -22.45 -21.40
N ALA B 562 -33.63 -23.14 -20.32
CA ALA B 562 -33.55 -24.60 -20.34
C ALA B 562 -34.51 -25.13 -21.42
N LEU B 563 -35.75 -24.65 -21.42
CA LEU B 563 -36.73 -25.13 -22.41
C LEU B 563 -36.35 -24.81 -23.86
N ILE B 564 -35.86 -23.59 -24.11
CA ILE B 564 -35.44 -23.19 -25.45
C ILE B 564 -34.27 -24.04 -25.92
N ALA B 565 -33.26 -24.21 -25.07
CA ALA B 565 -32.09 -25.01 -25.41
C ALA B 565 -32.48 -26.46 -25.70
N GLY B 566 -33.49 -26.98 -24.98
CA GLY B 566 -33.96 -28.33 -25.15
C GLY B 566 -34.94 -28.54 -26.30
N GLY B 567 -35.17 -27.55 -27.15
CA GLY B 567 -36.06 -27.67 -28.30
C GLY B 567 -37.54 -27.49 -27.98
N ARG B 568 -37.84 -26.90 -26.80
CA ARG B 568 -39.23 -26.67 -26.42
C ARG B 568 -39.62 -25.21 -26.40
N ALA B 569 -39.06 -24.37 -27.28
CA ALA B 569 -39.48 -22.98 -27.36
C ALA B 569 -40.96 -22.89 -27.70
N GLU B 570 -41.49 -23.84 -28.48
CA GLU B 570 -42.89 -23.82 -28.86
C GLU B 570 -43.86 -24.39 -27.84
N SER B 571 -43.35 -25.03 -26.80
CA SER B 571 -44.21 -25.65 -25.80
C SER B 571 -45.10 -24.61 -25.15
N GLU B 572 -46.24 -25.04 -24.60
CA GLU B 572 -47.13 -24.17 -23.86
C GLU B 572 -46.41 -23.60 -22.63
N ALA B 573 -45.56 -24.40 -22.00
CA ALA B 573 -44.80 -23.93 -20.83
C ALA B 573 -43.96 -22.72 -21.20
N ALA B 574 -43.17 -22.81 -22.27
CA ALA B 574 -42.39 -21.66 -22.71
C ALA B 574 -43.27 -20.47 -23.07
N ARG B 575 -44.33 -20.68 -23.87
CA ARG B 575 -45.28 -19.64 -24.21
C ARG B 575 -45.79 -18.95 -22.94
N ARG B 576 -46.15 -19.71 -21.90
CA ARG B 576 -46.64 -19.05 -20.69
C ARG B 576 -45.53 -18.29 -19.96
N GLY B 577 -44.30 -18.79 -20.01
CA GLY B 577 -43.19 -18.11 -19.34
C GLY B 577 -42.87 -16.78 -20.00
N VAL B 578 -42.87 -16.77 -21.33
CA VAL B 578 -42.65 -15.51 -22.06
C VAL B 578 -43.78 -14.58 -21.70
N GLN B 579 -45.03 -15.08 -21.67
CA GLN B 579 -46.14 -14.19 -21.35
C GLN B 579 -45.99 -13.62 -19.96
N TYR B 580 -45.55 -14.42 -18.98
CA TYR B 580 -45.36 -13.91 -17.62
C TYR B 580 -44.33 -12.79 -17.66
N LEU B 581 -43.25 -12.89 -18.43
CA LEU B 581 -42.27 -11.81 -18.50
C LEU B 581 -42.87 -10.56 -19.14
N VAL B 582 -43.69 -10.74 -20.17
CA VAL B 582 -44.35 -9.63 -20.84
C VAL B 582 -45.23 -8.90 -19.84
N GLU B 583 -46.06 -9.66 -19.12
CA GLU B 583 -47.02 -9.05 -18.20
C GLU B 583 -46.40 -8.43 -16.97
N THR B 584 -45.24 -8.94 -16.49
CA THR B 584 -44.68 -8.33 -15.27
C THR B 584 -43.66 -7.23 -15.53
N GLN B 585 -43.28 -7.02 -16.79
CA GLN B 585 -42.30 -5.97 -17.09
C GLN B 585 -42.78 -4.61 -16.60
N ARG B 586 -41.89 -3.82 -16.01
CA ARG B 586 -42.26 -2.49 -15.54
C ARG B 586 -42.41 -1.54 -16.73
N PRO B 587 -43.05 -0.40 -16.52
CA PRO B 587 -43.12 0.65 -17.53
C PRO B 587 -41.74 1.06 -18.01
N ASP B 588 -40.69 1.14 -17.18
CA ASP B 588 -39.37 1.51 -17.69
C ASP B 588 -38.67 0.42 -18.47
N GLY B 589 -39.19 -0.80 -18.57
CA GLY B 589 -38.54 -1.83 -19.39
C GLY B 589 -37.76 -2.84 -18.54
N GLY B 590 -37.62 -2.56 -17.25
CA GLY B 590 -36.92 -3.52 -16.37
C GLY B 590 -37.94 -4.37 -15.62
N TRP B 591 -37.48 -5.22 -14.70
CA TRP B 591 -38.38 -6.02 -13.90
C TRP B 591 -38.03 -5.86 -12.41
N ASP B 592 -39.05 -6.01 -11.54
CA ASP B 592 -38.74 -5.99 -10.11
C ASP B 592 -38.34 -7.42 -9.69
N GLU B 593 -37.64 -7.53 -8.58
CA GLU B 593 -37.28 -8.87 -8.08
C GLU B 593 -36.92 -8.74 -6.61
N PRO B 594 -37.90 -8.84 -5.70
CA PRO B 594 -37.66 -8.69 -4.29
C PRO B 594 -37.11 -9.92 -3.59
N TYR B 595 -36.78 -11.00 -4.29
CA TYR B 595 -36.21 -12.22 -3.75
C TYR B 595 -34.79 -12.40 -4.27
N TYR B 596 -33.93 -13.00 -3.46
CA TYR B 596 -32.57 -13.23 -3.93
C TYR B 596 -32.54 -14.45 -4.84
N THR B 597 -31.72 -14.36 -5.87
CA THR B 597 -31.60 -15.52 -6.76
C THR B 597 -30.11 -15.89 -6.91
N GLY B 598 -29.27 -15.29 -6.06
CA GLY B 598 -27.84 -15.64 -6.07
C GLY B 598 -27.45 -16.40 -4.82
N THR B 599 -26.39 -17.21 -4.91
CA THR B 599 -25.95 -17.96 -3.72
C THR B 599 -24.46 -17.73 -3.46
N GLY B 600 -24.12 -17.36 -2.22
CA GLY B 600 -22.70 -17.19 -1.88
C GLY B 600 -22.20 -18.50 -1.29
N PHE B 601 -22.94 -19.07 -0.31
CA PHE B 601 -22.66 -20.35 0.29
C PHE B 601 -23.98 -21.09 0.57
N PRO B 602 -24.17 -22.23 -0.05
CA PRO B 602 -25.42 -22.98 0.12
C PRO B 602 -25.78 -23.10 1.59
N GLY B 603 -27.01 -22.78 1.96
CA GLY B 603 -27.47 -22.82 3.32
C GLY B 603 -27.15 -21.61 4.17
N ASP B 604 -26.05 -20.88 3.97
CA ASP B 604 -25.57 -19.87 4.89
C ASP B 604 -25.44 -18.45 4.39
N PHE B 605 -25.31 -18.25 3.08
CA PHE B 605 -25.06 -16.89 2.59
C PHE B 605 -25.61 -16.70 1.20
N TYR B 606 -26.58 -15.79 1.10
CA TYR B 606 -27.30 -15.56 -0.14
C TYR B 606 -27.09 -14.16 -0.66
N LEU B 607 -27.27 -14.03 -1.97
CA LEU B 607 -26.98 -12.79 -2.69
C LEU B 607 -28.06 -12.34 -3.65
N GLY B 608 -28.26 -11.02 -3.68
CA GLY B 608 -29.23 -10.43 -4.63
C GLY B 608 -28.39 -9.66 -5.66
N TYR B 609 -28.22 -10.27 -6.83
CA TYR B 609 -27.47 -9.64 -7.92
C TYR B 609 -28.49 -8.71 -8.61
N THR B 610 -28.44 -7.42 -8.31
CA THR B 610 -29.51 -6.53 -8.75
C THR B 610 -29.65 -6.40 -10.25
N MET B 611 -28.72 -6.78 -11.09
CA MET B 611 -28.89 -6.70 -12.54
C MET B 611 -29.60 -7.96 -13.07
N TYR B 612 -29.61 -9.07 -12.31
CA TYR B 612 -30.21 -10.30 -12.85
C TYR B 612 -31.64 -10.15 -13.34
N ARG B 613 -32.43 -9.37 -12.61
CA ARG B 613 -33.83 -9.14 -12.95
C ARG B 613 -34.01 -8.49 -14.32
N HIS B 614 -33.00 -7.83 -14.86
CA HIS B 614 -33.11 -7.16 -16.15
C HIS B 614 -32.34 -7.94 -17.20
N VAL B 615 -31.12 -8.38 -16.84
CA VAL B 615 -30.29 -9.02 -17.84
C VAL B 615 -30.75 -10.41 -18.24
N PHE B 616 -31.29 -11.19 -17.29
CA PHE B 616 -31.68 -12.55 -17.62
C PHE B 616 -32.94 -12.58 -18.46
N PRO B 617 -33.97 -11.82 -18.17
CA PRO B 617 -35.16 -11.73 -19.02
C PRO B 617 -34.78 -11.26 -20.43
N THR B 618 -33.92 -10.26 -20.54
CA THR B 618 -33.47 -9.80 -21.85
C THR B 618 -32.79 -10.94 -22.60
N LEU B 619 -31.87 -11.66 -21.94
CA LEU B 619 -31.20 -12.80 -22.57
C LEU B 619 -32.19 -13.88 -23.02
N ALA B 620 -33.07 -14.28 -22.12
CA ALA B 620 -34.04 -15.34 -22.41
C ALA B 620 -34.99 -14.96 -23.54
N LEU B 621 -35.47 -13.72 -23.52
CA LEU B 621 -36.39 -13.25 -24.56
C LEU B 621 -35.65 -13.19 -25.89
N GLY B 622 -34.39 -12.80 -25.93
CA GLY B 622 -33.61 -12.76 -27.16
C GLY B 622 -33.42 -14.17 -27.68
N ARG B 623 -33.13 -15.15 -26.80
CA ARG B 623 -32.98 -16.53 -27.25
C ARG B 623 -34.31 -17.06 -27.78
N TYR B 624 -35.37 -16.66 -27.10
CA TYR B 624 -36.72 -17.06 -27.48
C TYR B 624 -37.03 -16.54 -28.88
N LYS B 625 -36.82 -15.25 -29.10
CA LYS B 625 -37.04 -14.64 -30.41
C LYS B 625 -36.26 -15.38 -31.49
N GLN B 626 -34.99 -15.66 -31.26
CA GLN B 626 -34.18 -16.36 -32.25
C GLN B 626 -34.72 -17.75 -32.53
N ALA B 627 -35.18 -18.47 -31.51
CA ALA B 627 -35.67 -19.82 -31.73
C ALA B 627 -36.98 -19.79 -32.51
N ILE B 628 -37.83 -18.82 -32.22
CA ILE B 628 -39.11 -18.65 -32.88
C ILE B 628 -38.93 -18.19 -34.31
N GLU B 629 -37.97 -17.31 -34.57
CA GLU B 629 -37.70 -16.86 -35.93
C GLU B 629 -37.12 -17.97 -36.79
N ARG B 630 -36.33 -18.87 -36.23
CA ARG B 630 -35.72 -19.96 -36.96
C ARG B 630 -36.70 -21.14 -36.99
C1 C8E C . 22.09 10.05 -3.28
C2 C8E C . 21.49 11.37 -3.55
C3 C8E C . 20.17 11.45 -2.92
C4 C8E C . 20.44 12.00 -1.61
C5 C8E C . 19.66 11.23 -0.61
C6 C8E C . 20.64 10.76 0.35
C7 C8E C . 19.91 10.92 1.58
C8 C8E C . 20.85 11.03 2.75
O9 C8E C . 20.27 11.82 3.83
C10 C8E C . 20.40 13.23 3.62
C11 C8E C . 19.17 14.05 3.89
O12 C8E C . 18.32 13.60 4.96
C13 C8E C . 18.64 14.06 6.32
C14 C8E C . 18.68 12.97 7.42
O15 C8E C . 19.32 12.79 8.71
C16 C8E C . 18.88 13.64 9.77
C17 C8E C . 18.35 15.05 9.69
O18 C8E C . 18.90 16.15 10.46
C19 C8E C . 19.95 16.84 9.72
C20 C8E C . 21.36 17.17 10.29
O21 C8E C . 21.87 16.56 11.50
C1 C8E D . 18.00 -21.73 1.50
C2 C8E D . 18.58 -20.60 0.76
C3 C8E D . 19.96 -20.30 1.04
C4 C8E D . 19.93 -19.58 2.35
C5 C8E D . 21.29 -19.93 2.85
C6 C8E D . 22.03 -18.74 3.20
C7 C8E D . 23.30 -19.05 2.57
C8 C8E D . 24.28 -17.95 2.75
O9 C8E D . 24.85 -17.19 1.70
C10 C8E D . 24.97 -17.66 0.36
C11 C8E D . 24.49 -16.69 -0.66
O12 C8E D . 24.87 -15.33 -0.35
C13 C8E D . 25.87 -14.71 -1.23
C14 C8E D . 25.68 -13.18 -1.55
O15 C8E D . 25.97 -12.49 -2.81
C16 C8E D . 27.01 -11.52 -2.59
C17 C8E D . 26.73 -10.18 -1.94
O18 C8E D . 26.75 -8.81 -2.30
C19 C8E D . 27.57 -8.47 -3.47
C20 C8E D . 28.26 -7.07 -3.56
O21 C8E D . 27.38 -5.92 -3.63
C1 C8E E . 4.88 -9.22 11.84
C2 C8E E . 4.74 -10.16 12.97
C3 C8E E . 5.16 -9.49 14.22
C4 C8E E . 6.60 -9.68 14.32
C5 C8E E . 7.22 -8.34 14.22
C6 C8E E . 7.92 -8.00 15.45
C7 C8E E . 9.21 -7.55 14.99
C8 C8E E . 9.54 -6.16 15.47
O9 C8E E . 10.42 -5.44 14.54
C10 C8E E . 11.77 -5.79 14.73
C11 C8E E . 12.65 -4.79 14.05
O12 C8E E . 12.50 -4.70 12.62
C13 C8E E . 11.72 -3.52 12.20
C14 C8E E . 11.12 -3.57 10.79
O15 C8E E . 10.28 -2.64 10.07
C16 C8E E . 9.25 -3.46 9.51
C17 C8E E . 7.91 -3.59 10.10
O18 C8E E . 7.28 -4.92 9.87
C19 C8E E . 6.04 -4.76 10.54
C20 C8E E . 5.47 -5.85 11.51
O21 C8E E . 6.13 -5.86 12.77
C1 C8E F . -18.62 -15.00 4.65
C2 C8E F . -19.59 -13.92 4.38
C3 C8E F . -19.04 -12.98 3.42
C4 C8E F . -19.35 -13.48 2.10
C5 C8E F . -18.14 -13.36 1.26
C6 C8E F . -17.85 -14.71 0.81
C7 C8E F . -17.43 -14.49 -0.54
C8 C8E F . -17.68 -15.70 -1.38
O9 C8E F . -18.00 -15.41 -2.77
C10 C8E F . -19.28 -14.79 -2.95
C11 C8E F . -19.25 -13.59 -3.86
O12 C8E F . -18.29 -13.61 -4.93
C13 C8E F . -18.61 -14.40 -6.16
C14 C8E F . -17.36 -14.98 -6.85
O15 C8E F . -17.08 -16.03 -7.82
C16 C8E F . -17.38 -15.72 -9.17
C17 C8E F . -18.35 -14.75 -9.78
O18 C8E F . -19.35 -15.09 -10.78
C19 C8E F . -20.59 -15.53 -10.18
C20 C8E F . -21.33 -16.87 -10.49
O21 C8E F . -20.57 -18.04 -10.88
C1 C8E G . 9.19 -11.45 -6.04
C2 C8E G . 10.21 -11.93 -6.99
C3 C8E G . 9.56 -12.45 -8.20
C4 C8E G . 9.33 -13.86 -7.89
C5 C8E G . 7.88 -14.12 -7.87
C6 C8E G . 7.54 -14.96 -9.02
C7 C8E G . 6.46 -15.73 -8.44
C8 C8E G . 5.47 -16.03 -9.54
O9 C8E G . 4.13 -16.25 -9.06
C10 C8E G . 3.91 -17.57 -8.60
C11 C8E G . 2.49 -17.72 -8.18
O12 C8E G . 2.20 -17.06 -6.92
C13 C8E G . 1.20 -16.00 -7.02
C14 C8E G . 1.20 -14.96 -5.89
O15 C8E G . 0.43 -13.74 -5.77
C16 C8E G . 1.41 -12.86 -5.22
C17 C8E G . 2.06 -11.72 -5.84
O18 C8E G . 3.43 -11.37 -5.47
C19 C8E G . 4.02 -10.78 -6.63
C20 C8E G . 5.20 -11.26 -7.56
O21 C8E G . 6.36 -11.67 -6.83
C1 C8E H . 11.34 -23.19 9.41
C2 C8E H . 10.65 -23.08 10.72
C3 C8E H . 10.22 -24.37 11.25
C4 C8E H . 8.91 -24.62 10.62
C5 C8E H . 8.96 -26.11 10.51
C6 C8E H . 8.31 -26.45 9.25
C7 C8E H . 7.60 -27.67 9.58
C8 C8E H . 6.13 -27.64 9.36
O9 C8E H . 5.20 -27.77 10.44
C10 C8E H . 5.38 -26.95 11.59
C11 C8E H . 4.22 -27.00 12.50
O12 C8E H . 3.07 -26.41 11.84
C13 C8E H . 1.83 -26.89 12.46
C14 C8E H . 0.52 -26.05 12.37
O15 C8E H . -0.60 -26.02 13.31
C16 C8E H . -1.79 -26.61 12.71
C17 C8E H . -2.65 -25.65 11.91
O18 C8E H . -3.99 -25.77 11.41
C19 C8E H . -5.02 -26.01 12.39
C20 C8E H . -6.29 -25.15 12.68
O21 C8E H . -6.84 -24.27 11.68
#